data_5T98
#
_entry.id   5T98
#
_cell.length_a   116.826
_cell.length_b   120.309
_cell.length_c   143.871
_cell.angle_alpha   90.000
_cell.angle_beta   90.000
_cell.angle_gamma   90.000
#
_symmetry.space_group_name_H-M   'P 21 21 21'
#
loop_
_entity.id
_entity.type
_entity.pdbx_description
1 polymer 'Glycoside Hydrolase'
2 non-polymer 1,2-ETHANEDIOL
3 non-polymer 2-AMINO-2-HYDROXYMETHYL-PROPANE-1,3-DIOL
4 water water
#
_entity_poly.entity_id   1
_entity_poly.type   'polypeptide(L)'
_entity_poly.pdbx_seq_one_letter_code
;MGSSHHHHHHSSGLVPRGSHMASVTDGISFNENWRFFKGEIKGAEAISFDDDSWRKLNLPHDWAIEGPFDSKYNARCGGL
PFHGTGWYRKTFIGDAQWKDKIVRIGFDGAMSEAKVWINGVKVGEHPYGYTGFEIDITKYLKIGEENVLAVQLTPRDLSS
RWYPGAGIYRNVWLRVDNKVYIPEHGVYVTTPTVTKSKAVVQIETTVKNATFGNGKFNIRHSIINAQGETVAILNDNVEV
AAGEQGKTLAYINMLNPNIWGQKNPYMYKLKTEIYDGKDLTDTYFTDFGIRKICFTKDGFFLNGEKIRFNGVCLHHDNGP
MGAAVNVRADERKLQIMKEMGVNAIRTSHNPPSPEFLDLCDRMGLVVLDEAFDEWTKAKVDNGYHLYFDEWSKKDLTSLI
MRDRNHPSVIMWSIGNEILEQSDKKKGFTVAKYLADICRELDPTRPSTCGFNYYPAPFDNNMAQQVDIAGMNYKPGKYAE
VQRLYPDLPLYGSETSSCTSSRGVYHLPIEKYEKNGTNQVTSYDLIGPKWAYPPDIEFHFQEMNPRFMGEFIWTGFDYLG
EPTPYGGRDNSTHGYWNDDWPSRSSYFGAVDLCGLPKDRFYLYQSQWTDKPMVHILPHWNWKKGMNIPVYVYTNCYEAEL
FLNGKSLGKRVKGRDLTEIMVSFNHYAPNTFQSKYRLSWDVPFEPGELTVKAYNNLGELKAEKTIRTAGKPAQIKLIPDR
KVITADGKDLSYITVRIEDRDGNLCPEADNLVEFSVEGAGHFRAVGNGNAATTESFIEPKRKAFSGMCMLIVQSDENKQG
KMNITATSKGLKTAKTTINVEL
;
_entity_poly.pdbx_strand_id   A,B
#
loop_
_chem_comp.id
_chem_comp.type
_chem_comp.name
_chem_comp.formula
EDO non-polymer 1,2-ETHANEDIOL 'C2 H6 O2'
TRS non-polymer 2-AMINO-2-HYDROXYMETHYL-PROPANE-1,3-DIOL 'C4 H12 N O3 1'
#
# COMPACT_ATOMS: atom_id res chain seq x y z
N MET A 21 20.26 -48.20 26.42
CA MET A 21 21.01 -47.00 26.89
C MET A 21 20.80 -45.82 25.92
N ALA A 22 21.20 -44.64 26.38
CA ALA A 22 21.28 -43.43 25.54
C ALA A 22 22.33 -43.49 24.40
N SER A 23 23.32 -44.37 24.52
CA SER A 23 24.38 -44.55 23.51
C SER A 23 23.92 -44.89 22.07
N VAL A 24 22.80 -45.60 21.94
CA VAL A 24 22.26 -46.04 20.63
C VAL A 24 21.39 -44.99 19.89
N THR A 25 20.85 -44.02 20.63
CA THR A 25 19.80 -43.11 20.13
C THR A 25 20.34 -41.70 19.73
N ASP A 26 19.99 -41.27 18.51
CA ASP A 26 20.43 -39.98 17.94
C ASP A 26 19.49 -38.84 18.35
N GLY A 27 18.19 -39.06 18.19
CA GLY A 27 17.19 -38.10 18.64
C GLY A 27 15.82 -38.61 18.25
N ILE A 28 14.90 -38.68 19.21
CA ILE A 28 13.55 -39.20 18.97
C ILE A 28 12.52 -38.10 19.02
N SER A 29 11.41 -38.32 18.34
CA SER A 29 10.32 -37.36 18.25
C SER A 29 9.72 -37.07 19.61
N PHE A 30 9.42 -35.79 19.82
CA PHE A 30 8.75 -35.29 21.02
C PHE A 30 7.49 -34.53 20.61
N ASN A 31 6.96 -34.88 19.43
CA ASN A 31 5.77 -34.24 18.85
C ASN A 31 4.46 -34.67 19.45
N GLU A 32 4.42 -35.80 20.13
CA GLU A 32 3.13 -36.37 20.51
C GLU A 32 2.65 -35.77 21.83
N ASN A 33 1.33 -35.66 21.96
CA ASN A 33 0.64 -35.41 23.25
C ASN A 33 0.92 -34.03 23.85
N TRP A 34 0.57 -32.99 23.09
CA TRP A 34 0.65 -31.62 23.57
C TRP A 34 -0.76 -31.07 23.82
N ARG A 35 -0.81 -30.02 24.65
CA ARG A 35 -1.99 -29.19 24.87
C ARG A 35 -1.74 -27.85 24.20
N PHE A 36 -2.75 -27.31 23.50
CA PHE A 36 -2.64 -25.99 22.85
C PHE A 36 -3.79 -25.08 23.30
N PHE A 37 -3.47 -23.80 23.49
CA PHE A 37 -4.45 -22.75 23.71
C PHE A 37 -4.08 -21.51 22.89
N LYS A 38 -4.96 -21.09 21.99
CA LYS A 38 -4.85 -19.81 21.30
C LYS A 38 -5.36 -18.70 22.24
N GLY A 39 -4.47 -17.78 22.63
CA GLY A 39 -4.83 -16.59 23.41
C GLY A 39 -4.00 -16.43 24.67
N GLU A 40 -4.12 -15.27 25.30
CA GLU A 40 -3.39 -14.98 26.53
C GLU A 40 -4.10 -15.61 27.73
N ILE A 41 -3.34 -16.39 28.50
CA ILE A 41 -3.73 -16.82 29.84
C ILE A 41 -2.49 -16.66 30.70
N LYS A 42 -2.60 -15.96 31.82
CA LYS A 42 -1.47 -15.79 32.76
C LYS A 42 -1.22 -17.10 33.52
N GLY A 43 0.06 -17.37 33.83
CA GLY A 43 0.44 -18.53 34.66
C GLY A 43 0.54 -19.87 33.94
N ALA A 44 0.39 -19.87 32.63
CA ALA A 44 0.45 -21.09 31.83
C ALA A 44 1.84 -21.76 31.80
N GLU A 45 2.89 -21.02 32.17
CA GLU A 45 4.23 -21.58 32.31
C GLU A 45 4.41 -22.61 33.42
N ALA A 46 3.54 -22.58 34.43
CA ALA A 46 3.77 -23.29 35.69
C ALA A 46 3.41 -24.76 35.64
N ILE A 47 3.97 -25.51 36.59
CA ILE A 47 3.75 -26.95 36.71
C ILE A 47 2.29 -27.19 37.10
N SER A 48 1.82 -26.43 38.09
CA SER A 48 0.44 -26.55 38.55
C SER A 48 -0.44 -25.52 37.88
N PHE A 49 -0.96 -25.88 36.71
CA PHE A 49 -1.87 -25.05 35.95
C PHE A 49 -2.85 -26.01 35.29
N ASP A 50 -4.14 -25.84 35.52
CA ASP A 50 -5.14 -26.74 34.96
C ASP A 50 -5.25 -26.50 33.46
N ASP A 51 -4.83 -27.48 32.66
CA ASP A 51 -5.01 -27.46 31.19
C ASP A 51 -5.88 -28.60 30.64
N ASP A 52 -6.82 -29.10 31.46
CA ASP A 52 -7.77 -30.16 31.04
C ASP A 52 -8.72 -29.73 29.92
N SER A 53 -9.00 -28.44 29.83
CA SER A 53 -9.87 -27.88 28.80
C SER A 53 -9.13 -27.49 27.51
N TRP A 54 -7.79 -27.45 27.56
CA TRP A 54 -6.97 -27.13 26.38
C TRP A 54 -7.11 -28.24 25.33
N ARG A 55 -7.22 -27.84 24.07
CA ARG A 55 -7.27 -28.73 22.92
C ARG A 55 -6.06 -29.66 22.94
N LYS A 56 -6.26 -30.93 22.58
CA LYS A 56 -5.17 -31.90 22.53
C LYS A 56 -4.76 -32.13 21.07
N LEU A 57 -3.45 -32.14 20.82
CA LEU A 57 -2.93 -32.28 19.46
C LEU A 57 -1.47 -32.72 19.43
N ASN A 58 -1.06 -33.22 18.27
CA ASN A 58 0.32 -33.59 17.98
C ASN A 58 0.94 -32.50 17.10
N LEU A 59 2.22 -32.23 17.35
CA LEU A 59 3.00 -31.33 16.51
C LEU A 59 3.50 -32.13 15.28
N PRO A 60 3.89 -31.47 14.18
CA PRO A 60 3.82 -30.02 14.02
C PRO A 60 2.41 -29.46 13.83
N HIS A 61 2.29 -28.17 14.11
CA HIS A 61 1.00 -27.46 14.20
C HIS A 61 1.15 -26.02 13.71
N ASP A 62 0.28 -25.63 12.77
CA ASP A 62 0.15 -24.25 12.30
C ASP A 62 -1.26 -23.81 12.63
N TRP A 63 -1.41 -23.01 13.69
CA TRP A 63 -2.74 -22.55 14.12
C TRP A 63 -3.34 -21.51 13.17
N ALA A 64 -2.51 -20.84 12.35
CA ALA A 64 -2.97 -19.74 11.50
C ALA A 64 -3.80 -20.16 10.30
N ILE A 65 -3.61 -21.39 9.81
CA ILE A 65 -4.45 -21.95 8.73
C ILE A 65 -5.89 -22.24 9.23
N GLU A 66 -6.17 -21.83 10.47
CA GLU A 66 -7.51 -21.47 11.00
C GLU A 66 -8.44 -22.66 11.19
N GLY A 67 -8.03 -23.68 11.97
CA GLY A 67 -6.74 -23.77 12.68
C GLY A 67 -6.70 -24.93 13.68
N GLY A 79 -4.94 -11.13 3.54
CA GLY A 79 -4.41 -12.44 3.92
C GLY A 79 -4.74 -12.86 5.33
N LEU A 80 -4.67 -14.17 5.57
CA LEU A 80 -5.09 -14.77 6.85
C LEU A 80 -4.28 -14.24 8.06
N PRO A 81 -4.97 -14.01 9.22
CA PRO A 81 -4.35 -13.40 10.41
C PRO A 81 -3.41 -14.36 11.16
N PHE A 82 -2.17 -13.91 11.36
CA PHE A 82 -1.05 -14.75 11.83
C PHE A 82 -0.40 -14.28 13.15
N HIS A 83 -1.00 -13.28 13.80
CA HIS A 83 -0.44 -12.65 15.00
C HIS A 83 -1.28 -12.97 16.23
N GLY A 84 -0.70 -12.74 17.40
CA GLY A 84 -1.38 -12.97 18.67
C GLY A 84 -0.53 -13.83 19.58
N THR A 85 -1.18 -14.59 20.45
CA THR A 85 -0.50 -15.39 21.45
C THR A 85 -0.98 -16.84 21.38
N GLY A 86 -0.03 -17.78 21.48
CA GLY A 86 -0.33 -19.21 21.50
C GLY A 86 0.48 -19.90 22.57
N TRP A 87 -0.16 -20.79 23.32
CA TRP A 87 0.53 -21.55 24.35
C TRP A 87 0.49 -23.04 24.03
N TYR A 88 1.58 -23.72 24.34
CA TYR A 88 1.69 -25.16 24.17
C TYR A 88 2.19 -25.74 25.46
N ARG A 89 1.65 -26.89 25.83
CA ARG A 89 2.06 -27.53 27.08
C ARG A 89 2.18 -29.02 26.86
N LYS A 90 3.21 -29.60 27.45
CA LYS A 90 3.37 -31.03 27.44
C LYS A 90 3.87 -31.48 28.80
N THR A 91 3.28 -32.56 29.28
CA THR A 91 3.55 -33.12 30.58
C THR A 91 4.09 -34.53 30.38
N PHE A 92 5.17 -34.86 31.09
CA PHE A 92 5.81 -36.15 30.92
C PHE A 92 6.57 -36.60 32.15
N ILE A 93 6.53 -37.91 32.40
CA ILE A 93 7.28 -38.53 33.49
C ILE A 93 8.77 -38.52 33.11
N GLY A 94 9.61 -38.11 34.04
CA GLY A 94 11.05 -38.25 33.87
C GLY A 94 11.42 -39.73 33.87
N ASP A 95 11.67 -40.28 32.68
CA ASP A 95 12.01 -41.70 32.52
C ASP A 95 13.24 -42.02 33.35
N ALA A 96 13.24 -43.17 34.01
CA ALA A 96 14.40 -43.60 34.82
C ALA A 96 15.68 -43.73 33.98
N GLN A 97 15.52 -44.07 32.70
CA GLN A 97 16.66 -44.16 31.78
C GLN A 97 17.33 -42.83 31.48
N TRP A 98 16.73 -41.71 31.89
CA TRP A 98 17.37 -40.40 31.76
C TRP A 98 18.21 -39.99 33.01
N LYS A 99 18.31 -40.86 34.03
CA LYS A 99 19.06 -40.53 35.26
C LYS A 99 20.52 -40.27 34.92
N ASP A 100 21.05 -39.13 35.34
CA ASP A 100 22.42 -38.67 35.03
C ASP A 100 22.77 -38.60 33.53
N LYS A 101 21.77 -38.31 32.70
CA LYS A 101 21.93 -38.10 31.26
C LYS A 101 21.80 -36.63 30.95
N ILE A 102 22.34 -36.24 29.79
CA ILE A 102 22.09 -34.90 29.23
C ILE A 102 20.81 -34.99 28.40
N VAL A 103 19.86 -34.13 28.71
CA VAL A 103 18.57 -34.15 28.04
C VAL A 103 18.31 -32.78 27.44
N ARG A 104 18.03 -32.75 26.13
CA ARG A 104 17.72 -31.52 25.40
C ARG A 104 16.45 -31.68 24.56
N ILE A 105 15.69 -30.60 24.42
CA ILE A 105 14.56 -30.55 23.51
C ILE A 105 14.98 -29.67 22.33
N GLY A 106 15.07 -30.27 21.16
CA GLY A 106 15.38 -29.54 19.94
C GLY A 106 14.09 -29.14 19.26
N PHE A 107 13.94 -27.83 19.01
CA PHE A 107 12.87 -27.30 18.16
C PHE A 107 13.43 -26.89 16.79
N ASP A 108 12.96 -27.51 15.72
CA ASP A 108 13.38 -27.11 14.35
C ASP A 108 12.77 -25.80 13.85
N GLY A 109 11.70 -25.32 14.48
CA GLY A 109 11.05 -24.08 14.06
C GLY A 109 9.82 -23.77 14.91
N ALA A 110 9.74 -22.52 15.36
CA ALA A 110 8.63 -22.06 16.18
C ALA A 110 8.31 -20.63 15.77
N MET A 111 7.10 -20.42 15.26
CA MET A 111 6.72 -19.17 14.60
C MET A 111 5.72 -18.37 15.44
N SER A 112 6.12 -17.28 16.10
CA SER A 112 7.50 -16.81 16.25
C SER A 112 7.58 -16.10 17.61
N GLU A 113 8.74 -15.51 17.94
CA GLU A 113 8.92 -14.85 19.23
C GLU A 113 8.56 -15.85 20.31
N ALA A 114 9.38 -16.89 20.42
CA ALA A 114 9.13 -17.99 21.34
C ALA A 114 9.75 -17.72 22.70
N LYS A 115 9.01 -18.06 23.75
CA LYS A 115 9.58 -18.23 25.09
C LYS A 115 9.26 -19.67 25.49
N VAL A 116 10.16 -20.28 26.27
CA VAL A 116 10.05 -21.69 26.65
C VAL A 116 10.42 -21.86 28.12
N TRP A 117 9.63 -22.66 28.83
CA TRP A 117 9.88 -23.00 30.23
C TRP A 117 9.91 -24.51 30.43
N ILE A 118 10.71 -24.95 31.40
CA ILE A 118 10.65 -26.32 31.93
C ILE A 118 10.43 -26.21 33.44
N ASN A 119 9.39 -26.88 33.93
CA ASN A 119 9.00 -26.87 35.34
C ASN A 119 8.89 -25.46 35.94
N GLY A 120 8.37 -24.54 35.13
CA GLY A 120 8.24 -23.13 35.51
C GLY A 120 9.47 -22.26 35.34
N VAL A 121 10.65 -22.84 35.07
CA VAL A 121 11.89 -22.06 34.90
C VAL A 121 12.07 -21.68 33.44
N LYS A 122 12.20 -20.38 33.16
CA LYS A 122 12.38 -19.89 31.79
C LYS A 122 13.80 -20.28 31.34
N VAL A 123 13.89 -21.08 30.29
CA VAL A 123 15.16 -21.64 29.83
C VAL A 123 15.45 -21.39 28.34
N GLY A 124 14.71 -20.47 27.73
CA GLY A 124 14.83 -20.26 26.30
C GLY A 124 13.95 -19.16 25.75
N GLU A 125 14.49 -18.43 24.79
CA GLU A 125 13.83 -17.30 24.15
C GLU A 125 14.39 -17.22 22.72
N HIS A 126 13.53 -17.27 21.72
CA HIS A 126 13.99 -17.32 20.33
C HIS A 126 13.05 -16.54 19.38
N PRO A 127 13.51 -15.39 18.85
CA PRO A 127 12.64 -14.59 18.01
C PRO A 127 12.42 -15.11 16.59
N TYR A 128 13.48 -15.38 15.84
CA TYR A 128 13.34 -15.77 14.42
C TYR A 128 12.69 -17.13 14.22
N GLY A 129 11.57 -17.17 13.51
CA GLY A 129 10.78 -18.39 13.40
C GLY A 129 11.34 -19.48 12.50
N TYR A 130 12.35 -19.15 11.70
CA TYR A 130 12.87 -20.03 10.68
C TYR A 130 14.18 -20.73 11.03
N THR A 131 14.83 -20.36 12.14
CA THR A 131 15.98 -21.13 12.63
C THR A 131 15.55 -21.94 13.84
N GLY A 132 16.11 -23.13 13.97
CA GLY A 132 15.84 -24.00 15.10
C GLY A 132 16.68 -23.61 16.31
N PHE A 133 16.32 -24.16 17.46
CA PHE A 133 17.01 -23.91 18.74
C PHE A 133 16.87 -25.08 19.70
N GLU A 134 17.84 -25.20 20.61
CA GLU A 134 17.87 -26.23 21.67
C GLU A 134 17.71 -25.61 23.03
N ILE A 135 17.09 -26.37 23.93
CA ILE A 135 17.04 -26.02 25.34
C ILE A 135 17.56 -27.23 26.13
N ASP A 136 18.58 -27.01 26.95
CA ASP A 136 19.07 -28.04 27.86
C ASP A 136 18.19 -28.04 29.12
N ILE A 137 17.41 -29.10 29.31
CA ILE A 137 16.57 -29.26 30.52
C ILE A 137 17.21 -30.15 31.60
N THR A 138 18.45 -30.58 31.40
CA THR A 138 19.15 -31.50 32.32
C THR A 138 19.06 -31.03 33.78
N LYS A 139 19.58 -29.82 34.06
CA LYS A 139 19.63 -29.27 35.42
C LYS A 139 18.27 -29.26 36.13
N TYR A 140 17.19 -29.07 35.36
CA TYR A 140 15.84 -28.90 35.91
C TYR A 140 14.93 -30.14 35.84
N LEU A 141 15.45 -31.27 35.35
CA LEU A 141 14.63 -32.45 35.05
C LEU A 141 14.42 -33.26 36.32
N LYS A 142 13.17 -33.62 36.62
CA LYS A 142 12.81 -34.45 37.79
C LYS A 142 12.52 -35.89 37.37
N ILE A 143 13.38 -36.83 37.76
CA ILE A 143 13.21 -38.25 37.40
C ILE A 143 12.14 -38.87 38.30
N GLY A 144 11.16 -39.57 37.71
CA GLY A 144 10.10 -40.24 38.47
C GLY A 144 8.85 -39.40 38.64
N GLU A 145 9.02 -38.16 39.07
CA GLU A 145 7.91 -37.20 39.21
C GLU A 145 7.57 -36.57 37.85
N GLU A 146 6.52 -35.75 37.83
CA GLU A 146 6.08 -35.07 36.60
C GLU A 146 6.97 -33.89 36.24
N ASN A 147 6.99 -33.57 34.94
CA ASN A 147 7.67 -32.40 34.39
C ASN A 147 6.72 -31.69 33.43
N VAL A 148 6.85 -30.37 33.29
CA VAL A 148 5.98 -29.59 32.39
C VAL A 148 6.76 -28.67 31.45
N LEU A 149 6.65 -28.94 30.15
CA LEU A 149 7.30 -28.13 29.12
C LEU A 149 6.28 -27.15 28.53
N ALA A 150 6.49 -25.86 28.77
CA ALA A 150 5.59 -24.82 28.28
C ALA A 150 6.30 -23.97 27.24
N VAL A 151 5.56 -23.57 26.21
CA VAL A 151 6.09 -22.76 25.13
C VAL A 151 5.05 -21.70 24.79
N GLN A 152 5.46 -20.43 24.89
CA GLN A 152 4.61 -19.31 24.49
C GLN A 152 5.20 -18.71 23.22
N LEU A 153 4.34 -18.54 22.23
CA LEU A 153 4.68 -17.82 21.01
C LEU A 153 3.88 -16.52 21.01
N THR A 154 4.55 -15.41 20.69
CA THR A 154 3.93 -14.09 20.62
C THR A 154 4.22 -13.46 19.26
N PRO A 155 3.73 -14.08 18.18
CA PRO A 155 3.96 -13.50 16.85
C PRO A 155 3.25 -12.15 16.69
N ARG A 156 3.95 -11.19 16.10
CA ARG A 156 3.44 -9.82 15.94
C ARG A 156 2.81 -9.63 14.58
N ASP A 157 1.90 -8.67 14.47
CA ASP A 157 1.39 -8.27 13.15
C ASP A 157 2.50 -7.48 12.44
N LEU A 158 2.46 -7.49 11.12
CA LEU A 158 3.40 -6.76 10.27
C LEU A 158 4.83 -7.21 10.46
N SER A 159 5.01 -8.52 10.66
CA SER A 159 6.33 -9.14 10.81
C SER A 159 6.70 -10.05 9.62
N SER A 160 5.81 -10.14 8.61
CA SER A 160 6.07 -10.95 7.42
C SER A 160 5.32 -10.41 6.21
N ARG A 161 6.00 -10.36 5.08
CA ARG A 161 5.41 -9.93 3.82
C ARG A 161 4.74 -11.08 3.04
N TRP A 162 4.87 -12.30 3.56
CA TRP A 162 4.17 -13.48 3.04
C TRP A 162 3.61 -14.19 4.26
N TYR A 163 2.76 -15.19 4.03
CA TYR A 163 2.15 -15.95 5.12
C TYR A 163 3.19 -16.76 5.89
N PRO A 164 3.47 -16.39 7.15
CA PRO A 164 4.45 -17.16 7.91
C PRO A 164 3.89 -18.44 8.53
N GLY A 165 2.58 -18.51 8.72
CA GLY A 165 2.01 -19.47 9.67
C GLY A 165 2.26 -19.01 11.10
N ALA A 166 1.82 -19.80 12.06
CA ALA A 166 1.95 -19.46 13.47
C ALA A 166 1.81 -20.69 14.36
N GLY A 167 2.80 -20.93 15.20
CA GLY A 167 2.85 -22.14 16.01
C GLY A 167 4.19 -22.86 15.95
N ILE A 168 4.21 -24.03 16.57
CA ILE A 168 5.35 -24.94 16.50
C ILE A 168 5.12 -25.76 15.23
N TYR A 169 5.34 -25.09 14.11
CA TYR A 169 5.08 -25.60 12.77
C TYR A 169 6.09 -26.65 12.28
N ARG A 170 7.20 -26.87 13.00
CA ARG A 170 8.21 -27.87 12.64
C ARG A 170 8.45 -28.85 13.78
N ASN A 171 9.13 -29.96 13.46
CA ASN A 171 9.23 -31.10 14.36
C ASN A 171 9.97 -30.70 15.63
N VAL A 172 9.66 -31.41 16.71
CA VAL A 172 10.34 -31.25 17.99
C VAL A 172 11.01 -32.57 18.31
N TRP A 173 12.16 -32.51 18.97
CA TRP A 173 12.99 -33.69 19.20
C TRP A 173 13.46 -33.74 20.65
N LEU A 174 13.47 -34.94 21.21
CA LEU A 174 14.09 -35.24 22.49
C LEU A 174 15.43 -35.91 22.26
N ARG A 175 16.45 -35.44 22.97
CA ARG A 175 17.83 -35.92 22.84
C ARG A 175 18.39 -36.27 24.21
N VAL A 176 18.46 -37.56 24.48
CA VAL A 176 19.01 -38.09 25.72
C VAL A 176 20.38 -38.61 25.36
N ASP A 177 21.42 -38.05 25.98
CA ASP A 177 22.79 -38.44 25.70
C ASP A 177 23.56 -38.76 26.97
N ASN A 178 24.58 -39.60 26.84
CA ASN A 178 25.57 -39.79 27.90
C ASN A 178 26.43 -38.51 27.99
N LYS A 179 27.26 -38.43 29.01
CA LYS A 179 28.00 -37.19 29.32
C LYS A 179 29.16 -36.89 28.36
N VAL A 180 29.55 -37.88 27.56
CA VAL A 180 30.45 -37.66 26.42
C VAL A 180 29.68 -37.91 25.13
N TYR A 181 29.49 -36.87 24.31
CA TYR A 181 28.61 -36.96 23.14
C TYR A 181 28.88 -35.86 22.11
N ILE A 182 28.24 -36.03 20.96
CA ILE A 182 28.28 -35.07 19.86
C ILE A 182 27.13 -34.07 20.03
N PRO A 183 27.45 -32.75 20.18
CA PRO A 183 26.41 -31.71 20.37
C PRO A 183 25.71 -31.34 19.07
N GLU A 184 24.77 -30.40 19.12
CA GLU A 184 23.96 -30.11 17.93
C GLU A 184 24.84 -29.64 16.76
N HIS A 185 24.55 -30.18 15.58
CA HIS A 185 25.27 -29.91 14.34
C HIS A 185 26.76 -30.24 14.43
N GLY A 186 27.09 -31.30 15.16
CA GLY A 186 28.47 -31.62 15.48
C GLY A 186 29.23 -32.48 14.47
N VAL A 187 28.67 -32.69 13.28
CA VAL A 187 29.40 -33.38 12.22
C VAL A 187 29.25 -32.61 10.91
N TYR A 188 30.38 -32.40 10.25
CA TYR A 188 30.49 -31.57 9.05
C TYR A 188 31.28 -32.39 8.01
N VAL A 189 30.59 -32.78 6.93
CA VAL A 189 31.08 -33.72 5.92
C VAL A 189 31.29 -32.95 4.62
N THR A 190 32.51 -32.98 4.10
CA THR A 190 32.90 -32.33 2.84
C THR A 190 33.58 -33.35 1.95
N THR A 191 33.65 -33.05 0.65
CA THR A 191 34.23 -33.97 -0.34
C THR A 191 35.20 -33.21 -1.21
N PRO A 192 36.43 -32.96 -0.70
CA PRO A 192 37.38 -32.05 -1.36
C PRO A 192 38.09 -32.60 -2.60
N THR A 193 37.93 -33.90 -2.85
CA THR A 193 38.21 -34.47 -4.15
C THR A 193 36.98 -35.27 -4.51
N VAL A 194 36.50 -35.07 -5.74
CA VAL A 194 35.44 -35.87 -6.34
C VAL A 194 35.86 -36.22 -7.76
N THR A 195 36.12 -37.50 -8.00
CA THR A 195 36.39 -38.00 -9.34
C THR A 195 35.64 -39.30 -9.54
N LYS A 196 35.53 -39.74 -10.78
CA LYS A 196 34.84 -40.98 -11.08
C LYS A 196 35.52 -42.17 -10.41
N SER A 197 36.85 -42.21 -10.47
CA SER A 197 37.63 -43.27 -9.84
C SER A 197 37.71 -43.18 -8.32
N LYS A 198 37.66 -41.95 -7.79
CA LYS A 198 37.90 -41.76 -6.36
C LYS A 198 37.36 -40.44 -5.80
N ALA A 199 36.68 -40.52 -4.68
CA ALA A 199 36.28 -39.34 -3.93
C ALA A 199 36.89 -39.46 -2.56
N VAL A 200 37.19 -38.31 -1.95
CA VAL A 200 37.70 -38.25 -0.59
C VAL A 200 36.58 -37.59 0.20
N VAL A 201 36.18 -38.23 1.30
CA VAL A 201 35.14 -37.71 2.19
C VAL A 201 35.85 -37.25 3.46
N GLN A 202 35.85 -35.95 3.69
CA GLN A 202 36.50 -35.36 4.86
C GLN A 202 35.45 -35.06 5.92
N ILE A 203 35.71 -35.48 7.15
CA ILE A 203 34.73 -35.37 8.22
C ILE A 203 35.33 -34.73 9.47
N GLU A 204 34.70 -33.63 9.90
CA GLU A 204 35.00 -32.96 11.16
C GLU A 204 33.99 -33.45 12.19
N THR A 205 34.47 -33.90 13.34
CA THR A 205 33.61 -34.34 14.44
C THR A 205 33.83 -33.44 15.66
N THR A 206 32.73 -33.06 16.30
CA THR A 206 32.77 -32.26 17.52
C THR A 206 32.32 -33.14 18.66
N VAL A 207 33.09 -33.16 19.75
CA VAL A 207 32.69 -33.93 20.94
C VAL A 207 32.74 -33.10 22.23
N LYS A 208 31.62 -33.16 22.96
CA LYS A 208 31.46 -32.47 24.25
C LYS A 208 31.79 -33.45 25.37
N ASN A 209 32.63 -33.01 26.30
CA ASN A 209 32.97 -33.76 27.52
C ASN A 209 32.28 -33.08 28.72
N ALA A 210 31.19 -33.67 29.20
CA ALA A 210 30.44 -33.15 30.35
C ALA A 210 30.79 -33.88 31.67
N THR A 211 31.82 -34.73 31.67
CA THR A 211 32.27 -35.42 32.89
C THR A 211 33.18 -34.47 33.67
N PHE A 212 33.68 -34.93 34.82
CA PHE A 212 34.71 -34.19 35.57
C PHE A 212 36.14 -34.61 35.17
N GLY A 213 36.28 -35.55 34.23
CA GLY A 213 37.59 -36.10 33.85
C GLY A 213 37.99 -35.84 32.40
N ASN A 214 39.25 -35.45 32.21
CA ASN A 214 39.87 -35.35 30.89
C ASN A 214 39.93 -36.74 30.29
N GLY A 215 39.69 -36.85 28.97
CA GLY A 215 39.75 -38.13 28.28
C GLY A 215 40.15 -38.04 26.82
N LYS A 216 40.61 -39.16 26.27
CA LYS A 216 40.75 -39.38 24.83
C LYS A 216 39.64 -40.33 24.41
N PHE A 217 38.88 -39.96 23.38
CA PHE A 217 37.73 -40.76 22.93
C PHE A 217 37.88 -41.21 21.49
N ASN A 218 37.56 -42.48 21.21
CA ASN A 218 37.64 -42.99 19.84
C ASN A 218 36.37 -42.66 19.06
N ILE A 219 36.55 -42.47 17.75
CA ILE A 219 35.45 -42.11 16.86
C ILE A 219 35.43 -43.15 15.75
N ARG A 220 34.27 -43.78 15.52
CA ARG A 220 34.12 -44.68 14.39
C ARG A 220 33.10 -44.16 13.38
N HIS A 221 33.58 -43.75 12.21
CA HIS A 221 32.71 -43.33 11.10
C HIS A 221 32.43 -44.51 10.18
N SER A 222 31.16 -44.92 10.12
CA SER A 222 30.69 -45.92 9.17
C SER A 222 29.93 -45.22 8.05
N ILE A 223 30.39 -45.41 6.82
CA ILE A 223 29.73 -44.88 5.65
C ILE A 223 28.89 -45.99 5.07
N ILE A 224 27.59 -45.72 4.95
CA ILE A 224 26.58 -46.72 4.61
C ILE A 224 25.93 -46.30 3.30
N ASN A 225 25.80 -47.26 2.39
CA ASN A 225 25.28 -47.02 1.03
C ASN A 225 23.74 -47.08 1.01
N ALA A 226 23.16 -47.01 -0.19
CA ALA A 226 21.72 -46.99 -0.37
C ALA A 226 21.01 -48.29 0.04
N GLN A 227 21.71 -49.43 0.02
CA GLN A 227 21.13 -50.73 0.45
C GLN A 227 21.26 -51.00 1.96
N GLY A 228 21.89 -50.08 2.70
CA GLY A 228 22.13 -50.25 4.14
C GLY A 228 23.39 -51.02 4.52
N GLU A 229 24.31 -51.22 3.58
CA GLU A 229 25.54 -51.98 3.82
C GLU A 229 26.68 -51.01 4.08
N THR A 230 27.43 -51.25 5.16
CA THR A 230 28.61 -50.43 5.47
C THR A 230 29.73 -50.74 4.47
N VAL A 231 30.13 -49.73 3.71
CA VAL A 231 31.11 -49.89 2.63
C VAL A 231 32.50 -49.35 2.98
N ALA A 232 32.58 -48.41 3.91
CA ALA A 232 33.85 -47.87 4.37
C ALA A 232 33.71 -47.57 5.86
N ILE A 233 34.80 -47.73 6.60
CA ILE A 233 34.87 -47.26 7.98
C ILE A 233 36.12 -46.40 8.18
N LEU A 234 35.94 -45.26 8.85
CA LEU A 234 37.04 -44.33 9.16
C LEU A 234 37.12 -44.16 10.68
N ASN A 235 38.32 -44.41 11.20
CA ASN A 235 38.60 -44.21 12.61
C ASN A 235 39.30 -42.89 12.84
N ASP A 236 39.03 -42.33 14.01
CA ASP A 236 39.60 -41.06 14.45
C ASP A 236 39.56 -41.02 15.98
N ASN A 237 40.12 -39.96 16.55
CA ASN A 237 39.98 -39.74 17.96
C ASN A 237 40.13 -38.27 18.29
N VAL A 238 39.81 -37.94 19.55
CA VAL A 238 39.89 -36.57 20.02
C VAL A 238 40.06 -36.52 21.55
N GLU A 239 41.06 -35.77 22.02
CA GLU A 239 41.24 -35.48 23.44
C GLU A 239 40.40 -34.26 23.81
N VAL A 240 39.56 -34.40 24.82
CA VAL A 240 38.73 -33.30 25.30
C VAL A 240 38.87 -33.20 26.82
N ALA A 241 39.18 -32.01 27.31
CA ALA A 241 39.28 -31.79 28.76
C ALA A 241 37.91 -31.69 29.40
N ALA A 242 37.89 -31.84 30.72
CA ALA A 242 36.65 -31.81 31.50
C ALA A 242 35.89 -30.50 31.31
N GLY A 243 34.63 -30.60 30.90
CA GLY A 243 33.78 -29.44 30.67
C GLY A 243 33.99 -28.75 29.34
N GLU A 244 34.85 -29.31 28.48
CA GLU A 244 35.23 -28.67 27.22
C GLU A 244 34.63 -29.38 26.02
N GLN A 245 34.81 -28.72 24.88
CA GLN A 245 34.41 -29.21 23.57
C GLN A 245 35.68 -29.34 22.71
N GLY A 246 35.77 -30.41 21.93
CA GLY A 246 36.92 -30.64 21.06
C GLY A 246 36.45 -30.96 19.67
N LYS A 247 37.31 -30.67 18.69
CA LYS A 247 37.05 -30.94 17.29
C LYS A 247 38.19 -31.76 16.73
N THR A 248 37.90 -32.57 15.71
CA THR A 248 38.92 -33.33 15.05
C THR A 248 38.51 -33.58 13.60
N LEU A 249 39.51 -33.73 12.74
CA LEU A 249 39.32 -33.90 11.29
C LEU A 249 40.01 -35.18 10.81
N ALA A 250 39.33 -35.90 9.95
CA ALA A 250 39.90 -37.07 9.29
C ALA A 250 39.29 -37.14 7.91
N TYR A 251 39.88 -37.97 7.06
CA TYR A 251 39.36 -38.21 5.73
C TYR A 251 39.48 -39.69 5.40
N ILE A 252 38.65 -40.14 4.46
CA ILE A 252 38.71 -41.50 3.94
C ILE A 252 38.46 -41.47 2.43
N ASN A 253 39.12 -42.40 1.72
CA ASN A 253 38.96 -42.58 0.29
C ASN A 253 37.76 -43.44 0.01
N MET A 254 36.98 -43.06 -1.01
CA MET A 254 35.90 -43.88 -1.53
C MET A 254 36.26 -44.15 -3.00
N LEU A 255 36.57 -45.40 -3.34
CA LEU A 255 36.84 -45.76 -4.73
C LEU A 255 35.54 -46.05 -5.49
N ASN A 256 35.50 -45.63 -6.75
CA ASN A 256 34.32 -45.75 -7.61
C ASN A 256 33.08 -45.27 -6.86
N PRO A 257 33.09 -43.98 -6.46
CA PRO A 257 32.00 -43.45 -5.67
C PRO A 257 30.74 -43.35 -6.47
N ASN A 258 29.60 -43.53 -5.81
CA ASN A 258 28.32 -43.18 -6.41
C ASN A 258 28.14 -41.65 -6.33
N ILE A 259 28.29 -40.99 -7.48
CA ILE A 259 28.28 -39.53 -7.55
C ILE A 259 26.85 -39.01 -7.44
N TRP A 260 26.64 -38.00 -6.59
CA TRP A 260 25.35 -37.33 -6.49
C TRP A 260 25.23 -36.40 -7.69
N GLY A 261 24.12 -36.51 -8.38
CA GLY A 261 23.86 -35.72 -9.57
C GLY A 261 22.36 -35.57 -9.76
N GLN A 262 21.98 -34.74 -10.72
CA GLN A 262 20.57 -34.39 -10.87
C GLN A 262 19.73 -35.58 -11.36
N LYS A 263 20.25 -36.34 -12.34
CA LYS A 263 19.57 -37.54 -12.82
C LYS A 263 19.71 -38.72 -11.83
N ASN A 264 20.83 -38.78 -11.10
CA ASN A 264 21.10 -39.87 -10.12
C ASN A 264 21.54 -39.30 -8.78
N PRO A 265 20.57 -38.92 -7.92
CA PRO A 265 20.84 -38.23 -6.65
C PRO A 265 21.12 -39.22 -5.53
N TYR A 266 22.22 -39.95 -5.68
CA TYR A 266 22.61 -41.00 -4.76
C TYR A 266 23.05 -40.40 -3.41
N MET A 267 22.49 -40.92 -2.33
CA MET A 267 22.78 -40.46 -0.97
C MET A 267 23.47 -41.55 -0.20
N TYR A 268 24.52 -41.17 0.52
CA TYR A 268 25.15 -42.04 1.51
C TYR A 268 24.65 -41.61 2.87
N LYS A 269 24.83 -42.49 3.87
CA LYS A 269 24.54 -42.22 5.27
C LYS A 269 25.80 -42.44 6.13
N LEU A 270 26.03 -41.52 7.08
CA LEU A 270 27.18 -41.58 7.99
C LEU A 270 26.75 -41.91 9.42
N LYS A 271 27.17 -43.06 9.93
CA LYS A 271 26.96 -43.43 11.32
C LYS A 271 28.24 -43.12 12.06
N THR A 272 28.19 -42.16 12.98
CA THR A 272 29.34 -41.76 13.78
C THR A 272 29.12 -42.21 15.22
N GLU A 273 30.00 -43.08 15.70
CA GLU A 273 29.93 -43.67 17.04
C GLU A 273 31.11 -43.17 17.89
N ILE A 274 30.80 -42.73 19.11
CA ILE A 274 31.80 -42.23 20.05
C ILE A 274 32.05 -43.27 21.11
N TYR A 275 33.32 -43.45 21.49
CA TYR A 275 33.74 -44.48 22.44
C TYR A 275 34.61 -43.90 23.57
N ASP A 276 34.31 -44.30 24.81
CA ASP A 276 35.20 -44.05 25.96
C ASP A 276 35.75 -45.42 26.33
N GLY A 277 36.96 -45.71 25.85
CA GLY A 277 37.50 -47.05 25.88
C GLY A 277 36.57 -47.99 25.13
N LYS A 278 36.16 -49.06 25.80
CA LYS A 278 35.31 -50.08 25.18
C LYS A 278 33.84 -49.70 25.12
N ASP A 279 33.43 -48.70 25.89
CA ASP A 279 32.04 -48.33 26.02
C ASP A 279 31.63 -47.35 24.93
N LEU A 280 30.60 -47.72 24.18
CA LEU A 280 29.90 -46.80 23.28
C LEU A 280 29.18 -45.75 24.11
N THR A 281 29.47 -44.48 23.87
CA THR A 281 28.79 -43.39 24.57
C THR A 281 27.75 -42.65 23.73
N ASP A 282 27.83 -42.73 22.41
CA ASP A 282 26.94 -41.97 21.52
C ASP A 282 26.95 -42.47 20.08
N THR A 283 25.79 -42.33 19.43
CA THR A 283 25.65 -42.59 18.01
C THR A 283 24.99 -41.32 17.40
N TYR A 284 25.42 -40.94 16.20
CA TYR A 284 24.98 -39.69 15.53
C TYR A 284 25.03 -39.90 14.03
N PHE A 285 23.89 -39.75 13.38
CA PHE A 285 23.73 -39.95 11.94
C PHE A 285 23.79 -38.64 11.13
N THR A 286 24.27 -38.72 9.88
CA THR A 286 24.35 -37.57 8.97
C THR A 286 24.22 -38.04 7.52
N ASP A 287 23.25 -37.52 6.78
CA ASP A 287 23.10 -37.90 5.37
C ASP A 287 23.97 -36.98 4.57
N PHE A 288 24.53 -37.49 3.48
CA PHE A 288 25.42 -36.66 2.66
C PHE A 288 25.52 -37.20 1.25
N GLY A 289 25.98 -36.36 0.34
CA GLY A 289 26.23 -36.73 -1.03
C GLY A 289 27.65 -36.42 -1.45
N ILE A 290 28.06 -37.04 -2.57
CA ILE A 290 29.38 -36.88 -3.14
C ILE A 290 29.23 -36.19 -4.51
N ARG A 291 29.45 -34.88 -4.53
CA ARG A 291 29.49 -34.08 -5.75
C ARG A 291 30.42 -32.89 -5.54
N LYS A 292 31.03 -32.41 -6.62
CA LYS A 292 31.83 -31.20 -6.57
C LYS A 292 31.08 -30.03 -7.21
N ILE A 293 31.38 -28.84 -6.71
CA ILE A 293 30.87 -27.62 -7.30
C ILE A 293 31.95 -26.60 -7.48
N CYS A 294 31.72 -25.69 -8.40
CA CYS A 294 32.74 -24.78 -8.87
C CYS A 294 32.07 -23.68 -9.70
N PHE A 295 32.57 -22.46 -9.56
CA PHE A 295 32.05 -21.36 -10.33
C PHE A 295 33.16 -20.42 -10.80
N THR A 296 32.92 -19.83 -11.96
CA THR A 296 33.73 -18.76 -12.50
C THR A 296 32.77 -17.64 -12.86
N LYS A 297 33.33 -16.54 -13.36
CA LYS A 297 32.52 -15.45 -13.87
C LYS A 297 31.62 -15.87 -15.06
N ASP A 298 31.97 -16.96 -15.73
CA ASP A 298 31.22 -17.43 -16.91
C ASP A 298 30.19 -18.53 -16.64
N GLY A 299 30.12 -19.02 -15.40
CA GLY A 299 29.04 -19.95 -15.02
C GLY A 299 29.29 -20.85 -13.84
N PHE A 300 28.28 -21.68 -13.56
CA PHE A 300 28.29 -22.62 -12.44
C PHE A 300 28.56 -24.05 -12.95
N PHE A 301 29.23 -24.85 -12.13
CA PHE A 301 29.65 -26.21 -12.53
C PHE A 301 29.33 -27.26 -11.48
N LEU A 302 28.69 -28.33 -11.92
CA LEU A 302 28.40 -29.50 -11.07
C LEU A 302 29.13 -30.71 -11.69
N ASN A 303 29.96 -31.37 -10.87
CA ASN A 303 30.72 -32.54 -11.33
C ASN A 303 31.41 -32.34 -12.68
N GLY A 304 32.09 -31.20 -12.81
CA GLY A 304 32.84 -30.86 -14.01
C GLY A 304 32.07 -30.43 -15.24
N GLU A 305 30.75 -30.24 -15.16
CA GLU A 305 29.93 -29.87 -16.32
C GLU A 305 29.16 -28.58 -16.06
N LYS A 306 29.06 -27.72 -17.08
CA LYS A 306 28.14 -26.58 -17.09
C LYS A 306 26.76 -27.01 -16.60
N ILE A 307 26.29 -26.40 -15.53
CA ILE A 307 24.90 -26.56 -15.06
C ILE A 307 24.21 -25.20 -15.20
N ARG A 308 22.95 -25.23 -15.61
CA ARG A 308 22.13 -24.03 -15.73
C ARG A 308 20.92 -24.19 -14.82
N PHE A 309 20.51 -23.08 -14.21
CA PHE A 309 19.40 -23.09 -13.26
C PHE A 309 18.07 -22.82 -13.95
N ASN A 310 17.30 -23.89 -14.17
CA ASN A 310 15.87 -23.79 -14.47
C ASN A 310 15.17 -23.76 -13.13
N GLY A 311 15.20 -22.59 -12.49
CA GLY A 311 14.90 -22.47 -11.05
C GLY A 311 13.55 -21.90 -10.69
N VAL A 312 13.11 -22.17 -9.46
CA VAL A 312 11.88 -21.60 -8.92
C VAL A 312 12.07 -21.16 -7.47
N CYS A 313 11.54 -19.98 -7.15
CA CYS A 313 11.35 -19.59 -5.77
C CYS A 313 10.08 -20.23 -5.27
N LEU A 314 10.12 -20.72 -4.04
CA LEU A 314 8.96 -21.29 -3.38
C LEU A 314 8.89 -20.71 -1.99
N HIS A 315 7.69 -20.46 -1.49
CA HIS A 315 7.52 -20.18 -0.07
C HIS A 315 7.21 -21.48 0.66
N HIS A 316 7.39 -21.46 1.96
CA HIS A 316 7.37 -22.66 2.80
C HIS A 316 6.00 -23.29 3.09
N ASP A 317 4.91 -22.56 2.88
CA ASP A 317 3.59 -23.14 3.07
C ASP A 317 3.26 -24.14 1.97
N ASN A 318 2.36 -25.07 2.29
CA ASN A 318 1.82 -25.99 1.32
C ASN A 318 0.29 -25.81 1.18
N GLY A 319 -0.13 -24.54 1.12
CA GLY A 319 -1.49 -24.17 0.77
C GLY A 319 -2.51 -24.68 1.77
N PRO A 320 -3.50 -25.49 1.32
CA PRO A 320 -4.44 -26.14 2.24
C PRO A 320 -3.78 -26.77 3.47
N MET A 321 -2.59 -27.34 3.28
CA MET A 321 -1.85 -27.98 4.36
C MET A 321 -1.16 -27.01 5.32
N GLY A 322 -1.15 -25.71 5.01
CA GLY A 322 -0.52 -24.73 5.88
C GLY A 322 0.99 -24.88 5.96
N ALA A 323 1.57 -24.37 7.04
CA ALA A 323 3.04 -24.36 7.24
C ALA A 323 3.56 -25.52 8.09
N ALA A 324 2.67 -26.24 8.76
CA ALA A 324 3.07 -27.46 9.48
C ALA A 324 3.85 -28.36 8.52
N VAL A 325 4.97 -28.91 8.98
CA VAL A 325 5.78 -29.75 8.12
C VAL A 325 5.04 -31.04 7.76
N ASN A 326 4.83 -31.23 6.47
CA ASN A 326 4.37 -32.50 5.95
C ASN A 326 5.26 -32.98 4.80
N VAL A 327 5.99 -34.07 5.04
CA VAL A 327 6.96 -34.58 4.08
C VAL A 327 6.34 -34.83 2.70
N ARG A 328 5.17 -35.48 2.67
CA ARG A 328 4.52 -35.79 1.40
C ARG A 328 4.09 -34.54 0.66
N ALA A 329 3.55 -33.57 1.40
CA ALA A 329 3.16 -32.28 0.81
C ALA A 329 4.32 -31.67 0.03
N ASP A 330 5.48 -31.60 0.69
CA ASP A 330 6.71 -31.11 0.03
C ASP A 330 7.14 -31.96 -1.16
N GLU A 331 7.12 -33.29 -0.97
CA GLU A 331 7.51 -34.22 -2.01
C GLU A 331 6.71 -33.99 -3.29
N ARG A 332 5.38 -33.91 -3.14
CA ARG A 332 4.47 -33.63 -4.25
C ARG A 332 4.81 -32.33 -4.98
N LYS A 333 5.00 -31.26 -4.21
CA LYS A 333 5.36 -29.95 -4.76
C LYS A 333 6.65 -29.99 -5.58
N LEU A 334 7.69 -30.60 -5.02
CA LEU A 334 8.96 -30.78 -5.72
C LEU A 334 8.87 -31.71 -6.94
N GLN A 335 8.02 -32.73 -6.88
CA GLN A 335 7.77 -33.60 -8.04
C GLN A 335 7.09 -32.86 -9.18
N ILE A 336 6.07 -32.07 -8.83
CA ILE A 336 5.38 -31.25 -9.81
C ILE A 336 6.37 -30.27 -10.44
N MET A 337 7.19 -29.65 -9.62
CA MET A 337 8.22 -28.75 -10.15
C MET A 337 9.21 -29.49 -11.08
N LYS A 338 9.64 -30.69 -10.71
CA LYS A 338 10.52 -31.49 -11.61
C LYS A 338 9.87 -31.81 -12.97
N GLU A 339 8.57 -32.12 -12.97
CA GLU A 339 7.84 -32.36 -14.22
C GLU A 339 7.81 -31.12 -15.12
N MET A 340 7.82 -29.93 -14.51
CA MET A 340 7.97 -28.67 -15.25
C MET A 340 9.38 -28.45 -15.86
N GLY A 341 10.35 -29.30 -15.52
CA GLY A 341 11.74 -29.11 -15.95
C GLY A 341 12.63 -28.41 -14.93
N VAL A 342 12.11 -28.20 -13.72
CA VAL A 342 12.87 -27.51 -12.66
C VAL A 342 14.01 -28.36 -12.15
N ASN A 343 15.21 -27.78 -12.07
CA ASN A 343 16.39 -28.45 -11.49
C ASN A 343 16.97 -27.72 -10.28
N ALA A 344 16.30 -26.65 -9.82
CA ALA A 344 16.91 -25.76 -8.85
C ALA A 344 15.85 -24.98 -8.09
N ILE A 345 16.16 -24.68 -6.82
CA ILE A 345 15.23 -24.05 -5.89
C ILE A 345 15.90 -22.89 -5.17
N ARG A 346 15.20 -21.76 -5.06
CA ARG A 346 15.62 -20.67 -4.16
C ARG A 346 14.67 -20.58 -2.98
N THR A 347 15.18 -20.79 -1.76
CA THR A 347 14.30 -20.82 -0.58
C THR A 347 13.90 -19.41 -0.15
N SER A 348 13.13 -18.75 -1.01
CA SER A 348 12.61 -17.42 -0.75
C SER A 348 11.74 -17.45 0.50
N HIS A 349 11.99 -16.64 1.53
CA HIS A 349 13.18 -15.79 1.73
C HIS A 349 13.65 -16.01 3.16
N ASN A 350 14.01 -17.26 3.42
CA ASN A 350 14.24 -17.76 4.77
C ASN A 350 14.73 -19.20 4.68
N PRO A 351 15.26 -19.74 5.77
CA PRO A 351 15.56 -21.16 5.81
C PRO A 351 14.31 -22.02 5.64
N PRO A 352 14.42 -23.19 4.98
CA PRO A 352 13.31 -24.14 4.92
C PRO A 352 13.42 -25.17 6.06
N SER A 353 12.53 -26.15 6.07
CA SER A 353 12.63 -27.23 7.05
C SER A 353 13.73 -28.19 6.59
N PRO A 354 14.42 -28.86 7.54
CA PRO A 354 15.31 -29.95 7.14
C PRO A 354 14.66 -30.97 6.17
N GLU A 355 13.42 -31.35 6.45
CA GLU A 355 12.69 -32.31 5.63
C GLU A 355 12.65 -31.87 4.15
N PHE A 356 12.39 -30.59 3.93
CA PHE A 356 12.41 -30.03 2.57
C PHE A 356 13.77 -30.20 1.91
N LEU A 357 14.85 -29.94 2.64
CA LEU A 357 16.21 -30.10 2.09
C LEU A 357 16.59 -31.56 1.90
N ASP A 358 16.19 -32.43 2.83
CA ASP A 358 16.37 -33.89 2.64
C ASP A 358 15.71 -34.34 1.33
N LEU A 359 14.54 -33.77 1.02
CA LEU A 359 13.83 -34.10 -0.20
C LEU A 359 14.59 -33.63 -1.42
N CYS A 360 15.07 -32.39 -1.39
CA CYS A 360 15.90 -31.85 -2.46
C CYS A 360 17.15 -32.70 -2.68
N ASP A 361 17.83 -33.08 -1.59
CA ASP A 361 18.94 -34.05 -1.62
C ASP A 361 18.55 -35.34 -2.37
N ARG A 362 17.48 -35.99 -1.92
CA ARG A 362 17.01 -37.26 -2.51
C ARG A 362 16.43 -37.11 -3.93
N MET A 363 16.02 -35.91 -4.32
CA MET A 363 15.42 -35.66 -5.64
C MET A 363 16.36 -34.99 -6.67
N GLY A 364 17.59 -34.68 -6.27
CA GLY A 364 18.59 -34.13 -7.16
C GLY A 364 18.47 -32.67 -7.52
N LEU A 365 17.75 -31.89 -6.72
CA LEU A 365 17.60 -30.46 -6.97
C LEU A 365 18.70 -29.70 -6.26
N VAL A 366 19.25 -28.66 -6.88
CA VAL A 366 20.25 -27.80 -6.26
C VAL A 366 19.55 -26.60 -5.65
N VAL A 367 20.04 -26.13 -4.50
CA VAL A 367 19.30 -25.20 -3.65
C VAL A 367 20.12 -23.95 -3.32
N LEU A 368 19.48 -22.78 -3.44
CA LEU A 368 19.95 -21.53 -2.87
C LEU A 368 19.24 -21.37 -1.51
N ASP A 369 20.02 -21.51 -0.45
CA ASP A 369 19.48 -21.60 0.91
C ASP A 369 19.60 -20.19 1.50
N GLU A 370 18.48 -19.49 1.63
CA GLU A 370 18.45 -18.04 1.91
C GLU A 370 18.13 -17.72 3.36
N ALA A 371 18.93 -16.90 4.02
CA ALA A 371 18.83 -16.69 5.47
C ALA A 371 17.82 -15.61 5.88
N PHE A 372 17.78 -14.50 5.14
CA PHE A 372 17.01 -13.32 5.55
C PHE A 372 16.36 -12.59 4.39
N ASP A 373 15.35 -11.81 4.73
CA ASP A 373 14.64 -10.95 3.79
C ASP A 373 14.95 -9.46 4.00
N GLU A 374 15.19 -9.05 5.23
CA GLU A 374 15.71 -7.70 5.54
C GLU A 374 16.88 -7.81 6.50
N TRP A 375 17.76 -6.80 6.51
CA TRP A 375 18.86 -6.76 7.47
C TRP A 375 18.54 -5.74 8.55
N THR A 376 19.20 -4.57 8.57
CA THR A 376 19.01 -3.57 9.66
C THR A 376 17.95 -2.50 9.31
N LYS A 377 17.71 -2.28 8.03
CA LYS A 377 16.66 -1.39 7.54
C LYS A 377 15.36 -2.14 7.32
N ALA A 378 14.26 -1.58 7.83
CA ALA A 378 12.97 -2.29 7.92
C ALA A 378 12.13 -2.23 6.65
N LYS A 379 11.68 -3.39 6.17
CA LYS A 379 10.63 -3.50 5.13
C LYS A 379 9.24 -3.59 5.72
N VAL A 380 9.13 -4.25 6.87
CA VAL A 380 7.89 -4.29 7.65
C VAL A 380 8.20 -3.87 9.06
N ASP A 381 7.21 -3.30 9.74
CA ASP A 381 7.41 -2.67 11.05
C ASP A 381 8.03 -3.62 12.06
N ASN A 382 7.66 -4.89 12.01
CA ASN A 382 8.13 -5.90 12.98
C ASN A 382 8.91 -7.06 12.36
N GLY A 383 9.65 -6.77 11.28
CA GLY A 383 10.47 -7.74 10.60
C GLY A 383 11.78 -7.99 11.29
N TYR A 384 12.67 -8.73 10.61
CA TYR A 384 13.91 -9.20 11.24
C TYR A 384 14.84 -8.09 11.75
N HIS A 385 14.72 -6.87 11.22
CA HIS A 385 15.53 -5.73 11.68
C HIS A 385 15.46 -5.45 13.20
N LEU A 386 14.38 -5.86 13.86
CA LEU A 386 14.29 -5.75 15.32
C LEU A 386 15.30 -6.62 16.06
N TYR A 387 15.71 -7.71 15.41
CA TYR A 387 16.62 -8.68 15.97
C TYR A 387 17.97 -8.74 15.29
N PHE A 388 18.12 -8.18 14.08
CA PHE A 388 19.36 -8.29 13.30
C PHE A 388 20.64 -8.01 14.08
N ASP A 389 20.65 -6.97 14.92
CA ASP A 389 21.87 -6.58 15.63
C ASP A 389 22.33 -7.66 16.59
N GLU A 390 21.42 -8.12 17.43
CA GLU A 390 21.72 -9.13 18.44
C GLU A 390 21.77 -10.56 17.86
N TRP A 391 21.03 -10.83 16.77
CA TRP A 391 20.77 -12.21 16.28
C TRP A 391 21.33 -12.64 14.92
N SER A 392 21.80 -11.70 14.09
CA SER A 392 22.21 -12.02 12.71
C SER A 392 23.29 -13.10 12.65
N LYS A 393 24.33 -12.95 13.48
CA LYS A 393 25.43 -13.90 13.51
C LYS A 393 24.95 -15.26 14.01
N LYS A 394 24.18 -15.27 15.11
CA LYS A 394 23.62 -16.52 15.65
C LYS A 394 22.79 -17.27 14.60
N ASP A 395 21.82 -16.58 14.01
CA ASP A 395 20.90 -17.20 13.06
C ASP A 395 21.55 -17.65 11.75
N LEU A 396 22.49 -16.87 11.21
CA LEU A 396 23.19 -17.30 9.99
C LEU A 396 24.15 -18.44 10.32
N THR A 397 24.84 -18.34 11.45
CA THR A 397 25.67 -19.42 11.95
C THR A 397 24.83 -20.69 12.08
N SER A 398 23.70 -20.59 12.75
CA SER A 398 22.77 -21.72 12.94
C SER A 398 22.33 -22.35 11.62
N LEU A 399 22.00 -21.51 10.64
CA LEU A 399 21.60 -21.98 9.31
C LEU A 399 22.71 -22.82 8.66
N ILE A 400 23.92 -22.25 8.58
CA ILE A 400 25.03 -22.95 7.93
C ILE A 400 25.43 -24.23 8.69
N MET A 401 25.44 -24.18 10.02
CA MET A 401 25.71 -25.37 10.84
C MET A 401 24.69 -26.48 10.61
N ARG A 402 23.43 -26.11 10.46
CA ARG A 402 22.34 -27.05 10.20
C ARG A 402 22.43 -27.64 8.78
N ASP A 403 22.73 -26.81 7.80
CA ASP A 403 22.56 -27.19 6.39
C ASP A 403 23.83 -27.47 5.59
N ARG A 404 25.01 -27.23 6.16
CA ARG A 404 26.26 -27.41 5.39
C ARG A 404 26.65 -28.84 4.98
N ASN A 405 25.86 -29.86 5.35
CA ASN A 405 26.04 -31.25 4.88
C ASN A 405 25.10 -31.67 3.75
N HIS A 406 24.06 -30.90 3.49
CA HIS A 406 23.13 -31.22 2.41
C HIS A 406 23.83 -31.07 1.05
N PRO A 407 23.86 -32.14 0.24
CA PRO A 407 24.41 -31.97 -1.10
C PRO A 407 23.55 -31.09 -2.01
N SER A 408 22.26 -30.96 -1.72
CA SER A 408 21.42 -30.10 -2.52
C SER A 408 21.84 -28.65 -2.43
N VAL A 409 22.33 -28.20 -1.29
CA VAL A 409 22.61 -26.78 -1.10
C VAL A 409 23.90 -26.37 -1.81
N ILE A 410 23.79 -25.44 -2.77
CA ILE A 410 24.96 -24.98 -3.54
C ILE A 410 25.33 -23.52 -3.31
N MET A 411 24.42 -22.72 -2.73
CA MET A 411 24.74 -21.34 -2.36
C MET A 411 24.10 -20.95 -1.05
N TRP A 412 24.80 -20.11 -0.28
CA TRP A 412 24.25 -19.41 0.88
C TRP A 412 23.84 -18.01 0.43
N SER A 413 22.55 -17.77 0.32
CA SER A 413 22.04 -16.45 -0.02
C SER A 413 21.81 -15.62 1.26
N ILE A 414 22.54 -14.50 1.39
CA ILE A 414 22.51 -13.67 2.60
C ILE A 414 21.31 -12.74 2.76
N GLY A 415 20.58 -12.49 1.69
CA GLY A 415 19.46 -11.59 1.77
C GLY A 415 18.72 -11.41 0.46
N ASN A 416 17.57 -10.77 0.54
CA ASN A 416 16.74 -10.51 -0.64
C ASN A 416 16.20 -9.09 -0.62
N GLU A 417 16.46 -8.36 -1.70
CA GLU A 417 15.89 -7.02 -1.95
C GLU A 417 16.04 -6.09 -0.77
N ILE A 418 17.21 -6.17 -0.14
CA ILE A 418 17.46 -5.49 1.13
C ILE A 418 17.61 -3.98 0.89
N LEU A 419 17.10 -3.18 1.83
CA LEU A 419 17.08 -1.70 1.70
C LEU A 419 18.48 -1.07 1.74
N GLU A 420 19.43 -1.79 2.35
CA GLU A 420 20.84 -1.42 2.39
C GLU A 420 21.47 -1.19 0.99
N GLN A 421 20.91 -1.82 -0.05
CA GLN A 421 21.24 -1.53 -1.46
C GLN A 421 21.36 -0.05 -1.83
N SER A 422 20.48 0.78 -1.28
CA SER A 422 20.50 2.22 -1.52
C SER A 422 21.33 3.07 -0.52
N ASP A 423 21.79 2.52 0.61
N ASP A 423 21.79 2.49 0.57
CA ASP A 423 22.77 3.22 1.47
CA ASP A 423 22.75 3.16 1.44
C ASP A 423 24.11 3.20 0.73
C ASP A 423 24.11 3.20 0.74
N LYS A 424 24.39 4.31 0.06
CA LYS A 424 25.59 4.43 -0.78
C LYS A 424 26.92 4.25 -0.03
N LYS A 425 27.05 4.87 1.14
CA LYS A 425 28.34 4.88 1.87
C LYS A 425 28.62 3.56 2.59
N LYS A 426 27.61 2.96 3.23
CA LYS A 426 27.83 1.83 4.18
C LYS A 426 27.02 0.54 3.99
N GLY A 427 26.05 0.53 3.07
CA GLY A 427 25.25 -0.66 2.78
C GLY A 427 26.10 -1.91 2.55
N PHE A 428 27.19 -1.75 1.79
CA PHE A 428 28.13 -2.85 1.48
C PHE A 428 28.78 -3.51 2.71
N THR A 429 28.87 -2.78 3.84
CA THR A 429 29.52 -3.32 5.04
C THR A 429 28.71 -4.46 5.60
N VAL A 430 27.38 -4.33 5.54
CA VAL A 430 26.50 -5.33 6.11
C VAL A 430 26.53 -6.58 5.24
N ALA A 431 26.57 -6.41 3.92
CA ALA A 431 26.69 -7.54 2.99
C ALA A 431 27.98 -8.31 3.24
N LYS A 432 29.09 -7.59 3.30
CA LYS A 432 30.40 -8.18 3.61
C LYS A 432 30.36 -8.99 4.90
N TYR A 433 29.85 -8.36 5.95
CA TYR A 433 29.71 -8.96 7.27
C TYR A 433 29.05 -10.34 7.22
N LEU A 434 27.94 -10.44 6.52
CA LEU A 434 27.25 -11.73 6.33
C LEU A 434 28.04 -12.64 5.39
N ALA A 435 28.65 -12.06 4.36
CA ALA A 435 29.48 -12.82 3.44
C ALA A 435 30.70 -13.44 4.11
N ASP A 436 31.32 -12.69 5.02
CA ASP A 436 32.49 -13.19 5.76
C ASP A 436 32.12 -14.37 6.64
N ILE A 437 30.96 -14.28 7.29
CA ILE A 437 30.42 -15.36 8.11
C ILE A 437 30.28 -16.64 7.28
N CYS A 438 29.68 -16.55 6.10
CA CYS A 438 29.53 -17.69 5.20
C CYS A 438 30.89 -18.35 4.90
N ARG A 439 31.89 -17.53 4.59
CA ARG A 439 33.25 -18.02 4.24
C ARG A 439 33.96 -18.63 5.44
N GLU A 440 33.80 -18.02 6.61
CA GLU A 440 34.34 -18.57 7.88
C GLU A 440 33.82 -19.96 8.18
N LEU A 441 32.53 -20.19 7.94
CA LEU A 441 31.84 -21.41 8.34
C LEU A 441 31.74 -22.50 7.27
N ASP A 442 31.62 -22.10 6.02
CA ASP A 442 31.56 -23.05 4.92
C ASP A 442 32.08 -22.49 3.60
N PRO A 443 33.43 -22.46 3.45
CA PRO A 443 33.99 -22.03 2.17
C PRO A 443 33.73 -22.99 1.00
N THR A 444 33.04 -24.12 1.23
CA THR A 444 32.79 -25.12 0.18
C THR A 444 31.61 -24.78 -0.72
N ARG A 445 30.88 -23.72 -0.36
CA ARG A 445 29.77 -23.21 -1.15
C ARG A 445 29.89 -21.67 -1.24
N PRO A 446 29.58 -21.08 -2.42
CA PRO A 446 29.62 -19.62 -2.58
C PRO A 446 28.50 -18.90 -1.86
N SER A 447 28.76 -17.65 -1.48
CA SER A 447 27.71 -16.77 -0.98
C SER A 447 27.00 -16.09 -2.15
N THR A 448 25.74 -15.73 -1.93
CA THR A 448 25.02 -14.93 -2.92
C THR A 448 24.00 -14.02 -2.25
N CYS A 449 23.28 -13.25 -3.04
CA CYS A 449 22.29 -12.30 -2.55
C CYS A 449 21.39 -11.89 -3.71
N GLY A 450 20.10 -11.66 -3.42
CA GLY A 450 19.12 -11.20 -4.44
C GLY A 450 19.01 -9.69 -4.49
N PHE A 451 19.43 -9.07 -5.59
CA PHE A 451 19.41 -7.60 -5.75
C PHE A 451 18.30 -7.11 -6.69
N ASN A 452 17.42 -6.23 -6.19
CA ASN A 452 16.36 -5.65 -7.03
C ASN A 452 16.58 -4.22 -7.48
N TYR A 453 17.47 -3.48 -6.82
CA TYR A 453 17.77 -2.12 -7.28
C TYR A 453 18.78 -2.24 -8.40
N TYR A 454 18.80 -1.24 -9.28
CA TYR A 454 19.77 -1.20 -10.36
C TYR A 454 20.00 0.27 -10.83
N PRO A 455 21.26 0.75 -10.86
CA PRO A 455 22.49 -0.02 -10.61
C PRO A 455 23.02 -0.01 -9.15
N ALA A 456 22.23 0.49 -8.20
CA ALA A 456 22.74 0.82 -6.84
C ALA A 456 23.72 -0.20 -6.24
N PRO A 457 23.29 -1.45 -5.98
CA PRO A 457 24.20 -2.38 -5.30
C PRO A 457 25.46 -2.72 -6.11
N PHE A 458 25.39 -2.65 -7.44
CA PHE A 458 26.56 -2.83 -8.31
C PHE A 458 27.50 -1.64 -8.31
N ASP A 459 26.94 -0.43 -8.33
CA ASP A 459 27.69 0.83 -8.21
C ASP A 459 28.13 1.19 -6.76
N ASN A 460 27.48 0.61 -5.75
CA ASN A 460 27.77 0.94 -4.34
C ASN A 460 28.63 -0.12 -3.63
N ASN A 461 29.40 -0.87 -4.41
CA ASN A 461 30.32 -1.89 -3.88
C ASN A 461 29.68 -3.04 -3.09
N MET A 462 28.35 -3.23 -3.24
CA MET A 462 27.63 -4.28 -2.49
C MET A 462 27.68 -5.65 -3.19
N ALA A 463 27.32 -5.69 -4.46
CA ALA A 463 27.34 -6.93 -5.27
C ALA A 463 28.72 -7.64 -5.29
N GLN A 464 29.78 -6.88 -5.09
CA GLN A 464 31.14 -7.39 -5.07
C GLN A 464 31.50 -8.12 -3.76
N GLN A 465 30.71 -7.94 -2.69
CA GLN A 465 30.98 -8.57 -1.40
C GLN A 465 30.49 -9.99 -1.27
N VAL A 466 29.74 -10.49 -2.25
CA VAL A 466 29.31 -11.90 -2.29
C VAL A 466 29.97 -12.57 -3.48
N ASP A 467 29.99 -13.90 -3.49
CA ASP A 467 30.71 -14.63 -4.53
C ASP A 467 30.01 -14.55 -5.88
N ILE A 468 28.68 -14.55 -5.84
CA ILE A 468 27.83 -14.59 -7.03
C ILE A 468 26.65 -13.64 -6.80
N ALA A 469 26.41 -12.77 -7.77
CA ALA A 469 25.38 -11.74 -7.66
C ALA A 469 24.12 -12.18 -8.40
N GLY A 470 22.98 -12.02 -7.74
CA GLY A 470 21.68 -12.33 -8.33
C GLY A 470 20.91 -11.05 -8.58
N MET A 471 20.36 -10.89 -9.78
CA MET A 471 19.50 -9.75 -10.11
C MET A 471 18.03 -10.16 -10.02
N ASN A 472 17.24 -9.37 -9.30
CA ASN A 472 15.77 -9.53 -9.26
C ASN A 472 15.14 -8.65 -10.32
N TYR A 473 14.59 -9.28 -11.35
CA TYR A 473 13.73 -8.62 -12.36
C TYR A 473 14.43 -7.56 -13.21
N LYS A 474 15.60 -7.90 -13.76
CA LYS A 474 16.38 -6.95 -14.59
C LYS A 474 16.92 -7.56 -15.90
N PRO A 475 16.11 -8.39 -16.60
CA PRO A 475 16.59 -8.97 -17.86
C PRO A 475 17.07 -7.94 -18.89
N GLY A 476 16.42 -6.79 -18.94
CA GLY A 476 16.82 -5.71 -19.86
C GLY A 476 18.16 -5.08 -19.56
N LYS A 477 18.66 -5.29 -18.34
CA LYS A 477 19.97 -4.78 -17.93
C LYS A 477 21.09 -5.85 -17.88
N TYR A 478 20.81 -7.10 -18.24
CA TYR A 478 21.83 -8.17 -18.15
C TYR A 478 23.06 -7.83 -18.97
N ALA A 479 22.86 -7.42 -20.22
CA ALA A 479 23.95 -7.00 -21.10
C ALA A 479 24.79 -5.86 -20.51
N GLU A 480 24.12 -4.81 -20.04
CA GLU A 480 24.81 -3.62 -19.49
C GLU A 480 25.69 -3.98 -18.28
N VAL A 481 25.12 -4.70 -17.31
CA VAL A 481 25.87 -5.02 -16.07
C VAL A 481 27.14 -5.83 -16.33
N GLN A 482 27.14 -6.65 -17.37
CA GLN A 482 28.35 -7.36 -17.81
C GLN A 482 29.39 -6.46 -18.52
N ARG A 483 28.93 -5.42 -19.22
CA ARG A 483 29.84 -4.38 -19.73
C ARG A 483 30.52 -3.65 -18.57
N LEU A 484 29.73 -3.26 -17.56
CA LEU A 484 30.19 -2.42 -16.46
C LEU A 484 30.98 -3.17 -15.40
N TYR A 485 30.58 -4.39 -15.13
CA TYR A 485 31.16 -5.21 -14.06
C TYR A 485 31.43 -6.61 -14.63
N PRO A 486 32.45 -6.72 -15.49
CA PRO A 486 32.68 -7.98 -16.22
C PRO A 486 33.20 -9.15 -15.40
N ASP A 487 33.65 -8.91 -14.17
CA ASP A 487 34.20 -9.99 -13.34
C ASP A 487 33.23 -10.60 -12.33
N LEU A 488 31.99 -10.12 -12.31
CA LEU A 488 30.94 -10.69 -11.46
C LEU A 488 30.26 -11.91 -12.07
N PRO A 489 30.18 -13.01 -11.30
CA PRO A 489 29.27 -14.10 -11.66
C PRO A 489 27.82 -13.68 -11.41
N LEU A 490 26.92 -14.04 -12.34
CA LEU A 490 25.56 -13.52 -12.37
C LEU A 490 24.51 -14.60 -12.66
N TYR A 491 23.33 -14.41 -12.09
CA TYR A 491 22.14 -15.19 -12.43
C TYR A 491 20.93 -14.33 -12.09
N GLY A 492 19.78 -14.70 -12.62
CA GLY A 492 18.52 -14.05 -12.31
C GLY A 492 18.00 -14.68 -11.05
N SER A 493 18.16 -13.97 -9.92
CA SER A 493 17.72 -14.50 -8.64
C SER A 493 16.21 -14.54 -8.45
N GLU A 494 15.48 -13.75 -9.23
CA GLU A 494 14.02 -13.67 -9.09
C GLU A 494 13.44 -13.09 -10.38
N THR A 495 12.71 -13.90 -11.14
CA THR A 495 12.33 -13.53 -12.50
C THR A 495 10.82 -13.56 -12.77
N SER A 496 10.45 -12.88 -13.87
CA SER A 496 9.09 -12.76 -14.40
C SER A 496 8.10 -12.00 -13.51
N SER A 497 7.62 -12.65 -12.46
CA SER A 497 6.51 -12.16 -11.61
C SER A 497 5.20 -11.96 -12.37
N CYS A 498 5.06 -12.69 -13.48
CA CYS A 498 3.82 -12.76 -14.24
C CYS A 498 2.73 -13.36 -13.34
N THR A 499 1.51 -12.87 -13.48
CA THR A 499 0.38 -13.41 -12.71
C THR A 499 -0.66 -14.05 -13.62
N SER A 500 -1.38 -15.03 -13.08
CA SER A 500 -2.52 -15.65 -13.75
C SER A 500 -3.39 -16.41 -12.74
N SER A 501 -4.65 -16.65 -13.11
CA SER A 501 -5.51 -17.60 -12.39
C SER A 501 -5.72 -18.81 -13.30
N ARG A 502 -5.67 -20.00 -12.71
CA ARG A 502 -5.85 -21.26 -13.43
C ARG A 502 -7.16 -21.31 -14.24
N GLY A 503 -7.03 -21.50 -15.56
CA GLY A 503 -8.19 -21.69 -16.43
C GLY A 503 -9.16 -20.52 -16.53
N VAL A 504 -8.64 -19.31 -16.37
CA VAL A 504 -9.44 -18.10 -16.47
C VAL A 504 -8.87 -17.26 -17.60
N TYR A 505 -9.74 -16.87 -18.53
CA TYR A 505 -9.39 -16.07 -19.70
C TYR A 505 -10.43 -14.94 -19.83
N HIS A 506 -9.94 -13.73 -20.14
CA HIS A 506 -10.78 -12.53 -20.28
C HIS A 506 -10.71 -11.98 -21.70
N LEU A 507 -11.78 -12.17 -22.47
CA LEU A 507 -11.81 -11.83 -23.90
C LEU A 507 -12.84 -10.73 -24.24
N PRO A 508 -12.42 -9.53 -24.66
CA PRO A 508 -11.06 -9.00 -24.51
C PRO A 508 -11.09 -7.52 -24.12
N THR A 517 -12.86 -7.55 -12.78
CA THR A 517 -12.27 -8.83 -13.19
C THR A 517 -12.04 -9.77 -11.99
N ASN A 518 -11.18 -9.36 -11.04
CA ASN A 518 -10.89 -10.07 -9.76
C ASN A 518 -9.98 -11.32 -9.85
N GLN A 519 -9.73 -11.79 -11.07
CA GLN A 519 -8.76 -12.84 -11.37
C GLN A 519 -7.89 -12.28 -12.51
N VAL A 520 -6.89 -13.03 -12.94
CA VAL A 520 -5.98 -12.57 -14.01
C VAL A 520 -5.96 -13.57 -15.17
N THR A 521 -5.86 -13.02 -16.39
CA THR A 521 -5.85 -13.82 -17.62
C THR A 521 -4.72 -14.87 -17.63
N SER A 522 -5.08 -16.12 -17.95
CA SER A 522 -4.12 -17.22 -18.10
C SER A 522 -3.47 -17.26 -19.49
N TYR A 523 -3.68 -16.21 -20.28
CA TYR A 523 -2.83 -15.92 -21.43
C TYR A 523 -1.43 -15.41 -21.03
N ASP A 524 -1.24 -15.09 -19.74
CA ASP A 524 0.06 -14.77 -19.14
C ASP A 524 0.69 -13.53 -19.78
N LEU A 525 0.05 -12.39 -19.54
CA LEU A 525 0.54 -11.07 -19.93
C LEU A 525 0.63 -10.07 -18.76
N ILE A 526 -0.35 -10.09 -17.85
CA ILE A 526 -0.43 -9.12 -16.75
C ILE A 526 0.50 -9.46 -15.56
N GLY A 527 1.00 -8.40 -14.93
CA GLY A 527 1.71 -8.50 -13.64
C GLY A 527 1.91 -7.11 -13.04
N PRO A 528 2.61 -7.01 -11.88
CA PRO A 528 3.01 -5.69 -11.35
C PRO A 528 3.94 -4.89 -12.29
N LYS A 529 4.33 -3.68 -11.88
CA LYS A 529 5.09 -2.74 -12.75
C LYS A 529 6.41 -3.32 -13.26
N TRP A 530 7.17 -3.93 -12.35
CA TRP A 530 8.44 -4.62 -12.67
C TRP A 530 8.29 -5.95 -13.41
N ALA A 531 7.08 -6.53 -13.41
CA ALA A 531 6.84 -7.84 -14.02
C ALA A 531 6.90 -7.83 -15.53
N TYR A 532 7.08 -9.01 -16.08
CA TYR A 532 7.15 -9.22 -17.53
C TYR A 532 6.87 -10.69 -17.75
N PRO A 533 6.46 -11.07 -18.97
CA PRO A 533 6.11 -12.47 -19.16
C PRO A 533 7.36 -13.38 -19.23
N PRO A 534 7.19 -14.69 -19.01
CA PRO A 534 8.34 -15.60 -19.10
C PRO A 534 9.13 -15.50 -20.41
N ASP A 535 8.46 -15.17 -21.51
CA ASP A 535 9.13 -15.04 -22.82
C ASP A 535 10.33 -14.08 -22.80
N ILE A 536 10.21 -13.01 -22.01
CA ILE A 536 11.21 -11.95 -21.95
C ILE A 536 12.47 -12.45 -21.24
N GLU A 537 12.29 -13.20 -20.16
CA GLU A 537 13.42 -13.82 -19.47
C GLU A 537 14.12 -14.81 -20.38
N PHE A 538 13.36 -15.70 -21.01
CA PHE A 538 13.94 -16.66 -21.94
C PHE A 538 14.79 -15.95 -23.00
N HIS A 539 14.26 -14.87 -23.58
CA HIS A 539 14.96 -14.13 -24.65
C HIS A 539 16.29 -13.58 -24.14
N PHE A 540 16.25 -12.91 -22.98
CA PHE A 540 17.45 -12.33 -22.39
C PHE A 540 18.40 -13.37 -21.76
N GLN A 541 17.90 -14.57 -21.41
CA GLN A 541 18.78 -15.68 -21.03
C GLN A 541 19.59 -16.21 -22.22
N GLU A 542 18.92 -16.38 -23.36
CA GLU A 542 19.59 -16.86 -24.58
C GLU A 542 20.60 -15.83 -25.11
N MET A 543 20.33 -14.54 -24.95
CA MET A 543 21.28 -13.49 -25.37
C MET A 543 22.47 -13.28 -24.42
N ASN A 544 22.39 -13.77 -23.18
CA ASN A 544 23.46 -13.60 -22.19
C ASN A 544 23.82 -14.97 -21.57
N PRO A 545 24.61 -15.80 -22.30
CA PRO A 545 24.94 -17.15 -21.83
C PRO A 545 25.74 -17.22 -20.53
N ARG A 546 26.43 -16.14 -20.17
CA ARG A 546 27.16 -16.06 -18.91
C ARG A 546 26.24 -16.14 -17.68
N PHE A 547 24.99 -15.70 -17.83
CA PHE A 547 24.01 -15.82 -16.74
C PHE A 547 23.72 -17.30 -16.48
N MET A 548 23.83 -17.70 -15.23
CA MET A 548 23.75 -19.10 -14.84
C MET A 548 22.34 -19.66 -15.00
N GLY A 549 21.34 -18.78 -14.94
CA GLY A 549 19.95 -19.19 -15.03
C GLY A 549 19.01 -18.23 -14.34
N GLU A 550 17.80 -18.72 -14.06
CA GLU A 550 16.75 -17.92 -13.48
C GLU A 550 16.04 -18.69 -12.37
N PHE A 551 15.47 -17.94 -11.42
CA PHE A 551 14.63 -18.49 -10.38
C PHE A 551 13.32 -17.72 -10.41
N ILE A 552 12.24 -18.35 -10.88
CA ILE A 552 11.00 -17.61 -11.20
C ILE A 552 10.23 -17.26 -9.96
N TRP A 553 9.55 -16.11 -9.99
CA TRP A 553 8.57 -15.73 -8.97
C TRP A 553 7.14 -16.02 -9.45
N THR A 554 6.48 -17.11 -9.03
CA THR A 554 7.01 -18.25 -8.23
C THR A 554 6.65 -19.56 -8.92
N GLY A 555 7.12 -20.67 -8.37
CA GLY A 555 6.82 -22.00 -8.91
C GLY A 555 5.41 -22.45 -8.57
N PHE A 556 5.08 -22.38 -7.27
CA PHE A 556 3.76 -22.64 -6.73
C PHE A 556 3.22 -21.29 -6.25
N ASP A 557 1.90 -21.16 -6.24
CA ASP A 557 1.28 -20.06 -5.49
C ASP A 557 1.50 -20.24 -3.99
N TYR A 558 1.43 -19.11 -3.29
CA TYR A 558 1.65 -19.05 -1.85
C TYR A 558 0.62 -18.15 -1.17
N LEU A 559 0.51 -18.34 0.15
CA LEU A 559 -0.41 -17.57 1.00
C LEU A 559 0.19 -16.22 1.38
N GLY A 560 -0.67 -15.22 1.55
CA GLY A 560 -0.25 -13.80 1.69
C GLY A 560 -0.49 -13.13 3.04
N GLU A 561 0.01 -11.88 3.13
CA GLU A 561 -0.13 -11.00 4.31
C GLU A 561 0.30 -11.67 5.61
N SER A 582 -7.28 -10.00 -1.09
CA SER A 582 -7.07 -11.31 -1.69
C SER A 582 -5.96 -12.07 -0.94
N ARG A 583 -6.30 -13.21 -0.35
CA ARG A 583 -5.44 -13.90 0.63
C ARG A 583 -4.24 -14.71 0.10
N SER A 584 -4.23 -15.02 -1.20
CA SER A 584 -3.26 -15.96 -1.82
C SER A 584 -2.69 -15.32 -3.08
N SER A 585 -1.66 -15.92 -3.66
CA SER A 585 -0.97 -15.30 -4.78
C SER A 585 -1.52 -15.76 -6.14
N TYR A 586 -1.13 -15.02 -7.17
CA TYR A 586 -1.38 -15.35 -8.56
C TYR A 586 -0.08 -15.64 -9.34
N PHE A 587 1.08 -15.52 -8.67
CA PHE A 587 2.39 -15.56 -9.33
C PHE A 587 2.86 -16.98 -9.71
N GLY A 588 2.33 -17.99 -9.03
CA GLY A 588 2.73 -19.37 -9.25
C GLY A 588 2.43 -19.89 -10.64
N ALA A 589 3.35 -20.68 -11.20
CA ALA A 589 3.09 -21.45 -12.43
C ALA A 589 2.09 -22.59 -12.17
N VAL A 590 2.06 -23.05 -10.94
CA VAL A 590 1.13 -24.05 -10.44
C VAL A 590 0.37 -23.37 -9.31
N ASP A 591 -0.88 -23.76 -9.11
CA ASP A 591 -1.76 -23.04 -8.17
C ASP A 591 -1.57 -23.54 -6.74
N LEU A 592 -2.27 -22.91 -5.79
CA LEU A 592 -2.04 -23.18 -4.37
C LEU A 592 -2.27 -24.66 -3.94
N CYS A 593 -3.17 -25.36 -4.62
CA CYS A 593 -3.50 -26.76 -4.29
C CYS A 593 -2.77 -27.77 -5.17
N GLY A 594 -1.89 -27.30 -6.06
CA GLY A 594 -1.00 -28.15 -6.85
C GLY A 594 -1.47 -28.48 -8.25
N LEU A 595 -2.38 -27.69 -8.81
CA LEU A 595 -2.90 -27.91 -10.17
C LEU A 595 -2.22 -26.97 -11.16
N PRO A 596 -1.58 -27.52 -12.20
CA PRO A 596 -0.85 -26.63 -13.11
C PRO A 596 -1.73 -25.58 -13.79
N LYS A 597 -1.23 -24.35 -13.89
CA LYS A 597 -1.82 -23.35 -14.75
C LYS A 597 -1.19 -23.55 -16.12
N ASP A 598 -1.63 -22.80 -17.11
CA ASP A 598 -1.04 -22.90 -18.45
C ASP A 598 0.44 -22.54 -18.45
N ARG A 599 0.84 -21.65 -17.53
CA ARG A 599 2.22 -21.21 -17.40
C ARG A 599 3.18 -22.37 -17.13
N PHE A 600 2.73 -23.33 -16.34
CA PHE A 600 3.46 -24.61 -16.17
C PHE A 600 3.93 -25.18 -17.50
N TYR A 601 3.03 -25.22 -18.47
CA TYR A 601 3.33 -25.81 -19.76
C TYR A 601 4.27 -24.94 -20.57
N LEU A 602 4.13 -23.62 -20.45
CA LEU A 602 5.08 -22.70 -21.08
C LEU A 602 6.49 -23.01 -20.61
N TYR A 603 6.65 -23.15 -19.30
CA TYR A 603 7.95 -23.49 -18.71
C TYR A 603 8.43 -24.86 -19.17
N GLN A 604 7.54 -25.85 -19.10
CA GLN A 604 7.87 -27.20 -19.57
C GLN A 604 8.31 -27.26 -21.05
N SER A 605 7.75 -26.39 -21.89
CA SER A 605 8.16 -26.31 -23.30
C SER A 605 9.60 -25.82 -23.45
N GLN A 606 10.06 -25.05 -22.47
CA GLN A 606 11.38 -24.43 -22.51
C GLN A 606 12.47 -25.25 -21.81
N TRP A 607 12.07 -26.07 -20.85
CA TRP A 607 12.96 -26.68 -19.87
C TRP A 607 13.05 -28.21 -19.91
N THR A 608 12.28 -28.91 -20.75
CA THR A 608 12.27 -30.38 -20.81
C THR A 608 12.46 -30.91 -22.24
N ASP A 609 13.03 -32.10 -22.37
CA ASP A 609 13.28 -32.73 -23.67
C ASP A 609 12.15 -33.62 -24.14
N LYS A 610 11.53 -34.32 -23.17
CA LYS A 610 10.43 -35.23 -23.43
C LYS A 610 9.34 -34.50 -24.21
N PRO A 611 9.07 -34.91 -25.47
CA PRO A 611 8.17 -34.11 -26.31
C PRO A 611 6.80 -33.86 -25.69
N MET A 612 6.28 -32.66 -25.89
CA MET A 612 4.98 -32.30 -25.35
C MET A 612 4.30 -31.24 -26.20
N VAL A 613 3.05 -30.97 -25.87
CA VAL A 613 2.32 -29.88 -26.46
C VAL A 613 1.15 -29.57 -25.52
N HIS A 614 0.81 -28.29 -25.43
CA HIS A 614 -0.29 -27.85 -24.58
C HIS A 614 -1.10 -26.82 -25.36
N ILE A 615 -2.41 -26.87 -25.18
CA ILE A 615 -3.31 -25.95 -25.86
C ILE A 615 -4.11 -25.20 -24.81
N LEU A 616 -4.27 -23.90 -25.04
CA LEU A 616 -5.17 -23.05 -24.27
C LEU A 616 -5.80 -22.03 -25.25
N PRO A 617 -7.01 -21.51 -24.97
CA PRO A 617 -7.78 -21.71 -23.74
C PRO A 617 -8.66 -22.95 -23.80
N HIS A 618 -9.65 -23.07 -22.92
CA HIS A 618 -10.74 -24.05 -23.07
C HIS A 618 -11.59 -23.75 -24.32
N TRP A 619 -12.58 -24.62 -24.60
CA TRP A 619 -13.45 -24.46 -25.76
C TRP A 619 -14.96 -24.44 -25.41
N ASN A 620 -15.31 -23.89 -24.25
CA ASN A 620 -16.67 -23.38 -23.97
C ASN A 620 -16.78 -21.86 -24.13
N TRP A 621 -16.91 -21.41 -25.38
CA TRP A 621 -17.13 -20.00 -25.74
C TRP A 621 -18.49 -19.81 -26.43
N LYS A 622 -18.81 -18.57 -26.84
CA LYS A 622 -20.06 -18.23 -27.54
C LYS A 622 -19.80 -18.12 -29.05
N LYS A 623 -20.72 -18.65 -29.85
CA LYS A 623 -20.63 -18.58 -31.32
C LYS A 623 -20.62 -17.12 -31.74
N GLY A 624 -19.72 -16.77 -32.66
CA GLY A 624 -19.47 -15.39 -33.04
C GLY A 624 -18.08 -14.89 -32.67
N MET A 625 -17.55 -15.34 -31.52
CA MET A 625 -16.25 -14.82 -30.99
C MET A 625 -15.02 -15.32 -31.74
N ASN A 626 -14.03 -14.44 -31.88
CA ASN A 626 -12.68 -14.81 -32.30
C ASN A 626 -11.88 -15.19 -31.04
N ILE A 627 -11.49 -16.47 -30.91
CA ILE A 627 -10.65 -16.94 -29.81
C ILE A 627 -9.17 -16.98 -30.25
N PRO A 628 -8.28 -16.24 -29.54
CA PRO A 628 -6.87 -16.49 -29.78
C PRO A 628 -6.46 -17.80 -29.10
N VAL A 629 -5.83 -18.70 -29.85
CA VAL A 629 -5.44 -19.99 -29.32
C VAL A 629 -3.94 -20.04 -29.31
N TYR A 630 -3.39 -20.37 -28.16
CA TYR A 630 -1.94 -20.50 -27.96
C TYR A 630 -1.54 -21.96 -27.77
N VAL A 631 -0.37 -22.29 -28.31
CA VAL A 631 0.20 -23.62 -28.18
C VAL A 631 1.63 -23.47 -27.69
N TYR A 632 1.98 -24.29 -26.69
CA TYR A 632 3.35 -24.38 -26.17
C TYR A 632 3.89 -25.78 -26.43
N THR A 633 5.09 -25.84 -27.02
CA THR A 633 5.71 -27.13 -27.35
C THR A 633 7.22 -27.02 -27.49
N ASN A 634 7.92 -28.09 -27.13
CA ASN A 634 9.35 -28.22 -27.37
C ASN A 634 9.66 -28.84 -28.74
N CYS A 635 8.63 -29.11 -29.53
CA CYS A 635 8.81 -29.64 -30.87
C CYS A 635 9.06 -28.54 -31.88
N TYR A 636 9.39 -28.96 -33.09
CA TYR A 636 9.72 -28.07 -34.19
C TYR A 636 8.55 -27.18 -34.65
N GLU A 637 7.39 -27.81 -34.88
CA GLU A 637 6.19 -27.11 -35.36
C GLU A 637 4.94 -27.75 -34.76
N ALA A 638 3.80 -27.10 -34.98
CA ALA A 638 2.51 -27.65 -34.59
C ALA A 638 1.39 -27.21 -35.53
N GLU A 639 0.35 -28.04 -35.61
CA GLU A 639 -0.78 -27.84 -36.50
C GLU A 639 -2.07 -27.95 -35.70
N LEU A 640 -2.98 -26.99 -35.92
CA LEU A 640 -4.23 -26.91 -35.18
C LEU A 640 -5.38 -27.42 -36.05
N PHE A 641 -6.29 -28.17 -35.45
CA PHE A 641 -7.41 -28.80 -36.16
C PHE A 641 -8.71 -28.55 -35.41
N LEU A 642 -9.66 -27.87 -36.05
CA LEU A 642 -11.00 -27.67 -35.49
C LEU A 642 -11.95 -28.60 -36.23
N ASN A 643 -12.49 -29.58 -35.49
CA ASN A 643 -13.42 -30.59 -36.02
C ASN A 643 -12.90 -31.42 -37.22
N GLY A 644 -11.57 -31.44 -37.42
CA GLY A 644 -10.97 -32.05 -38.61
C GLY A 644 -10.32 -31.06 -39.56
N LYS A 645 -10.85 -29.84 -39.67
CA LYS A 645 -10.30 -28.83 -40.58
C LYS A 645 -8.94 -28.27 -40.09
N SER A 646 -7.88 -28.51 -40.85
CA SER A 646 -6.56 -27.92 -40.58
C SER A 646 -6.59 -26.41 -40.65
N LEU A 647 -6.34 -25.75 -39.52
CA LEU A 647 -6.17 -24.29 -39.48
C LEU A 647 -4.72 -23.85 -39.72
N GLY A 648 -3.87 -24.76 -40.21
CA GLY A 648 -2.52 -24.40 -40.67
C GLY A 648 -1.42 -24.84 -39.74
N LYS A 649 -0.22 -25.01 -40.29
CA LYS A 649 0.99 -25.30 -39.52
C LYS A 649 1.49 -24.01 -38.89
N ARG A 650 2.34 -24.16 -37.87
CA ARG A 650 3.12 -23.04 -37.31
C ARG A 650 4.43 -23.53 -36.72
N VAL A 651 5.54 -23.01 -37.24
CA VAL A 651 6.90 -23.40 -36.83
C VAL A 651 7.38 -22.48 -35.70
N LYS A 652 7.94 -23.09 -34.65
CA LYS A 652 8.50 -22.35 -33.52
C LYS A 652 9.80 -21.70 -33.96
N GLY A 653 9.99 -20.44 -33.56
CA GLY A 653 11.17 -19.67 -33.96
C GLY A 653 11.06 -19.06 -35.33
N ARG A 654 9.82 -18.94 -35.81
CA ARG A 654 9.52 -18.49 -37.17
C ARG A 654 8.15 -17.78 -37.19
N ASP A 655 7.09 -18.51 -36.84
CA ASP A 655 5.77 -17.93 -36.70
C ASP A 655 5.60 -17.43 -35.27
N LEU A 656 6.02 -16.18 -35.10
CA LEU A 656 6.15 -15.54 -33.79
C LEU A 656 4.79 -15.09 -33.34
N THR A 657 4.58 -15.07 -32.02
CA THR A 657 3.32 -14.62 -31.41
C THR A 657 3.53 -13.28 -30.73
N GLU A 658 2.63 -12.33 -31.00
CA GLU A 658 2.77 -10.99 -30.47
C GLU A 658 2.20 -10.93 -29.05
N ILE A 659 3.10 -10.89 -28.07
CA ILE A 659 2.72 -10.76 -26.66
C ILE A 659 2.63 -9.28 -26.30
N MET A 660 1.57 -8.90 -25.58
CA MET A 660 1.36 -7.50 -25.15
C MET A 660 1.91 -7.24 -23.73
N VAL A 661 3.02 -6.51 -23.64
CA VAL A 661 3.62 -6.11 -22.36
C VAL A 661 2.92 -4.86 -21.84
N ASN A 669 6.68 -1.62 -27.68
CA ASN A 669 6.14 -2.10 -26.42
C ASN A 669 5.78 -3.60 -26.45
N THR A 670 5.04 -4.04 -27.47
CA THR A 670 4.66 -5.46 -27.60
C THR A 670 5.82 -6.28 -28.18
N PHE A 671 5.96 -7.52 -27.71
CA PHE A 671 7.10 -8.39 -28.05
C PHE A 671 6.73 -9.48 -29.06
N GLN A 672 7.56 -9.64 -30.08
CA GLN A 672 7.44 -10.76 -31.02
C GLN A 672 8.09 -12.01 -30.40
N SER A 673 7.27 -12.86 -29.80
CA SER A 673 7.75 -14.04 -29.05
C SER A 673 7.90 -15.29 -29.90
N LYS A 674 9.07 -15.92 -29.79
CA LYS A 674 9.31 -17.19 -30.45
C LYS A 674 8.97 -18.40 -29.59
N TYR A 675 8.43 -18.17 -28.39
CA TYR A 675 8.19 -19.22 -27.42
C TYR A 675 6.72 -19.62 -27.35
N ARG A 676 5.90 -19.09 -28.28
CA ARG A 676 4.49 -19.45 -28.40
C ARG A 676 4.07 -19.60 -29.87
N LEU A 677 3.12 -20.49 -30.12
CA LEU A 677 2.50 -20.64 -31.41
C LEU A 677 1.04 -20.23 -31.27
N SER A 678 0.52 -19.46 -32.23
CA SER A 678 -0.79 -18.82 -32.08
C SER A 678 -1.64 -18.91 -33.34
N TRP A 679 -2.94 -19.12 -33.14
CA TRP A 679 -3.95 -19.02 -34.19
C TRP A 679 -5.04 -18.04 -33.75
N ASP A 680 -5.69 -17.41 -34.73
CA ASP A 680 -6.99 -16.75 -34.52
C ASP A 680 -8.08 -17.63 -35.07
N VAL A 681 -8.94 -18.12 -34.18
CA VAL A 681 -9.94 -19.12 -34.51
C VAL A 681 -11.33 -18.51 -34.29
N PRO A 682 -12.19 -18.57 -35.32
CA PRO A 682 -13.61 -18.33 -35.07
C PRO A 682 -14.23 -19.55 -34.38
N PHE A 683 -14.88 -19.33 -33.24
CA PHE A 683 -15.40 -20.41 -32.43
C PHE A 683 -16.62 -21.12 -33.06
N GLU A 684 -16.38 -22.29 -33.62
CA GLU A 684 -17.43 -23.28 -33.87
C GLU A 684 -17.23 -24.30 -32.75
N PRO A 685 -18.30 -24.68 -32.04
CA PRO A 685 -18.14 -25.68 -30.96
C PRO A 685 -17.85 -27.10 -31.48
N GLY A 686 -17.44 -27.98 -30.57
CA GLY A 686 -17.01 -29.34 -30.90
C GLY A 686 -15.65 -29.62 -30.31
N GLU A 687 -14.68 -30.02 -31.14
CA GLU A 687 -13.33 -30.37 -30.67
C GLU A 687 -12.22 -29.59 -31.37
N LEU A 688 -11.16 -29.32 -30.61
CA LEU A 688 -10.00 -28.61 -31.12
C LEU A 688 -8.79 -29.44 -30.74
N THR A 689 -8.03 -29.84 -31.75
CA THR A 689 -6.93 -30.76 -31.58
C THR A 689 -5.67 -30.16 -32.15
N VAL A 690 -4.56 -30.33 -31.41
CA VAL A 690 -3.27 -29.79 -31.81
C VAL A 690 -2.32 -30.96 -31.98
N LYS A 691 -1.58 -30.95 -33.10
CA LYS A 691 -0.59 -31.98 -33.39
C LYS A 691 0.80 -31.35 -33.45
N ALA A 692 1.74 -31.86 -32.65
CA ALA A 692 3.12 -31.37 -32.62
C ALA A 692 4.02 -32.31 -33.41
N TYR A 693 4.87 -31.76 -34.29
CA TYR A 693 5.76 -32.54 -35.14
C TYR A 693 7.22 -32.10 -34.99
N ASN A 694 8.13 -33.02 -35.26
CA ASN A 694 9.55 -32.69 -35.41
C ASN A 694 9.80 -32.24 -36.85
N ASN A 695 11.03 -31.84 -37.15
CA ASN A 695 11.38 -31.27 -38.46
C ASN A 695 11.28 -32.22 -39.68
N LEU A 696 11.12 -33.53 -39.43
CA LEU A 696 10.78 -34.50 -40.47
C LEU A 696 9.26 -34.70 -40.67
N GLY A 697 8.43 -33.98 -39.92
CA GLY A 697 6.99 -34.14 -40.01
C GLY A 697 6.41 -35.34 -39.27
N GLU A 698 7.17 -35.95 -38.35
CA GLU A 698 6.71 -37.09 -37.56
C GLU A 698 5.89 -36.59 -36.38
N LEU A 699 4.76 -37.24 -36.12
CA LEU A 699 3.94 -36.90 -34.97
C LEU A 699 4.69 -37.30 -33.71
N LYS A 700 4.83 -36.33 -32.79
CA LYS A 700 5.56 -36.48 -31.53
C LYS A 700 4.69 -36.20 -30.29
N ALA A 701 3.62 -35.42 -30.42
CA ALA A 701 2.65 -35.24 -29.34
C ALA A 701 1.36 -34.64 -29.88
N GLU A 702 0.25 -34.93 -29.21
CA GLU A 702 -1.03 -34.28 -29.51
C GLU A 702 -1.92 -34.14 -28.27
N LYS A 703 -2.73 -33.08 -28.28
CA LYS A 703 -3.74 -32.85 -27.26
C LYS A 703 -5.02 -32.44 -27.94
N THR A 704 -6.13 -32.80 -27.28
CA THR A 704 -7.48 -32.56 -27.78
C THR A 704 -8.30 -31.97 -26.63
N ILE A 705 -8.87 -30.80 -26.87
CA ILE A 705 -9.84 -30.18 -25.95
C ILE A 705 -11.19 -30.12 -26.64
N ARG A 706 -12.26 -30.17 -25.87
CA ARG A 706 -13.59 -30.06 -26.45
C ARG A 706 -14.60 -29.32 -25.59
N THR A 707 -15.59 -28.75 -26.28
CA THR A 707 -16.71 -28.06 -25.66
C THR A 707 -17.51 -29.01 -24.78
N ALA A 708 -17.53 -28.75 -23.47
CA ALA A 708 -18.30 -29.57 -22.53
C ALA A 708 -19.71 -29.02 -22.34
N GLY A 709 -20.66 -29.90 -22.00
CA GLY A 709 -22.03 -29.50 -21.70
C GLY A 709 -22.27 -29.14 -20.24
N LYS A 710 -23.50 -29.36 -19.79
CA LYS A 710 -23.89 -29.08 -18.41
C LYS A 710 -23.17 -30.03 -17.45
N PRO A 711 -22.63 -29.50 -16.33
CA PRO A 711 -22.09 -30.34 -15.26
C PRO A 711 -23.01 -31.48 -14.82
N ALA A 712 -22.55 -32.71 -14.99
CA ALA A 712 -23.33 -33.92 -14.70
C ALA A 712 -22.76 -34.84 -13.62
N GLN A 713 -21.43 -34.97 -13.54
CA GLN A 713 -20.80 -35.98 -12.68
C GLN A 713 -19.42 -35.57 -12.12
N ILE A 714 -19.12 -36.13 -10.94
CA ILE A 714 -17.88 -35.90 -10.21
C ILE A 714 -16.94 -37.10 -10.47
N LYS A 715 -15.70 -36.82 -10.90
CA LYS A 715 -14.66 -37.86 -10.97
C LYS A 715 -13.61 -37.60 -9.89
N LEU A 716 -13.07 -38.66 -9.31
CA LEU A 716 -12.05 -38.57 -8.28
C LEU A 716 -10.78 -39.26 -8.75
N ILE A 717 -9.66 -38.53 -8.72
CA ILE A 717 -8.36 -39.05 -9.16
C ILE A 717 -7.36 -38.84 -8.03
N PRO A 718 -7.13 -39.88 -7.21
CA PRO A 718 -6.01 -39.88 -6.27
C PRO A 718 -4.68 -39.87 -7.01
N ASP A 719 -3.73 -39.09 -6.50
CA ASP A 719 -2.36 -39.13 -7.01
C ASP A 719 -1.71 -40.45 -6.60
N ARG A 720 -2.08 -40.95 -5.42
CA ARG A 720 -1.60 -42.24 -4.94
C ARG A 720 -2.71 -43.03 -4.25
N LYS A 721 -2.88 -44.29 -4.69
CA LYS A 721 -3.91 -45.18 -4.18
C LYS A 721 -3.45 -46.00 -2.97
N VAL A 722 -2.15 -45.98 -2.68
CA VAL A 722 -1.60 -46.64 -1.48
C VAL A 722 -0.76 -45.61 -0.72
N ILE A 723 -1.06 -45.45 0.58
CA ILE A 723 -0.29 -44.53 1.43
C ILE A 723 0.15 -45.21 2.72
N THR A 724 1.20 -44.66 3.34
CA THR A 724 1.76 -45.25 4.55
C THR A 724 0.93 -44.92 5.81
N ALA A 725 0.77 -45.93 6.67
CA ALA A 725 -0.08 -45.85 7.87
C ALA A 725 0.63 -45.19 9.05
N ASP A 726 1.19 -44.00 8.83
CA ASP A 726 2.05 -43.35 9.84
C ASP A 726 1.38 -42.14 10.53
N GLY A 727 0.15 -41.82 10.13
CA GLY A 727 -0.56 -40.64 10.65
C GLY A 727 -0.29 -39.34 9.90
N LYS A 728 0.76 -39.31 9.06
CA LYS A 728 1.24 -38.07 8.40
C LYS A 728 1.03 -38.08 6.88
N ASP A 729 1.19 -39.24 6.24
CA ASP A 729 1.16 -39.38 4.77
C ASP A 729 -0.20 -38.99 4.18
N LEU A 730 -0.21 -38.51 2.94
CA LEU A 730 -1.41 -37.98 2.30
C LEU A 730 -1.65 -38.56 0.93
N SER A 731 -2.93 -38.56 0.54
CA SER A 731 -3.33 -38.76 -0.84
C SER A 731 -4.02 -37.49 -1.27
N TYR A 732 -3.58 -36.92 -2.39
CA TYR A 732 -4.17 -35.72 -2.99
C TYR A 732 -5.12 -36.16 -4.10
N ILE A 733 -6.42 -36.11 -3.80
CA ILE A 733 -7.45 -36.56 -4.73
C ILE A 733 -7.96 -35.37 -5.56
N THR A 734 -7.57 -35.32 -6.83
CA THR A 734 -8.09 -34.30 -7.75
C THR A 734 -9.57 -34.59 -7.90
N VAL A 735 -10.36 -33.51 -7.94
CA VAL A 735 -11.82 -33.58 -7.99
C VAL A 735 -12.22 -32.87 -9.28
N ARG A 736 -12.88 -33.59 -10.18
CA ARG A 736 -13.23 -33.05 -11.50
C ARG A 736 -14.74 -32.93 -11.65
N ILE A 737 -15.17 -31.79 -12.20
CA ILE A 737 -16.57 -31.58 -12.54
C ILE A 737 -16.67 -31.82 -14.03
N GLU A 738 -17.33 -32.94 -14.39
CA GLU A 738 -17.45 -33.42 -15.77
C GLU A 738 -18.91 -33.37 -16.29
N ASP A 739 -19.06 -33.17 -17.60
CA ASP A 739 -20.38 -33.33 -18.26
C ASP A 739 -20.82 -34.82 -18.38
N ARG A 740 -21.94 -35.08 -19.07
CA ARG A 740 -22.49 -36.45 -19.22
C ARG A 740 -21.55 -37.42 -19.93
N ASP A 741 -20.75 -36.91 -20.87
CA ASP A 741 -19.74 -37.70 -21.60
C ASP A 741 -18.29 -37.66 -21.04
N GLY A 742 -18.09 -37.14 -19.83
CA GLY A 742 -16.79 -37.17 -19.16
C GLY A 742 -15.85 -35.99 -19.37
N ASN A 743 -16.29 -34.97 -20.11
CA ASN A 743 -15.47 -33.80 -20.38
C ASN A 743 -15.51 -32.85 -19.20
N LEU A 744 -14.34 -32.33 -18.82
CA LEU A 744 -14.25 -31.34 -17.75
C LEU A 744 -15.05 -30.08 -18.11
N CYS A 745 -15.92 -29.66 -17.20
CA CYS A 745 -16.68 -28.41 -17.38
C CYS A 745 -15.76 -27.27 -16.99
N PRO A 746 -15.15 -26.59 -17.99
CA PRO A 746 -13.96 -25.79 -17.72
C PRO A 746 -14.13 -24.58 -16.76
N GLU A 747 -15.38 -24.21 -16.46
CA GLU A 747 -15.69 -23.09 -15.55
C GLU A 747 -16.49 -23.49 -14.28
N ALA A 748 -16.81 -24.76 -14.12
CA ALA A 748 -17.73 -25.18 -13.04
C ALA A 748 -17.25 -24.71 -11.66
N ASP A 749 -18.20 -24.30 -10.80
CA ASP A 749 -17.88 -23.90 -9.43
C ASP A 749 -18.74 -24.57 -8.36
N ASN A 750 -19.13 -25.82 -8.65
CA ASN A 750 -20.12 -26.52 -7.85
C ASN A 750 -19.55 -26.88 -6.50
N LEU A 751 -20.29 -26.55 -5.45
CA LEU A 751 -19.89 -26.95 -4.11
C LEU A 751 -19.87 -28.48 -4.04
N VAL A 752 -18.73 -29.05 -3.62
CA VAL A 752 -18.59 -30.50 -3.45
C VAL A 752 -18.34 -30.83 -1.97
N GLU A 753 -19.14 -31.73 -1.42
CA GLU A 753 -19.02 -32.18 -0.03
C GLU A 753 -18.36 -33.56 0.00
N PHE A 754 -17.64 -33.84 1.09
CA PHE A 754 -16.80 -35.03 1.15
C PHE A 754 -16.92 -35.80 2.47
N SER A 755 -16.89 -37.12 2.35
CA SER A 755 -16.92 -38.01 3.49
C SER A 755 -15.71 -38.94 3.42
N VAL A 756 -15.12 -39.21 4.57
CA VAL A 756 -13.99 -40.11 4.68
C VAL A 756 -14.28 -41.08 5.83
N GLU A 757 -14.46 -42.35 5.48
CA GLU A 757 -14.71 -43.42 6.45
C GLU A 757 -13.54 -44.42 6.40
N GLY A 758 -13.31 -45.11 7.51
CA GLY A 758 -12.39 -46.26 7.53
C GLY A 758 -11.01 -45.94 8.05
N ALA A 759 -9.99 -46.38 7.31
CA ALA A 759 -8.58 -46.29 7.72
C ALA A 759 -7.94 -44.93 7.39
N GLY A 760 -8.40 -43.91 8.10
CA GLY A 760 -7.94 -42.55 7.88
C GLY A 760 -9.02 -41.52 8.06
N HIS A 761 -8.75 -40.31 7.59
CA HIS A 761 -9.62 -39.18 7.82
C HIS A 761 -9.46 -38.06 6.80
N PHE A 762 -10.47 -37.20 6.77
CA PHE A 762 -10.39 -35.97 6.01
C PHE A 762 -9.30 -35.10 6.64
N ARG A 763 -8.38 -34.59 5.81
CA ARG A 763 -7.36 -33.66 6.29
C ARG A 763 -7.68 -32.25 5.88
N ALA A 764 -7.77 -32.02 4.57
CA ALA A 764 -7.85 -30.68 4.05
C ALA A 764 -8.42 -30.67 2.65
N VAL A 765 -8.69 -29.48 2.15
CA VAL A 765 -9.34 -29.34 0.86
C VAL A 765 -8.95 -27.97 0.27
N GLY A 766 -9.01 -27.84 -1.05
CA GLY A 766 -8.52 -26.62 -1.71
C GLY A 766 -8.87 -26.61 -3.18
N ASN A 767 -8.76 -25.44 -3.80
CA ASN A 767 -9.08 -25.31 -5.23
C ASN A 767 -8.25 -24.30 -6.05
N GLY A 768 -7.19 -23.73 -5.46
CA GLY A 768 -6.33 -22.77 -6.16
C GLY A 768 -6.91 -21.40 -6.48
N ASN A 769 -8.05 -21.06 -5.89
CA ASN A 769 -8.63 -19.72 -6.03
C ASN A 769 -8.02 -18.85 -4.95
N ALA A 770 -7.40 -17.75 -5.37
CA ALA A 770 -6.81 -16.79 -4.45
C ALA A 770 -7.86 -15.87 -3.81
N ALA A 771 -8.91 -15.54 -4.56
CA ALA A 771 -9.95 -14.60 -4.09
C ALA A 771 -11.09 -15.21 -3.24
N THR A 772 -11.11 -16.52 -3.02
CA THR A 772 -12.12 -17.11 -2.15
C THR A 772 -11.83 -16.90 -0.66
N THR A 773 -12.83 -17.23 0.14
CA THR A 773 -12.78 -17.15 1.59
C THR A 773 -13.05 -18.52 2.26
N GLU A 774 -13.12 -19.59 1.46
CA GLU A 774 -13.50 -20.91 1.96
C GLU A 774 -12.46 -21.51 2.87
N SER A 775 -12.93 -22.24 3.87
CA SER A 775 -12.06 -22.94 4.80
C SER A 775 -11.29 -24.06 4.12
N PHE A 776 -10.00 -24.16 4.43
CA PHE A 776 -9.17 -25.26 3.97
C PHE A 776 -9.48 -26.55 4.73
N ILE A 777 -10.01 -26.46 5.95
CA ILE A 777 -10.14 -27.64 6.83
C ILE A 777 -11.57 -28.09 7.16
N GLU A 778 -12.57 -27.63 6.40
CA GLU A 778 -13.92 -28.17 6.47
C GLU A 778 -14.10 -29.17 5.33
N PRO A 779 -14.86 -30.28 5.55
CA PRO A 779 -15.06 -31.30 4.50
C PRO A 779 -16.03 -30.88 3.37
N LYS A 780 -15.77 -29.71 2.78
CA LYS A 780 -16.59 -29.12 1.73
C LYS A 780 -15.68 -28.19 0.94
N ARG A 781 -15.85 -28.12 -0.37
CA ARG A 781 -15.11 -27.17 -1.20
C ARG A 781 -15.75 -26.99 -2.56
N LYS A 782 -15.70 -25.78 -3.09
CA LYS A 782 -16.25 -25.50 -4.40
C LYS A 782 -15.18 -25.73 -5.45
N ALA A 783 -15.60 -26.16 -6.63
CA ALA A 783 -14.72 -26.23 -7.77
C ALA A 783 -14.30 -24.83 -8.17
N PHE A 784 -13.14 -24.73 -8.83
CA PHE A 784 -12.69 -23.51 -9.51
C PHE A 784 -12.10 -23.92 -10.85
N SER A 785 -12.60 -23.35 -11.93
CA SER A 785 -12.24 -23.75 -13.29
C SER A 785 -12.28 -25.27 -13.52
N GLY A 786 -13.40 -25.89 -13.11
CA GLY A 786 -13.64 -27.33 -13.33
C GLY A 786 -13.14 -28.31 -12.27
N MET A 787 -12.20 -27.88 -11.42
CA MET A 787 -11.57 -28.79 -10.46
C MET A 787 -11.47 -28.20 -9.08
N CYS A 788 -11.34 -29.11 -8.11
CA CYS A 788 -10.82 -28.79 -6.77
C CYS A 788 -10.04 -30.01 -6.23
N MET A 789 -9.54 -29.94 -5.01
CA MET A 789 -8.60 -30.92 -4.48
C MET A 789 -9.01 -31.30 -3.07
N LEU A 790 -9.13 -32.61 -2.83
CA LEU A 790 -9.45 -33.16 -1.53
C LEU A 790 -8.23 -33.87 -1.01
N ILE A 791 -7.86 -33.60 0.23
CA ILE A 791 -6.66 -34.17 0.80
C ILE A 791 -7.04 -35.01 2.00
N VAL A 792 -6.54 -36.23 2.03
CA VAL A 792 -6.90 -37.20 3.05
C VAL A 792 -5.62 -37.78 3.63
N GLN A 793 -5.74 -38.36 4.81
CA GLN A 793 -4.58 -38.73 5.60
C GLN A 793 -4.82 -40.01 6.38
N SER A 794 -3.78 -40.82 6.48
CA SER A 794 -3.82 -42.04 7.27
C SER A 794 -3.88 -41.72 8.77
N ASP A 795 -4.25 -42.74 9.54
CA ASP A 795 -4.08 -42.71 10.99
C ASP A 795 -2.88 -43.58 11.36
N GLU A 796 -2.16 -43.16 12.40
CA GLU A 796 -0.97 -43.88 12.84
C GLU A 796 -1.27 -45.34 13.17
N ASN A 797 -0.48 -46.26 12.61
CA ASN A 797 -0.61 -47.70 12.85
C ASN A 797 -1.95 -48.36 12.46
N LYS A 798 -2.75 -47.68 11.63
CA LYS A 798 -4.07 -48.17 11.24
C LYS A 798 -4.09 -48.57 9.76
N GLN A 799 -3.90 -49.87 9.52
CA GLN A 799 -3.91 -50.43 8.16
C GLN A 799 -5.32 -50.62 7.64
N GLY A 800 -5.44 -50.85 6.33
CA GLY A 800 -6.72 -51.16 5.70
C GLY A 800 -7.20 -50.12 4.70
N LYS A 801 -8.46 -50.26 4.29
CA LYS A 801 -9.09 -49.41 3.28
C LYS A 801 -9.67 -48.15 3.92
N MET A 802 -9.63 -47.04 3.16
CA MET A 802 -10.19 -45.77 3.56
C MET A 802 -11.10 -45.33 2.41
N ASN A 803 -12.40 -45.21 2.70
CA ASN A 803 -13.41 -45.00 1.66
C ASN A 803 -13.80 -43.54 1.54
N ILE A 804 -13.59 -42.98 0.35
CA ILE A 804 -13.93 -41.58 0.07
C ILE A 804 -15.23 -41.55 -0.73
N THR A 805 -16.17 -40.71 -0.28
CA THR A 805 -17.39 -40.42 -1.02
C THR A 805 -17.38 -38.91 -1.30
N ALA A 806 -17.65 -38.53 -2.55
CA ALA A 806 -17.73 -37.12 -2.97
C ALA A 806 -19.10 -36.82 -3.55
N THR A 807 -19.75 -35.80 -2.97
CA THR A 807 -21.15 -35.54 -3.17
C THR A 807 -21.34 -34.07 -3.56
N SER A 808 -22.27 -33.81 -4.48
CA SER A 808 -22.56 -32.44 -4.93
C SER A 808 -24.00 -32.38 -5.41
N LYS A 809 -24.68 -31.27 -5.13
CA LYS A 809 -26.11 -31.13 -5.45
C LYS A 809 -26.37 -31.21 -6.97
N GLY A 810 -27.02 -32.30 -7.37
CA GLY A 810 -27.40 -32.54 -8.75
C GLY A 810 -26.37 -33.19 -9.68
N LEU A 811 -25.31 -33.79 -9.14
CA LEU A 811 -24.31 -34.51 -9.94
C LEU A 811 -24.17 -35.94 -9.43
N LYS A 812 -23.69 -36.84 -10.30
CA LYS A 812 -23.44 -38.23 -9.93
C LYS A 812 -22.35 -38.33 -8.87
N THR A 813 -22.75 -38.79 -7.68
CA THR A 813 -21.83 -39.13 -6.58
C THR A 813 -20.62 -39.98 -7.06
N ALA A 814 -19.45 -39.69 -6.49
CA ALA A 814 -18.20 -40.38 -6.84
C ALA A 814 -17.62 -41.08 -5.63
N LYS A 815 -17.00 -42.24 -5.88
CA LYS A 815 -16.29 -42.98 -4.82
C LYS A 815 -14.91 -43.47 -5.27
N THR A 816 -14.00 -43.59 -4.31
CA THR A 816 -12.71 -44.23 -4.54
C THR A 816 -12.18 -44.73 -3.20
N THR A 817 -11.37 -45.79 -3.25
CA THR A 817 -10.71 -46.34 -2.05
C THR A 817 -9.20 -46.00 -2.04
N ILE A 818 -8.73 -45.55 -0.89
CA ILE A 818 -7.31 -45.40 -0.66
C ILE A 818 -6.94 -46.51 0.32
N ASN A 819 -6.03 -47.38 -0.13
CA ASN A 819 -5.46 -48.40 0.73
C ASN A 819 -4.29 -47.82 1.52
N VAL A 820 -4.10 -48.34 2.74
CA VAL A 820 -3.15 -47.81 3.69
C VAL A 820 -2.39 -48.98 4.29
N GLU A 821 -1.05 -48.99 4.11
CA GLU A 821 -0.22 -50.14 4.51
C GLU A 821 0.87 -49.75 5.51
N LEU A 822 1.69 -50.71 5.92
CA LEU A 822 2.78 -50.53 6.91
C LEU A 822 2.24 -50.34 8.31
N MET B 21 -20.97 47.08 -25.18
CA MET B 21 -19.59 47.60 -25.43
C MET B 21 -18.51 46.66 -24.85
N ALA B 22 -17.63 46.19 -25.72
CA ALA B 22 -16.42 45.44 -25.33
C ALA B 22 -15.38 46.30 -24.58
N SER B 23 -15.52 47.62 -24.66
CA SER B 23 -14.63 48.58 -23.99
C SER B 23 -14.85 48.68 -22.46
N VAL B 24 -16.09 48.46 -22.00
CA VAL B 24 -16.49 48.57 -20.59
C VAL B 24 -16.48 47.24 -19.81
N THR B 25 -16.71 46.12 -20.50
CA THR B 25 -16.81 44.78 -19.86
C THR B 25 -15.44 44.14 -19.60
N ASP B 26 -15.31 43.44 -18.47
CA ASP B 26 -14.06 42.77 -18.07
C ASP B 26 -14.09 41.28 -18.41
N GLY B 27 -15.13 40.59 -17.94
CA GLY B 27 -15.35 39.19 -18.32
C GLY B 27 -16.76 38.78 -17.94
N ILE B 28 -17.54 38.33 -18.93
CA ILE B 28 -18.88 37.75 -18.68
C ILE B 28 -18.75 36.24 -18.50
N SER B 29 -19.68 35.69 -17.73
CA SER B 29 -19.72 34.24 -17.48
C SER B 29 -20.11 33.49 -18.75
N PHE B 30 -19.50 32.33 -18.96
CA PHE B 30 -19.78 31.48 -20.11
C PHE B 30 -20.17 30.06 -19.65
N ASN B 31 -20.80 29.98 -18.49
CA ASN B 31 -21.15 28.70 -17.88
C ASN B 31 -22.44 28.09 -18.43
N GLU B 32 -23.34 28.95 -18.94
CA GLU B 32 -24.70 28.53 -19.27
C GLU B 32 -24.75 27.75 -20.59
N ASN B 33 -25.58 26.71 -20.61
CA ASN B 33 -26.04 26.04 -21.85
C ASN B 33 -24.95 25.21 -22.52
N TRP B 34 -24.40 24.24 -21.77
CA TRP B 34 -23.51 23.23 -22.29
C TRP B 34 -24.20 21.87 -22.37
N ARG B 35 -23.74 21.06 -23.32
CA ARG B 35 -24.15 19.67 -23.45
C ARG B 35 -23.00 18.85 -22.86
N PHE B 36 -23.31 17.67 -22.29
CA PHE B 36 -22.28 16.80 -21.68
C PHE B 36 -22.55 15.30 -21.93
N PHE B 37 -21.46 14.54 -22.13
CA PHE B 37 -21.51 13.10 -22.36
C PHE B 37 -20.35 12.39 -21.65
N LYS B 38 -20.66 11.46 -20.76
CA LYS B 38 -19.65 10.61 -20.10
C LYS B 38 -19.34 9.45 -21.01
N GLY B 39 -18.06 9.23 -21.30
CA GLY B 39 -17.60 8.16 -22.22
C GLY B 39 -16.98 8.68 -23.52
N GLU B 40 -16.39 7.77 -24.29
CA GLU B 40 -15.79 8.07 -25.58
C GLU B 40 -16.86 8.06 -26.68
N ILE B 41 -16.93 9.14 -27.45
CA ILE B 41 -17.67 9.19 -28.71
C ILE B 41 -16.74 9.85 -29.72
N LYS B 42 -16.30 9.09 -30.72
CA LYS B 42 -15.42 9.60 -31.79
C LYS B 42 -16.13 10.68 -32.63
N GLY B 43 -15.36 11.66 -33.12
CA GLY B 43 -15.89 12.80 -33.87
C GLY B 43 -16.78 13.78 -33.11
N ALA B 44 -16.62 13.87 -31.79
CA ALA B 44 -17.43 14.78 -30.95
C ALA B 44 -16.96 16.23 -31.01
N GLU B 45 -15.75 16.45 -31.54
CA GLU B 45 -15.22 17.80 -31.75
C GLU B 45 -15.91 18.59 -32.88
N ALA B 46 -16.38 17.90 -33.91
CA ALA B 46 -16.79 18.53 -35.17
C ALA B 46 -18.17 19.20 -35.10
N ILE B 47 -18.35 20.22 -35.96
CA ILE B 47 -19.58 21.01 -36.08
C ILE B 47 -20.81 20.13 -36.34
N SER B 48 -20.65 19.10 -37.19
CA SER B 48 -21.75 18.24 -37.64
C SER B 48 -22.39 17.34 -36.57
N PHE B 49 -21.61 16.99 -35.52
CA PHE B 49 -22.01 15.98 -34.51
C PHE B 49 -23.34 16.28 -33.81
N ASP B 50 -24.29 15.35 -33.91
CA ASP B 50 -25.60 15.53 -33.27
C ASP B 50 -25.46 15.26 -31.77
N ASP B 51 -25.75 16.30 -30.97
CA ASP B 51 -25.74 16.19 -29.50
C ASP B 51 -27.13 16.43 -28.87
N ASP B 52 -28.19 16.10 -29.61
CA ASP B 52 -29.56 16.18 -29.11
C ASP B 52 -29.78 15.21 -27.94
N SER B 53 -29.21 14.01 -28.04
CA SER B 53 -29.28 13.01 -26.97
C SER B 53 -28.53 13.40 -25.69
N TRP B 54 -27.53 14.29 -25.80
CA TRP B 54 -26.69 14.68 -24.67
C TRP B 54 -27.45 15.51 -23.63
N ARG B 55 -26.98 15.41 -22.40
CA ARG B 55 -27.51 16.13 -21.24
C ARG B 55 -27.23 17.64 -21.28
N LYS B 56 -28.28 18.46 -21.18
CA LYS B 56 -28.14 19.93 -21.07
C LYS B 56 -27.66 20.25 -19.66
N LEU B 57 -26.84 21.30 -19.52
CA LEU B 57 -26.07 21.52 -18.27
C LEU B 57 -25.48 22.90 -18.12
N ASN B 58 -25.41 23.41 -16.88
CA ASN B 58 -24.63 24.60 -16.53
C ASN B 58 -23.37 24.20 -15.78
N LEU B 59 -22.27 24.87 -16.13
CA LEU B 59 -20.99 24.74 -15.44
C LEU B 59 -21.00 25.74 -14.26
N PRO B 60 -20.17 25.55 -13.23
CA PRO B 60 -19.17 24.48 -13.12
C PRO B 60 -19.77 23.10 -12.85
N HIS B 61 -19.02 22.05 -13.16
CA HIS B 61 -19.51 20.67 -13.10
C HIS B 61 -18.44 19.65 -12.67
N ASP B 62 -18.82 18.75 -11.75
CA ASP B 62 -17.98 17.64 -11.31
C ASP B 62 -18.75 16.33 -11.50
N TRP B 63 -18.40 15.56 -12.53
CA TRP B 63 -19.12 14.31 -12.84
C TRP B 63 -18.77 13.16 -11.88
N ALA B 64 -17.61 13.23 -11.22
CA ALA B 64 -17.18 12.14 -10.34
C ALA B 64 -18.05 11.98 -9.10
N ILE B 65 -18.49 13.09 -8.52
CA ILE B 65 -19.32 13.09 -7.30
C ILE B 65 -20.76 12.58 -7.49
N GLU B 66 -21.23 12.50 -8.73
CA GLU B 66 -22.55 11.92 -9.01
C GLU B 66 -22.49 10.38 -9.16
N GLY B 67 -21.28 9.81 -9.09
CA GLY B 67 -21.10 8.39 -8.80
C GLY B 67 -21.55 7.43 -9.89
N PRO B 68 -21.84 6.15 -9.56
CA PRO B 68 -21.79 5.60 -8.20
C PRO B 68 -20.39 5.10 -7.82
N GLY B 79 -12.18 4.62 -2.67
CA GLY B 79 -12.29 6.03 -3.08
C GLY B 79 -13.00 6.15 -4.41
N LEU B 80 -13.71 7.26 -4.61
CA LEU B 80 -14.60 7.46 -5.78
C LEU B 80 -13.85 7.47 -7.13
N PRO B 81 -14.54 7.06 -8.23
CA PRO B 81 -13.89 6.99 -9.54
C PRO B 81 -13.85 8.37 -10.21
N PHE B 82 -12.67 8.76 -10.67
CA PHE B 82 -12.39 10.12 -11.16
C PHE B 82 -11.81 10.17 -12.58
N HIS B 83 -11.89 9.04 -13.30
CA HIS B 83 -11.20 8.85 -14.58
C HIS B 83 -12.14 8.35 -15.69
N GLY B 84 -11.61 8.32 -16.91
CA GLY B 84 -12.36 7.94 -18.10
C GLY B 84 -12.31 9.08 -19.10
N THR B 85 -13.42 9.28 -19.82
CA THR B 85 -13.51 10.30 -20.86
C THR B 85 -14.80 11.10 -20.68
N GLY B 86 -14.68 12.42 -20.80
CA GLY B 86 -15.82 13.34 -20.70
C GLY B 86 -15.74 14.41 -21.76
N TRP B 87 -16.88 14.68 -22.39
CA TRP B 87 -17.01 15.62 -23.51
C TRP B 87 -18.00 16.72 -23.14
N TYR B 88 -17.59 17.97 -23.27
CA TYR B 88 -18.51 19.10 -23.14
C TYR B 88 -18.60 19.83 -24.47
N ARG B 89 -19.80 20.27 -24.85
CA ARG B 89 -20.04 21.01 -26.08
C ARG B 89 -20.89 22.21 -25.76
N LYS B 90 -20.58 23.34 -26.38
CA LYS B 90 -21.45 24.52 -26.32
C LYS B 90 -21.65 25.07 -27.73
N THR B 91 -22.91 25.31 -28.07
CA THR B 91 -23.28 25.83 -29.36
C THR B 91 -23.84 27.22 -29.11
N PHE B 92 -23.23 28.22 -29.74
CA PHE B 92 -23.63 29.63 -29.55
C PHE B 92 -23.49 30.45 -30.84
N ILE B 93 -24.27 31.52 -30.93
CA ILE B 93 -24.20 32.45 -32.04
C ILE B 93 -23.05 33.43 -31.80
N GLY B 94 -22.30 33.72 -32.87
CA GLY B 94 -21.34 34.81 -32.88
C GLY B 94 -22.08 36.13 -32.92
N ASP B 95 -22.29 36.72 -31.74
CA ASP B 95 -23.03 37.98 -31.53
C ASP B 95 -22.43 39.12 -32.37
N ALA B 96 -23.29 40.00 -32.89
CA ALA B 96 -22.88 41.14 -33.73
C ALA B 96 -21.80 42.02 -33.10
N GLN B 97 -21.92 42.23 -31.78
CA GLN B 97 -20.96 43.03 -31.00
C GLN B 97 -19.53 42.47 -31.01
N TRP B 98 -19.36 41.18 -31.31
CA TRP B 98 -18.02 40.55 -31.34
C TRP B 98 -17.31 40.69 -32.71
N LYS B 99 -17.97 41.28 -33.70
CA LYS B 99 -17.37 41.51 -35.02
C LYS B 99 -16.07 42.29 -34.88
N ASP B 100 -14.97 41.71 -35.37
CA ASP B 100 -13.61 42.30 -35.29
C ASP B 100 -13.03 42.44 -33.87
N LYS B 101 -13.68 41.85 -32.87
CA LYS B 101 -13.20 41.92 -31.49
C LYS B 101 -12.28 40.73 -31.24
N ILE B 102 -11.34 40.91 -30.31
CA ILE B 102 -10.50 39.80 -29.82
C ILE B 102 -11.38 39.00 -28.83
N VAL B 103 -11.53 37.69 -29.09
CA VAL B 103 -12.46 36.83 -28.34
C VAL B 103 -11.73 35.62 -27.76
N ARG B 104 -11.77 35.51 -26.45
CA ARG B 104 -11.08 34.47 -25.73
C ARG B 104 -12.04 33.77 -24.77
N ILE B 105 -11.83 32.47 -24.59
CA ILE B 105 -12.53 31.68 -23.59
C ILE B 105 -11.51 31.28 -22.53
N GLY B 106 -11.74 31.76 -21.30
CA GLY B 106 -10.89 31.44 -20.15
C GLY B 106 -11.49 30.33 -19.30
N PHE B 107 -10.73 29.25 -19.11
CA PHE B 107 -11.12 28.15 -18.24
C PHE B 107 -10.30 28.28 -16.96
N ASP B 108 -10.95 28.52 -15.82
CA ASP B 108 -10.25 28.56 -14.53
C ASP B 108 -9.76 27.18 -14.09
N GLY B 109 -10.43 26.13 -14.54
CA GLY B 109 -9.94 24.77 -14.30
C GLY B 109 -10.73 23.69 -15.01
N ALA B 110 -9.99 22.72 -15.55
CA ALA B 110 -10.59 21.61 -16.26
C ALA B 110 -9.81 20.34 -15.94
N MET B 111 -10.48 19.41 -15.26
CA MET B 111 -9.86 18.26 -14.62
C MET B 111 -10.18 16.97 -15.39
N SER B 112 -9.25 16.40 -16.16
CA SER B 112 -7.91 16.92 -16.43
C SER B 112 -7.54 16.40 -17.82
N GLU B 113 -6.35 16.74 -18.33
CA GLU B 113 -5.99 16.38 -19.71
C GLU B 113 -7.03 16.93 -20.68
N ALA B 114 -7.18 18.25 -20.68
CA ALA B 114 -8.13 18.91 -21.56
C ALA B 114 -7.57 19.02 -22.98
N LYS B 115 -8.44 18.76 -23.97
CA LYS B 115 -8.21 19.15 -25.36
C LYS B 115 -9.40 20.01 -25.76
N VAL B 116 -9.15 21.10 -26.49
CA VAL B 116 -10.22 22.04 -26.88
C VAL B 116 -10.27 22.29 -28.39
N TRP B 117 -11.49 22.28 -28.93
CA TRP B 117 -11.73 22.61 -30.34
C TRP B 117 -12.75 23.74 -30.44
N ILE B 118 -12.51 24.64 -31.39
CA ILE B 118 -13.50 25.64 -31.79
C ILE B 118 -13.79 25.38 -33.27
N ASN B 119 -15.07 25.21 -33.59
CA ASN B 119 -15.55 24.92 -34.95
C ASN B 119 -14.68 23.89 -35.68
N GLY B 120 -14.37 22.79 -34.97
CA GLY B 120 -13.63 21.67 -35.55
C GLY B 120 -12.12 21.78 -35.52
N VAL B 121 -11.59 22.98 -35.27
CA VAL B 121 -10.14 23.23 -35.27
C VAL B 121 -9.61 23.13 -33.84
N LYS B 122 -8.58 22.32 -33.63
CA LYS B 122 -7.97 22.16 -32.32
C LYS B 122 -7.19 23.43 -31.97
N VAL B 123 -7.52 24.03 -30.83
CA VAL B 123 -6.87 25.26 -30.37
C VAL B 123 -6.30 25.16 -28.96
N GLY B 124 -6.26 23.97 -28.37
CA GLY B 124 -5.95 23.85 -26.94
C GLY B 124 -5.52 22.49 -26.42
N GLU B 125 -4.58 22.53 -25.48
CA GLU B 125 -4.16 21.34 -24.75
C GLU B 125 -3.62 21.79 -23.40
N HIS B 126 -4.17 21.24 -22.32
CA HIS B 126 -3.77 21.59 -20.98
C HIS B 126 -3.92 20.41 -20.02
N PRO B 127 -2.79 19.82 -19.59
CA PRO B 127 -2.88 18.62 -18.76
C PRO B 127 -3.30 18.84 -17.31
N TYR B 128 -2.76 19.87 -16.66
CA TYR B 128 -2.89 20.03 -15.21
C TYR B 128 -4.22 20.70 -14.88
N GLY B 129 -5.09 19.99 -14.16
CA GLY B 129 -6.44 20.47 -13.86
C GLY B 129 -6.59 21.59 -12.86
N TYR B 130 -5.51 21.94 -12.13
CA TYR B 130 -5.58 22.99 -11.11
C TYR B 130 -5.11 24.37 -11.58
N THR B 131 -4.47 24.45 -12.74
CA THR B 131 -4.13 25.74 -13.32
C THR B 131 -5.12 26.08 -14.41
N GLY B 132 -5.50 27.35 -14.47
CA GLY B 132 -6.35 27.85 -15.53
C GLY B 132 -5.57 27.99 -16.83
N PHE B 133 -6.30 28.03 -17.94
CA PHE B 133 -5.74 28.30 -19.26
C PHE B 133 -6.75 29.10 -20.07
N GLU B 134 -6.30 29.56 -21.24
CA GLU B 134 -7.07 30.47 -22.09
C GLU B 134 -6.96 30.09 -23.59
N ILE B 135 -8.06 30.28 -24.31
CA ILE B 135 -8.20 29.87 -25.70
C ILE B 135 -8.63 31.07 -26.51
N ASP B 136 -7.78 31.49 -27.45
CA ASP B 136 -8.09 32.58 -28.38
C ASP B 136 -8.81 31.99 -29.59
N ILE B 137 -10.06 32.42 -29.78
CA ILE B 137 -10.92 31.91 -30.87
C ILE B 137 -11.23 32.99 -31.92
N THR B 138 -10.47 34.08 -31.92
CA THR B 138 -10.72 35.26 -32.76
C THR B 138 -10.73 34.92 -34.26
N LYS B 139 -9.69 34.24 -34.72
CA LYS B 139 -9.53 33.86 -36.13
C LYS B 139 -10.64 32.89 -36.60
N TYR B 140 -11.13 32.03 -35.71
CA TYR B 140 -12.07 30.95 -36.05
C TYR B 140 -13.54 31.25 -35.74
N LEU B 141 -13.80 32.42 -35.15
CA LEU B 141 -15.16 32.82 -34.76
C LEU B 141 -15.99 33.17 -36.00
N LYS B 142 -17.23 32.71 -36.04
CA LYS B 142 -18.16 33.01 -37.14
C LYS B 142 -19.23 33.98 -36.68
N ILE B 143 -19.28 35.18 -37.26
CA ILE B 143 -20.27 36.18 -36.88
C ILE B 143 -21.61 35.89 -37.56
N GLY B 144 -22.68 35.92 -36.78
CA GLY B 144 -24.03 35.68 -37.29
C GLY B 144 -24.44 34.23 -37.49
N GLU B 145 -23.49 33.29 -37.40
CA GLU B 145 -23.77 31.85 -37.51
C GLU B 145 -23.63 31.16 -36.16
N GLU B 146 -23.88 29.85 -36.14
CA GLU B 146 -23.62 29.02 -34.95
C GLU B 146 -22.14 28.67 -34.85
N ASN B 147 -21.62 28.64 -33.61
CA ASN B 147 -20.24 28.20 -33.32
C ASN B 147 -20.27 27.11 -32.27
N VAL B 148 -19.41 26.11 -32.45
CA VAL B 148 -19.39 24.91 -31.60
C VAL B 148 -18.07 24.81 -30.85
N LEU B 149 -18.11 25.11 -29.56
CA LEU B 149 -16.94 24.92 -28.69
C LEU B 149 -17.05 23.55 -28.02
N ALA B 150 -16.01 22.72 -28.20
CA ALA B 150 -15.97 21.36 -27.67
C ALA B 150 -14.74 21.15 -26.81
N VAL B 151 -14.92 20.50 -25.67
CA VAL B 151 -13.84 20.14 -24.74
C VAL B 151 -13.89 18.66 -24.43
N GLN B 152 -12.74 18.00 -24.60
CA GLN B 152 -12.56 16.63 -24.16
C GLN B 152 -11.60 16.64 -22.98
N LEU B 153 -12.00 15.98 -21.89
CA LEU B 153 -11.10 15.71 -20.77
C LEU B 153 -10.88 14.21 -20.74
N THR B 154 -9.61 13.80 -20.69
CA THR B 154 -9.24 12.40 -20.55
C THR B 154 -8.39 12.21 -19.27
N PRO B 155 -9.01 12.41 -18.08
CA PRO B 155 -8.29 12.21 -16.82
C PRO B 155 -7.88 10.75 -16.64
N ARG B 156 -6.62 10.51 -16.34
CA ARG B 156 -6.10 9.15 -16.21
C ARG B 156 -6.32 8.56 -14.83
N ASP B 157 -6.28 7.24 -14.79
CA ASP B 157 -6.31 6.49 -13.55
C ASP B 157 -4.98 6.73 -12.81
N LEU B 158 -5.05 6.74 -11.48
CA LEU B 158 -3.87 6.94 -10.63
C LEU B 158 -3.12 8.25 -10.94
N SER B 159 -3.91 9.32 -11.11
CA SER B 159 -3.40 10.65 -11.38
C SER B 159 -3.44 11.56 -10.14
N SER B 160 -4.07 11.09 -9.06
CA SER B 160 -4.24 11.88 -7.85
C SER B 160 -4.26 10.96 -6.63
N ARG B 161 -3.70 11.45 -5.52
CA ARG B 161 -3.69 10.74 -4.25
C ARG B 161 -4.86 11.13 -3.37
N TRP B 162 -5.62 12.14 -3.78
CA TRP B 162 -6.86 12.56 -3.15
C TRP B 162 -7.92 12.66 -4.25
N TYR B 163 -9.16 12.96 -3.87
CA TYR B 163 -10.24 13.11 -4.85
C TYR B 163 -10.08 14.38 -5.70
N PRO B 164 -9.83 14.23 -7.01
CA PRO B 164 -9.64 15.42 -7.85
C PRO B 164 -10.94 15.99 -8.43
N GLY B 165 -12.00 15.18 -8.42
CA GLY B 165 -13.15 15.43 -9.27
C GLY B 165 -12.82 15.13 -10.72
N ALA B 166 -13.77 15.41 -11.60
CA ALA B 166 -13.56 15.32 -13.02
C ALA B 166 -14.57 16.19 -13.73
N GLY B 167 -14.09 17.03 -14.66
CA GLY B 167 -14.95 17.91 -15.43
C GLY B 167 -14.44 19.33 -15.49
N ILE B 168 -15.28 20.20 -16.03
CA ILE B 168 -15.04 21.64 -16.03
C ILE B 168 -15.63 22.13 -14.71
N TYR B 169 -14.83 21.96 -13.67
CA TYR B 169 -15.24 22.10 -12.27
C TYR B 169 -15.05 23.53 -11.76
N ARG B 170 -14.37 24.36 -12.55
CA ARG B 170 -14.24 25.79 -12.25
C ARG B 170 -14.92 26.58 -13.34
N ASN B 171 -15.12 27.87 -13.05
CA ASN B 171 -15.91 28.75 -13.92
C ASN B 171 -15.26 28.90 -15.29
N VAL B 172 -16.08 29.20 -16.29
CA VAL B 172 -15.57 29.55 -17.63
C VAL B 172 -15.99 30.99 -17.95
N TRP B 173 -15.11 31.71 -18.64
CA TRP B 173 -15.28 33.15 -18.88
C TRP B 173 -15.19 33.49 -20.35
N LEU B 174 -16.11 34.33 -20.81
CA LEU B 174 -16.05 34.92 -22.15
C LEU B 174 -15.46 36.33 -22.06
N ARG B 175 -14.44 36.61 -22.86
CA ARG B 175 -13.75 37.88 -22.84
C ARG B 175 -13.75 38.46 -24.25
N VAL B 176 -14.42 39.61 -24.40
CA VAL B 176 -14.49 40.32 -25.67
C VAL B 176 -13.74 41.62 -25.51
N ASP B 177 -12.72 41.84 -26.34
CA ASP B 177 -11.91 43.03 -26.24
C ASP B 177 -11.67 43.72 -27.57
N ASN B 178 -11.33 45.00 -27.47
CA ASN B 178 -10.81 45.75 -28.58
C ASN B 178 -9.36 45.33 -28.80
N LYS B 179 -8.80 45.75 -29.93
CA LYS B 179 -7.46 45.28 -30.34
C LYS B 179 -6.31 45.89 -29.51
N VAL B 180 -6.61 46.84 -28.63
CA VAL B 180 -5.67 47.29 -27.61
C VAL B 180 -6.33 47.02 -26.26
N TYR B 181 -5.66 46.22 -25.42
CA TYR B 181 -6.29 45.69 -24.23
C TYR B 181 -5.28 45.08 -23.26
N ILE B 182 -5.71 44.94 -22.01
CA ILE B 182 -4.95 44.26 -20.97
C ILE B 182 -5.19 42.74 -21.08
N PRO B 183 -4.15 41.94 -21.44
CA PRO B 183 -4.36 40.47 -21.55
C PRO B 183 -4.55 39.80 -20.18
N GLU B 184 -4.77 38.47 -20.14
CA GLU B 184 -5.04 37.79 -18.85
C GLU B 184 -3.91 37.98 -17.83
N HIS B 185 -4.31 38.17 -16.57
CA HIS B 185 -3.38 38.45 -15.47
C HIS B 185 -2.50 39.69 -15.68
N GLY B 186 -3.01 40.65 -16.44
CA GLY B 186 -2.21 41.76 -16.95
C GLY B 186 -1.87 42.88 -15.99
N VAL B 187 -2.44 42.88 -14.79
CA VAL B 187 -2.14 43.91 -13.79
C VAL B 187 -1.56 43.28 -12.54
N TYR B 188 -0.53 43.94 -11.98
CA TYR B 188 0.23 43.44 -10.85
C TYR B 188 0.38 44.58 -9.86
N VAL B 189 -0.31 44.45 -8.72
CA VAL B 189 -0.36 45.48 -7.68
C VAL B 189 0.45 44.98 -6.49
N THR B 190 1.33 45.84 -5.98
CA THR B 190 2.11 45.61 -4.76
C THR B 190 2.10 46.87 -3.90
N THR B 191 2.53 46.73 -2.65
CA THR B 191 2.56 47.85 -1.72
C THR B 191 3.92 47.94 -1.03
N PRO B 192 4.91 48.58 -1.70
CA PRO B 192 6.28 48.61 -1.18
C PRO B 192 6.52 49.55 0.00
N THR B 193 5.54 50.39 0.34
CA THR B 193 5.49 51.04 1.65
C THR B 193 4.08 50.89 2.23
N VAL B 194 4.01 50.47 3.49
CA VAL B 194 2.76 50.39 4.26
C VAL B 194 3.06 50.91 5.66
N THR B 195 2.55 52.10 5.96
CA THR B 195 2.56 52.66 7.31
C THR B 195 1.17 53.18 7.60
N LYS B 196 0.94 53.47 8.88
CA LYS B 196 -0.35 53.97 9.34
C LYS B 196 -0.73 55.28 8.65
N SER B 197 0.22 56.18 8.49
CA SER B 197 -0.06 57.49 7.89
C SER B 197 0.00 57.48 6.34
N LYS B 198 0.77 56.55 5.75
CA LYS B 198 0.87 56.44 4.29
C LYS B 198 1.25 55.03 3.81
N ALA B 199 0.64 54.63 2.70
CA ALA B 199 1.03 53.44 1.96
C ALA B 199 1.19 53.82 0.49
N VAL B 200 2.08 53.13 -0.20
CA VAL B 200 2.34 53.37 -1.61
C VAL B 200 1.87 52.15 -2.36
N VAL B 201 1.11 52.37 -3.42
CA VAL B 201 0.57 51.29 -4.24
C VAL B 201 1.28 51.34 -5.57
N GLN B 202 2.10 50.34 -5.82
CA GLN B 202 2.85 50.23 -7.07
C GLN B 202 2.03 49.33 -7.99
N ILE B 203 1.88 49.76 -9.24
CA ILE B 203 1.03 49.08 -10.22
C ILE B 203 1.76 48.90 -11.55
N GLU B 204 1.88 47.64 -11.99
CA GLU B 204 2.46 47.30 -13.29
C GLU B 204 1.30 46.93 -14.19
N THR B 205 1.22 47.60 -15.34
CA THR B 205 0.16 47.37 -16.31
C THR B 205 0.76 46.76 -17.58
N THR B 206 0.22 45.62 -17.99
CA THR B 206 0.56 45.00 -19.26
C THR B 206 -0.53 45.36 -20.28
N VAL B 207 -0.11 45.78 -21.47
CA VAL B 207 -1.03 46.16 -22.56
C VAL B 207 -0.61 45.47 -23.86
N LYS B 208 -1.53 44.69 -24.44
CA LYS B 208 -1.26 44.03 -25.71
C LYS B 208 -1.82 44.90 -26.84
N ASN B 209 -1.03 45.01 -27.90
CA ASN B 209 -1.39 45.74 -29.10
C ASN B 209 -1.59 44.74 -30.24
N ALA B 210 -2.84 44.54 -30.62
CA ALA B 210 -3.22 43.61 -31.68
C ALA B 210 -3.64 44.33 -32.97
N THR B 211 -3.42 45.65 -33.04
CA THR B 211 -3.54 46.41 -34.30
C THR B 211 -2.27 46.24 -35.12
N PHE B 212 -2.27 46.79 -36.32
CA PHE B 212 -1.09 46.75 -37.21
C PHE B 212 -0.10 47.91 -36.97
N GLY B 213 -0.50 48.90 -36.15
CA GLY B 213 0.31 50.08 -35.89
C GLY B 213 0.88 50.11 -34.47
N ASN B 214 2.08 50.68 -34.36
CA ASN B 214 2.67 51.07 -33.06
C ASN B 214 1.82 52.21 -32.48
N GLY B 215 1.75 52.28 -31.15
CA GLY B 215 0.93 53.27 -30.47
C GLY B 215 1.38 53.57 -29.06
N LYS B 216 1.00 54.74 -28.58
CA LYS B 216 1.21 55.16 -27.20
C LYS B 216 -0.18 55.22 -26.59
N PHE B 217 -0.38 54.42 -25.55
CA PHE B 217 -1.69 54.34 -24.89
C PHE B 217 -1.63 54.91 -23.48
N ASN B 218 -2.66 55.65 -23.11
CA ASN B 218 -2.76 56.19 -21.77
C ASN B 218 -3.50 55.23 -20.84
N ILE B 219 -3.09 55.26 -19.57
CA ILE B 219 -3.64 54.37 -18.57
C ILE B 219 -4.22 55.23 -17.44
N ARG B 220 -5.42 54.89 -16.99
CA ARG B 220 -6.01 55.55 -15.84
C ARG B 220 -6.35 54.51 -14.78
N HIS B 221 -5.65 54.59 -13.65
CA HIS B 221 -5.91 53.73 -12.50
C HIS B 221 -6.78 54.52 -11.52
N SER B 222 -7.94 53.97 -11.16
CA SER B 222 -8.80 54.56 -10.14
C SER B 222 -8.86 53.62 -8.96
N ILE B 223 -8.33 54.07 -7.82
CA ILE B 223 -8.35 53.27 -6.59
C ILE B 223 -9.71 53.54 -5.95
N ILE B 224 -10.51 52.49 -5.85
CA ILE B 224 -11.89 52.59 -5.38
C ILE B 224 -11.98 51.97 -3.99
N ASN B 225 -12.64 52.68 -3.07
CA ASN B 225 -12.72 52.22 -1.68
C ASN B 225 -13.96 51.31 -1.50
N ALA B 226 -14.19 50.86 -0.27
CA ALA B 226 -15.23 49.87 0.01
C ALA B 226 -16.65 50.41 -0.18
N GLN B 227 -16.82 51.73 -0.06
CA GLN B 227 -18.11 52.39 -0.38
C GLN B 227 -18.34 52.58 -1.88
N GLY B 228 -17.36 52.26 -2.71
CA GLY B 228 -17.46 52.46 -4.16
C GLY B 228 -17.11 53.86 -4.63
N GLU B 229 -16.38 54.63 -3.82
CA GLU B 229 -15.94 55.97 -4.20
C GLU B 229 -14.44 56.00 -4.55
N THR B 230 -14.11 56.69 -5.64
CA THR B 230 -12.75 56.78 -6.15
C THR B 230 -11.97 57.74 -5.26
N VAL B 231 -11.04 57.21 -4.48
CA VAL B 231 -10.21 58.04 -3.58
C VAL B 231 -8.85 58.46 -4.15
N ALA B 232 -8.40 57.83 -5.23
CA ALA B 232 -7.12 58.17 -5.86
C ALA B 232 -7.06 57.76 -7.30
N ILE B 233 -6.58 58.66 -8.15
CA ILE B 233 -6.34 58.36 -9.56
C ILE B 233 -4.87 58.50 -9.93
N LEU B 234 -4.33 57.46 -10.55
CA LEU B 234 -2.93 57.43 -10.97
C LEU B 234 -2.87 57.27 -12.48
N ASN B 235 -2.17 58.18 -13.14
CA ASN B 235 -1.99 58.12 -14.59
C ASN B 235 -0.66 57.50 -14.94
N ASP B 236 -0.68 56.76 -16.05
CA ASP B 236 0.51 56.15 -16.61
C ASP B 236 0.26 56.11 -18.12
N ASN B 237 1.28 55.68 -18.85
CA ASN B 237 1.18 55.41 -20.29
C ASN B 237 2.19 54.34 -20.66
N VAL B 238 2.02 53.76 -21.84
CA VAL B 238 2.96 52.77 -22.34
C VAL B 238 2.98 52.81 -23.85
N GLU B 239 4.19 52.70 -24.42
CA GLU B 239 4.39 52.60 -25.86
C GLU B 239 4.50 51.12 -26.20
N VAL B 240 3.68 50.64 -27.13
CA VAL B 240 3.64 49.21 -27.49
C VAL B 240 3.62 48.99 -29.00
N ALA B 241 4.53 48.15 -29.49
CA ALA B 241 4.62 47.83 -30.92
C ALA B 241 3.48 46.91 -31.38
N ALA B 242 3.10 47.06 -32.65
CA ALA B 242 2.04 46.24 -33.26
C ALA B 242 2.37 44.75 -33.13
N GLY B 243 1.42 43.98 -32.62
CA GLY B 243 1.61 42.55 -32.40
C GLY B 243 2.28 42.18 -31.09
N GLU B 244 2.95 43.14 -30.44
CA GLU B 244 3.64 42.87 -29.18
C GLU B 244 2.79 43.29 -27.98
N GLN B 245 3.30 43.01 -26.77
CA GLN B 245 2.79 43.60 -25.53
C GLN B 245 3.92 44.35 -24.82
N GLY B 246 3.55 45.31 -23.99
CA GLY B 246 4.50 46.14 -23.26
C GLY B 246 4.06 46.28 -21.82
N LYS B 247 5.03 46.47 -20.93
CA LYS B 247 4.77 46.62 -19.51
C LYS B 247 5.19 48.02 -19.05
N THR B 248 4.46 48.57 -18.08
CA THR B 248 4.80 49.85 -17.47
C THR B 248 4.48 49.88 -15.98
N LEU B 249 5.30 50.56 -15.20
CA LEU B 249 5.11 50.69 -13.77
C LEU B 249 4.83 52.12 -13.38
N ALA B 250 3.89 52.28 -12.45
CA ALA B 250 3.73 53.55 -11.75
C ALA B 250 3.42 53.26 -10.30
N TYR B 251 3.39 54.29 -9.46
CA TYR B 251 3.00 54.17 -8.05
C TYR B 251 2.20 55.41 -7.62
N ILE B 252 1.55 55.31 -6.47
CA ILE B 252 0.72 56.40 -5.96
C ILE B 252 0.56 56.32 -4.46
N ASN B 253 0.54 57.49 -3.83
CA ASN B 253 0.39 57.60 -2.38
C ASN B 253 -1.06 57.45 -1.97
N MET B 254 -1.27 56.68 -0.90
CA MET B 254 -2.54 56.47 -0.24
C MET B 254 -2.35 56.93 1.19
N LEU B 255 -2.79 58.15 1.51
CA LEU B 255 -2.66 58.69 2.87
C LEU B 255 -3.74 58.10 3.76
N ASN B 256 -3.36 57.89 5.03
CA ASN B 256 -4.21 57.27 6.03
C ASN B 256 -4.96 56.06 5.46
N PRO B 257 -4.21 55.10 4.88
CA PRO B 257 -4.81 53.94 4.20
C PRO B 257 -5.55 53.01 5.16
N ASN B 258 -6.52 52.29 4.64
CA ASN B 258 -7.22 51.23 5.39
C ASN B 258 -6.41 49.96 5.22
N ILE B 259 -5.88 49.44 6.32
CA ILE B 259 -4.90 48.38 6.28
C ILE B 259 -5.61 47.03 6.27
N TRP B 260 -5.15 46.11 5.44
CA TRP B 260 -5.62 44.73 5.48
C TRP B 260 -4.94 44.01 6.65
N GLY B 261 -5.77 43.45 7.52
CA GLY B 261 -5.31 42.65 8.66
C GLY B 261 -6.37 41.64 8.94
N GLN B 262 -6.06 40.69 9.82
CA GLN B 262 -6.91 39.52 10.02
C GLN B 262 -8.22 39.91 10.71
N LYS B 263 -8.14 40.82 11.68
CA LYS B 263 -9.34 41.38 12.31
C LYS B 263 -10.10 42.35 11.38
N ASN B 264 -9.38 43.06 10.50
CA ASN B 264 -9.99 44.07 9.60
C ASN B 264 -9.53 43.94 8.11
N PRO B 265 -10.11 42.98 7.36
CA PRO B 265 -9.58 42.64 6.03
C PRO B 265 -10.09 43.56 4.91
N TYR B 266 -9.69 44.83 4.96
CA TYR B 266 -10.23 45.85 4.05
C TYR B 266 -9.72 45.61 2.62
N MET B 267 -10.64 45.58 1.66
CA MET B 267 -10.30 45.42 0.23
C MET B 267 -10.60 46.69 -0.56
N TYR B 268 -9.59 47.19 -1.26
CA TYR B 268 -9.78 48.20 -2.29
C TYR B 268 -10.05 47.47 -3.60
N LYS B 269 -10.61 48.19 -4.55
CA LYS B 269 -10.80 47.72 -5.92
C LYS B 269 -10.09 48.69 -6.87
N LEU B 270 -9.27 48.14 -7.77
CA LEU B 270 -8.58 48.94 -8.80
C LEU B 270 -9.36 48.84 -10.12
N LYS B 271 -9.72 50.00 -10.68
CA LYS B 271 -10.28 50.11 -12.02
C LYS B 271 -9.18 50.64 -12.93
N THR B 272 -8.70 49.81 -13.84
CA THR B 272 -7.72 50.26 -14.82
C THR B 272 -8.38 50.46 -16.19
N GLU B 273 -8.23 51.66 -16.75
CA GLU B 273 -8.83 52.03 -18.03
C GLU B 273 -7.72 52.35 -19.04
N ILE B 274 -7.79 51.74 -20.22
CA ILE B 274 -6.84 51.99 -21.29
C ILE B 274 -7.47 52.96 -22.29
N TYR B 275 -6.64 53.84 -22.85
CA TYR B 275 -7.10 54.84 -23.82
C TYR B 275 -6.13 54.92 -25.01
N ASP B 276 -6.71 54.94 -26.22
CA ASP B 276 -5.98 55.20 -27.49
C ASP B 276 -6.50 56.55 -27.98
N GLY B 277 -5.72 57.60 -27.72
CA GLY B 277 -6.25 58.98 -27.81
C GLY B 277 -7.34 59.19 -26.77
N LYS B 278 -8.43 59.83 -27.17
CA LYS B 278 -9.62 60.02 -26.31
C LYS B 278 -10.50 58.77 -26.15
N ASP B 279 -10.27 57.74 -26.97
CA ASP B 279 -11.14 56.55 -27.03
C ASP B 279 -10.73 55.47 -26.04
N LEU B 280 -11.63 55.21 -25.09
CA LEU B 280 -11.52 54.07 -24.19
C LEU B 280 -11.44 52.77 -25.01
N THR B 281 -10.34 52.02 -24.87
CA THR B 281 -10.23 50.69 -25.49
C THR B 281 -10.58 49.55 -24.53
N ASP B 282 -10.24 49.68 -23.24
CA ASP B 282 -10.39 48.57 -22.32
C ASP B 282 -10.58 49.04 -20.88
N THR B 283 -11.31 48.23 -20.11
CA THR B 283 -11.47 48.41 -18.67
C THR B 283 -11.20 47.06 -17.97
N TYR B 284 -10.30 47.07 -16.97
CA TYR B 284 -9.84 45.85 -16.28
C TYR B 284 -9.82 46.09 -14.76
N PHE B 285 -10.44 45.18 -13.99
CA PHE B 285 -10.53 45.30 -12.53
C PHE B 285 -9.57 44.38 -11.77
N THR B 286 -9.04 44.89 -10.65
CA THR B 286 -8.14 44.13 -9.78
C THR B 286 -8.52 44.42 -8.34
N ASP B 287 -8.85 43.37 -7.59
CA ASP B 287 -9.03 43.51 -6.14
C ASP B 287 -7.67 43.41 -5.47
N PHE B 288 -7.44 44.25 -4.47
CA PHE B 288 -6.21 44.17 -3.69
C PHE B 288 -6.42 44.62 -2.26
N GLY B 289 -5.38 44.43 -1.45
CA GLY B 289 -5.31 44.93 -0.09
C GLY B 289 -3.94 45.52 0.21
N ILE B 290 -3.87 46.27 1.30
CA ILE B 290 -2.67 47.00 1.70
C ILE B 290 -2.22 46.43 3.03
N ARG B 291 -1.16 45.64 2.97
CA ARG B 291 -0.53 45.04 4.14
C ARG B 291 0.91 44.70 3.78
N LYS B 292 1.80 44.84 4.75
CA LYS B 292 3.22 44.48 4.54
C LYS B 292 3.47 43.15 5.23
N ILE B 293 4.30 42.33 4.60
CA ILE B 293 4.75 41.08 5.21
C ILE B 293 6.27 41.05 5.21
N CYS B 294 6.83 40.37 6.21
CA CYS B 294 8.26 40.36 6.45
C CYS B 294 8.55 39.04 7.18
N PHE B 295 9.79 38.56 7.08
CA PHE B 295 10.21 37.37 7.84
C PHE B 295 11.71 37.38 8.13
N THR B 296 12.05 36.80 9.27
CA THR B 296 13.42 36.46 9.61
C THR B 296 13.44 34.99 10.00
N LYS B 297 14.63 34.49 10.29
CA LYS B 297 14.78 33.16 10.88
C LYS B 297 14.02 33.01 12.22
N ASP B 298 13.66 34.10 12.88
CA ASP B 298 12.92 34.03 14.14
C ASP B 298 11.39 34.14 14.03
N GLY B 299 10.86 34.38 12.83
CA GLY B 299 9.41 34.51 12.67
C GLY B 299 8.92 35.20 11.42
N PHE B 300 7.59 35.27 11.31
CA PHE B 300 6.89 35.93 10.22
C PHE B 300 6.15 37.14 10.81
N PHE B 301 6.08 38.23 10.08
CA PHE B 301 5.44 39.46 10.59
C PHE B 301 4.40 39.98 9.62
N LEU B 302 3.22 40.31 10.15
CA LEU B 302 2.13 40.90 9.37
C LEU B 302 1.89 42.30 9.95
N ASN B 303 2.11 43.32 9.12
CA ASN B 303 1.96 44.72 9.49
C ASN B 303 2.79 45.09 10.72
N GLY B 304 4.06 44.72 10.65
CA GLY B 304 5.05 45.03 11.66
C GLY B 304 4.89 44.31 12.99
N GLU B 305 3.99 43.33 13.08
CA GLU B 305 3.70 42.59 14.31
C GLU B 305 3.87 41.10 14.05
N LYS B 306 4.48 40.38 14.99
CA LYS B 306 4.59 38.92 14.95
C LYS B 306 3.23 38.30 14.63
N ILE B 307 3.20 37.39 13.67
CA ILE B 307 2.00 36.61 13.37
C ILE B 307 2.40 35.14 13.49
N ARG B 308 1.50 34.35 14.09
CA ARG B 308 1.69 32.91 14.21
C ARG B 308 0.60 32.20 13.43
N PHE B 309 0.95 31.06 12.85
CA PHE B 309 0.03 30.31 12.03
C PHE B 309 -0.70 29.27 12.86
N ASN B 310 -1.98 29.55 13.12
CA ASN B 310 -2.95 28.59 13.62
C ASN B 310 -3.65 28.11 12.39
N GLY B 311 -3.01 27.19 11.68
CA GLY B 311 -3.36 26.89 10.31
C GLY B 311 -3.93 25.52 10.10
N VAL B 312 -4.55 25.33 8.94
CA VAL B 312 -5.10 24.05 8.54
C VAL B 312 -4.80 23.82 7.08
N CYS B 313 -4.53 22.57 6.73
CA CYS B 313 -4.51 22.16 5.34
C CYS B 313 -5.95 21.83 4.98
N LEU B 314 -6.32 22.13 3.75
CA LEU B 314 -7.61 21.77 3.20
C LEU B 314 -7.42 21.30 1.78
N HIS B 315 -8.07 20.20 1.42
CA HIS B 315 -8.25 19.87 0.01
C HIS B 315 -9.41 20.66 -0.61
N HIS B 316 -9.38 20.74 -1.93
CA HIS B 316 -10.32 21.59 -2.69
C HIS B 316 -11.79 21.12 -2.80
N ASP B 317 -12.10 19.85 -2.53
CA ASP B 317 -13.49 19.40 -2.59
C ASP B 317 -14.33 19.93 -1.43
N ASN B 318 -15.64 19.93 -1.62
CA ASN B 318 -16.60 20.29 -0.58
C ASN B 318 -17.54 19.12 -0.24
N GLY B 319 -16.97 17.92 -0.13
CA GLY B 319 -17.68 16.71 0.27
C GLY B 319 -18.92 16.39 -0.55
N PRO B 320 -20.12 16.48 0.06
CA PRO B 320 -21.35 16.22 -0.73
C PRO B 320 -21.56 17.13 -1.94
N MET B 321 -20.94 18.31 -1.95
CA MET B 321 -20.98 19.25 -3.07
C MET B 321 -19.95 19.02 -4.18
N GLY B 322 -19.09 18.02 -4.04
CA GLY B 322 -18.11 17.71 -5.07
C GLY B 322 -17.06 18.79 -5.24
N ALA B 323 -16.42 18.81 -6.39
CA ALA B 323 -15.32 19.72 -6.66
C ALA B 323 -15.74 20.98 -7.41
N ALA B 324 -16.97 20.99 -7.96
CA ALA B 324 -17.47 22.14 -8.71
C ALA B 324 -17.50 23.34 -7.80
N VAL B 325 -16.97 24.47 -8.28
CA VAL B 325 -16.82 25.66 -7.44
C VAL B 325 -18.21 26.13 -6.99
N ASN B 326 -18.32 26.36 -5.69
CA ASN B 326 -19.50 26.95 -5.10
C ASN B 326 -19.05 27.89 -3.97
N VAL B 327 -19.31 29.18 -4.16
CA VAL B 327 -18.85 30.21 -3.23
C VAL B 327 -19.33 29.96 -1.79
N ARG B 328 -20.59 29.55 -1.62
CA ARG B 328 -21.16 29.37 -0.27
C ARG B 328 -20.55 28.19 0.49
N ALA B 329 -20.39 27.06 -0.20
CA ALA B 329 -19.72 25.92 0.40
C ALA B 329 -18.35 26.33 0.93
N ASP B 330 -17.58 27.06 0.14
CA ASP B 330 -16.22 27.49 0.54
C ASP B 330 -16.30 28.48 1.68
N GLU B 331 -17.18 29.47 1.56
CA GLU B 331 -17.38 30.45 2.63
C GLU B 331 -17.66 29.78 3.98
N ARG B 332 -18.58 28.81 3.98
CA ARG B 332 -18.96 28.06 5.18
C ARG B 332 -17.80 27.28 5.76
N LYS B 333 -17.04 26.62 4.88
CA LYS B 333 -15.86 25.88 5.31
C LYS B 333 -14.93 26.81 6.10
N LEU B 334 -14.64 27.96 5.51
CA LEU B 334 -13.73 28.95 6.08
C LEU B 334 -14.29 29.63 7.33
N GLN B 335 -15.59 29.90 7.34
CA GLN B 335 -16.25 30.44 8.54
C GLN B 335 -16.18 29.49 9.73
N ILE B 336 -16.32 28.19 9.48
CA ILE B 336 -16.21 27.18 10.53
C ILE B 336 -14.78 27.10 11.02
N MET B 337 -13.82 27.07 10.09
CA MET B 337 -12.41 27.12 10.45
C MET B 337 -12.10 28.32 11.36
N LYS B 338 -12.58 29.51 10.98
CA LYS B 338 -12.40 30.71 11.80
C LYS B 338 -13.00 30.59 13.21
N GLU B 339 -14.17 29.94 13.35
CA GLU B 339 -14.74 29.64 14.68
C GLU B 339 -13.81 28.77 15.53
N MET B 340 -13.08 27.86 14.88
CA MET B 340 -12.04 27.04 15.54
C MET B 340 -10.77 27.81 15.95
N GLY B 341 -10.64 29.07 15.53
CA GLY B 341 -9.43 29.85 15.78
C GLY B 341 -8.42 29.90 14.64
N VAL B 342 -8.77 29.31 13.49
CA VAL B 342 -7.90 29.25 12.33
C VAL B 342 -7.69 30.65 11.72
N ASN B 343 -6.43 31.05 11.54
CA ASN B 343 -6.10 32.29 10.84
C ASN B 343 -5.27 32.09 9.57
N ALA B 344 -5.05 30.84 9.17
CA ALA B 344 -4.13 30.54 8.08
C ALA B 344 -4.50 29.27 7.34
N ILE B 345 -4.30 29.24 6.02
CA ILE B 345 -4.68 28.09 5.18
C ILE B 345 -3.50 27.69 4.28
N ARG B 346 -3.20 26.39 4.24
CA ARG B 346 -2.27 25.81 3.27
C ARG B 346 -3.11 25.07 2.22
N THR B 347 -2.89 25.37 0.93
CA THR B 347 -3.71 24.82 -0.14
C THR B 347 -3.16 23.49 -0.63
N SER B 348 -3.23 22.51 0.25
CA SER B 348 -2.74 21.16 -0.02
C SER B 348 -3.51 20.52 -1.17
N HIS B 349 -2.85 20.07 -2.25
CA HIS B 349 -1.46 20.35 -2.60
C HIS B 349 -1.48 20.76 -4.07
N ASN B 350 -2.08 21.93 -4.28
CA ASN B 350 -2.42 22.41 -5.61
C ASN B 350 -3.05 23.82 -5.52
N PRO B 351 -2.97 24.61 -6.61
CA PRO B 351 -3.64 25.90 -6.61
C PRO B 351 -5.11 25.72 -6.34
N PRO B 352 -5.68 26.56 -5.46
CA PRO B 352 -7.11 26.47 -5.22
C PRO B 352 -7.85 27.23 -6.33
N SER B 353 -9.16 27.38 -6.19
CA SER B 353 -9.95 28.17 -7.12
C SER B 353 -9.72 29.65 -6.81
N PRO B 354 -9.95 30.55 -7.79
CA PRO B 354 -9.90 32.00 -7.53
C PRO B 354 -10.90 32.45 -6.48
N GLU B 355 -12.07 31.82 -6.49
CA GLU B 355 -13.17 32.14 -5.59
C GLU B 355 -12.79 31.82 -4.15
N PHE B 356 -12.08 30.72 -3.93
CA PHE B 356 -11.53 30.41 -2.62
C PHE B 356 -10.63 31.55 -2.10
N LEU B 357 -9.67 31.98 -2.91
CA LEU B 357 -8.73 33.05 -2.50
C LEU B 357 -9.38 34.41 -2.34
N ASP B 358 -10.46 34.67 -3.08
CA ASP B 358 -11.23 35.91 -2.89
C ASP B 358 -11.82 35.94 -1.50
N LEU B 359 -12.34 34.80 -1.05
CA LEU B 359 -12.87 34.66 0.30
C LEU B 359 -11.79 34.78 1.35
N CYS B 360 -10.64 34.15 1.13
CA CYS B 360 -9.54 34.31 2.10
C CYS B 360 -9.17 35.79 2.26
N ASP B 361 -9.11 36.53 1.15
CA ASP B 361 -8.87 37.98 1.21
C ASP B 361 -9.95 38.67 2.09
N ARG B 362 -11.22 38.37 1.80
CA ARG B 362 -12.34 39.07 2.42
C ARG B 362 -12.59 38.67 3.88
N MET B 363 -12.05 37.51 4.27
CA MET B 363 -12.21 36.95 5.60
C MET B 363 -10.93 37.04 6.46
N GLY B 364 -9.89 37.68 5.93
CA GLY B 364 -8.66 37.94 6.68
C GLY B 364 -7.74 36.76 6.94
N LEU B 365 -7.79 35.74 6.09
CA LEU B 365 -6.94 34.57 6.29
C LEU B 365 -5.69 34.73 5.44
N VAL B 366 -4.56 34.25 5.96
CA VAL B 366 -3.28 34.27 5.24
C VAL B 366 -3.10 32.90 4.64
N VAL B 367 -2.52 32.84 3.44
CA VAL B 367 -2.58 31.63 2.61
C VAL B 367 -1.21 31.20 2.12
N LEU B 368 -0.94 29.92 2.22
CA LEU B 368 0.24 29.30 1.66
C LEU B 368 -0.22 28.64 0.38
N ASP B 369 0.07 29.28 -0.74
CA ASP B 369 -0.47 28.92 -2.06
C ASP B 369 0.46 27.90 -2.71
N GLU B 370 0.02 26.64 -2.81
CA GLU B 370 0.87 25.50 -3.20
C GLU B 370 0.67 25.03 -4.63
N ALA B 371 1.77 24.84 -5.36
CA ALA B 371 1.75 24.59 -6.79
C ALA B 371 1.64 23.10 -7.13
N PHE B 372 2.53 22.29 -6.55
CA PHE B 372 2.66 20.88 -6.95
C PHE B 372 2.70 19.92 -5.77
N ASP B 373 2.38 18.65 -6.05
CA ASP B 373 2.53 17.56 -5.10
C ASP B 373 3.76 16.69 -5.41
N GLU B 374 4.16 16.63 -6.66
CA GLU B 374 5.39 15.93 -7.04
C GLU B 374 6.06 16.73 -8.12
N TRP B 375 7.37 16.55 -8.26
CA TRP B 375 8.15 17.20 -9.32
C TRP B 375 8.60 16.15 -10.35
N THR B 376 9.91 15.85 -10.44
CA THR B 376 10.44 14.90 -11.45
C THR B 376 10.11 13.43 -11.14
N LYS B 377 10.25 13.04 -9.86
CA LYS B 377 10.09 11.66 -9.45
C LYS B 377 8.63 11.41 -9.05
N ALA B 378 8.07 10.33 -9.58
CA ALA B 378 6.65 9.99 -9.43
C ALA B 378 6.29 9.47 -8.04
N LYS B 379 5.15 9.93 -7.52
CA LYS B 379 4.46 9.33 -6.37
C LYS B 379 3.32 8.43 -6.81
N VAL B 380 2.65 8.82 -7.91
CA VAL B 380 1.60 8.03 -8.53
C VAL B 380 1.86 7.91 -10.03
N ASP B 381 1.52 6.77 -10.61
CA ASP B 381 1.88 6.43 -11.99
C ASP B 381 1.63 7.55 -13.00
N ASN B 382 0.50 8.24 -12.88
CA ASN B 382 0.10 9.28 -13.83
C ASN B 382 -0.01 10.65 -13.20
N GLY B 383 0.89 10.93 -12.26
CA GLY B 383 0.96 12.20 -11.58
C GLY B 383 1.64 13.25 -12.43
N TYR B 384 1.84 14.42 -11.83
CA TYR B 384 2.44 15.58 -12.51
C TYR B 384 3.84 15.34 -13.09
N HIS B 385 4.57 14.34 -12.61
CA HIS B 385 5.89 14.04 -13.16
C HIS B 385 5.86 13.78 -14.67
N LEU B 386 4.74 13.28 -15.17
CA LEU B 386 4.54 13.13 -16.61
C LEU B 386 4.66 14.44 -17.38
N TYR B 387 4.28 15.56 -16.75
CA TYR B 387 4.23 16.86 -17.39
C TYR B 387 5.29 17.88 -16.94
N PHE B 388 6.00 17.57 -15.86
CA PHE B 388 6.91 18.53 -15.20
C PHE B 388 7.96 19.20 -16.10
N ASP B 389 8.62 18.41 -16.94
CA ASP B 389 9.68 18.94 -17.78
C ASP B 389 9.12 19.97 -18.74
N GLU B 390 8.02 19.65 -19.41
CA GLU B 390 7.43 20.53 -20.41
C GLU B 390 6.54 21.66 -19.82
N TRP B 391 6.02 21.49 -18.59
CA TRP B 391 4.96 22.37 -18.04
C TRP B 391 5.20 23.06 -16.66
N SER B 392 6.23 22.69 -15.90
CA SER B 392 6.40 23.23 -14.54
C SER B 392 6.64 24.75 -14.49
N LYS B 393 7.46 25.24 -15.42
CA LYS B 393 7.65 26.67 -15.53
C LYS B 393 6.33 27.37 -15.93
N LYS B 394 5.64 26.80 -16.91
CA LYS B 394 4.40 27.39 -17.41
C LYS B 394 3.28 27.38 -16.35
N ASP B 395 3.12 26.26 -15.64
CA ASP B 395 2.10 26.15 -14.59
C ASP B 395 2.41 27.00 -13.34
N LEU B 396 3.64 26.96 -12.85
CA LEU B 396 4.03 27.78 -11.70
C LEU B 396 3.94 29.28 -12.05
N THR B 397 4.35 29.62 -13.26
CA THR B 397 4.19 30.98 -13.75
C THR B 397 2.70 31.35 -13.75
N SER B 398 1.86 30.46 -14.30
CA SER B 398 0.43 30.69 -14.35
C SER B 398 -0.19 30.89 -12.96
N LEU B 399 0.29 30.13 -11.98
CA LEU B 399 -0.18 30.28 -10.59
C LEU B 399 0.13 31.68 -10.03
N ILE B 400 1.38 32.10 -10.18
CA ILE B 400 1.87 33.34 -9.60
C ILE B 400 1.23 34.55 -10.30
N MET B 401 1.19 34.55 -11.63
CA MET B 401 0.51 35.59 -12.43
C MET B 401 -0.94 35.72 -11.99
N ARG B 402 -1.58 34.59 -11.71
CA ARG B 402 -2.98 34.57 -11.28
C ARG B 402 -3.16 35.08 -9.86
N ASP B 403 -2.28 34.69 -8.93
CA ASP B 403 -2.53 34.95 -7.51
C ASP B 403 -1.73 36.06 -6.84
N ARG B 404 -0.78 36.67 -7.56
CA ARG B 404 0.14 37.64 -6.94
C ARG B 404 -0.49 38.98 -6.50
N ASN B 405 -1.79 39.18 -6.72
CA ASN B 405 -2.53 40.35 -6.18
C ASN B 405 -3.40 40.08 -4.94
N HIS B 406 -3.68 38.81 -4.62
CA HIS B 406 -4.46 38.48 -3.42
C HIS B 406 -3.68 38.87 -2.15
N PRO B 407 -4.28 39.74 -1.30
CA PRO B 407 -3.59 40.05 -0.05
C PRO B 407 -3.42 38.85 0.89
N SER B 408 -4.35 37.89 0.82
CA SER B 408 -4.31 36.69 1.65
C SER B 408 -3.03 35.87 1.45
N VAL B 409 -2.58 35.76 0.21
CA VAL B 409 -1.43 34.89 -0.13
C VAL B 409 -0.17 35.50 0.44
N ILE B 410 0.52 34.75 1.29
CA ILE B 410 1.78 35.19 1.90
C ILE B 410 3.00 34.31 1.58
N MET B 411 2.81 33.15 0.92
CA MET B 411 3.92 32.27 0.53
C MET B 411 3.58 31.49 -0.74
N TRP B 412 4.60 31.22 -1.54
CA TRP B 412 4.47 30.30 -2.67
C TRP B 412 5.10 28.95 -2.27
N SER B 413 4.27 27.92 -2.10
CA SER B 413 4.81 26.61 -1.80
C SER B 413 5.09 25.88 -3.12
N ILE B 414 6.37 25.64 -3.38
CA ILE B 414 6.79 24.97 -4.62
C ILE B 414 6.50 23.47 -4.67
N GLY B 415 6.34 22.83 -3.51
CA GLY B 415 6.02 21.40 -3.47
C GLY B 415 5.66 20.83 -2.08
N ASN B 416 5.21 19.57 -2.08
CA ASN B 416 4.89 18.84 -0.86
C ASN B 416 5.44 17.41 -0.87
N GLU B 417 6.25 17.06 0.12
CA GLU B 417 6.77 15.70 0.34
C GLU B 417 7.36 15.07 -0.92
N ILE B 418 7.99 15.92 -1.72
CA ILE B 418 8.58 15.54 -3.00
C ILE B 418 9.72 14.54 -2.82
N LEU B 419 9.80 13.56 -3.74
CA LEU B 419 10.75 12.44 -3.63
C LEU B 419 12.21 12.84 -3.86
N GLU B 420 12.43 14.02 -4.44
CA GLU B 420 13.79 14.54 -4.65
C GLU B 420 14.53 14.88 -3.34
N GLN B 421 13.81 14.92 -2.22
CA GLN B 421 14.38 15.08 -0.86
C GLN B 421 15.52 14.10 -0.57
N SER B 422 15.34 12.85 -1.02
CA SER B 422 16.33 11.78 -0.87
C SER B 422 17.39 11.71 -1.99
N ASP B 423 17.12 12.35 -3.14
CA ASP B 423 18.13 12.52 -4.21
C ASP B 423 19.28 13.40 -3.73
N LYS B 424 20.22 12.75 -3.05
CA LYS B 424 21.27 13.41 -2.30
C LYS B 424 22.06 14.44 -3.14
N LYS B 425 22.42 14.05 -4.35
CA LYS B 425 23.39 14.81 -5.14
C LYS B 425 22.75 15.95 -5.95
N LYS B 426 21.56 15.72 -6.51
CA LYS B 426 20.93 16.65 -7.45
C LYS B 426 19.49 17.07 -7.12
N GLY B 427 18.92 16.59 -6.03
CA GLY B 427 17.54 16.89 -5.69
C GLY B 427 17.34 18.37 -5.45
N PHE B 428 18.31 18.99 -4.77
CA PHE B 428 18.30 20.43 -4.54
C PHE B 428 18.17 21.28 -5.81
N THR B 429 18.64 20.78 -6.96
CA THR B 429 18.61 21.58 -8.19
C THR B 429 17.19 21.84 -8.66
N VAL B 430 16.29 20.89 -8.45
CA VAL B 430 14.90 21.07 -8.85
C VAL B 430 14.19 22.04 -7.91
N ALA B 431 14.56 22.06 -6.64
CA ALA B 431 14.00 23.06 -5.70
C ALA B 431 14.51 24.46 -6.02
N LYS B 432 15.81 24.60 -6.31
CA LYS B 432 16.38 25.90 -6.70
C LYS B 432 15.68 26.47 -7.93
N TYR B 433 15.53 25.62 -8.94
CA TYR B 433 14.89 26.01 -10.19
C TYR B 433 13.47 26.57 -9.96
N LEU B 434 12.65 25.86 -9.19
CA LEU B 434 11.29 26.35 -8.90
C LEU B 434 11.32 27.60 -8.00
N ALA B 435 12.24 27.61 -7.04
CA ALA B 435 12.41 28.77 -6.16
C ALA B 435 12.89 30.02 -6.91
N ASP B 436 13.72 29.84 -7.94
CA ASP B 436 14.18 30.96 -8.76
C ASP B 436 13.05 31.60 -9.56
N ILE B 437 12.12 30.78 -10.04
CA ILE B 437 10.93 31.27 -10.74
C ILE B 437 10.04 32.14 -9.82
N CYS B 438 9.77 31.66 -8.60
CA CYS B 438 9.08 32.47 -7.57
C CYS B 438 9.74 33.84 -7.36
N ARG B 439 11.06 33.86 -7.20
CA ARG B 439 11.80 35.10 -6.95
C ARG B 439 11.70 36.08 -8.13
N GLU B 440 11.82 35.57 -9.36
CA GLU B 440 11.73 36.38 -10.59
C GLU B 440 10.35 36.96 -10.87
N LEU B 441 9.30 36.24 -10.48
CA LEU B 441 7.93 36.66 -10.74
C LEU B 441 7.26 37.41 -9.61
N ASP B 442 7.62 37.11 -8.37
CA ASP B 442 7.05 37.84 -7.24
C ASP B 442 8.00 37.79 -6.04
N PRO B 443 9.04 38.64 -6.06
CA PRO B 443 9.89 38.79 -4.86
C PRO B 443 9.19 39.38 -3.62
N THR B 444 7.90 39.68 -3.69
CA THR B 444 7.17 40.25 -2.54
C THR B 444 6.57 39.22 -1.59
N ARG B 445 6.70 37.94 -1.91
CA ARG B 445 6.28 36.86 -1.01
C ARG B 445 7.35 35.76 -1.04
N PRO B 446 7.67 35.19 0.13
CA PRO B 446 8.72 34.16 0.17
C PRO B 446 8.27 32.84 -0.44
N SER B 447 9.24 32.03 -0.85
CA SER B 447 8.98 30.66 -1.28
C SER B 447 9.10 29.73 -0.08
N THR B 448 8.44 28.59 -0.19
CA THR B 448 8.50 27.56 0.83
C THR B 448 8.27 26.19 0.20
N CYS B 449 8.35 25.16 1.04
CA CYS B 449 8.15 23.77 0.62
C CYS B 449 7.84 22.93 1.86
N GLY B 450 6.98 21.93 1.71
CA GLY B 450 6.64 21.01 2.81
C GLY B 450 7.55 19.79 2.79
N PHE B 451 8.44 19.68 3.78
CA PHE B 451 9.46 18.62 3.85
C PHE B 451 9.12 17.60 4.93
N ASN B 452 8.89 16.34 4.53
CA ASN B 452 8.57 15.24 5.45
C ASN B 452 9.70 14.24 5.66
N TYR B 453 10.74 14.26 4.84
CA TYR B 453 11.94 13.48 5.16
C TYR B 453 12.72 14.33 6.15
N TYR B 454 13.48 13.66 7.01
CA TYR B 454 14.36 14.30 7.98
C TYR B 454 15.45 13.28 8.30
N PRO B 455 16.74 13.64 8.29
CA PRO B 455 17.25 15.00 8.02
C PRO B 455 17.50 15.34 6.54
N ALA B 456 17.01 14.51 5.62
CA ALA B 456 17.50 14.50 4.24
C ALA B 456 17.50 15.87 3.55
N PRO B 457 16.33 16.53 3.41
CA PRO B 457 16.34 17.81 2.69
C PRO B 457 17.13 18.92 3.37
N PHE B 458 17.39 18.79 4.67
CA PHE B 458 18.22 19.72 5.38
C PHE B 458 19.72 19.44 5.18
N ASP B 459 20.11 18.17 5.23
CA ASP B 459 21.49 17.76 4.91
C ASP B 459 21.81 17.74 3.41
N ASN B 460 20.81 17.59 2.55
CA ASN B 460 21.04 17.52 1.09
C ASN B 460 20.93 18.87 0.38
N ASN B 461 21.04 19.97 1.14
CA ASN B 461 21.08 21.33 0.58
C ASN B 461 19.78 21.74 -0.14
N MET B 462 18.65 21.09 0.20
CA MET B 462 17.36 21.39 -0.43
C MET B 462 16.62 22.47 0.33
N ALA B 463 16.53 22.34 1.65
CA ALA B 463 15.74 23.30 2.46
C ALA B 463 16.24 24.74 2.28
N GLN B 464 17.53 24.86 1.98
CA GLN B 464 18.22 26.12 1.86
C GLN B 464 17.91 26.84 0.54
N GLN B 465 17.27 26.15 -0.40
CA GLN B 465 16.89 26.73 -1.70
C GLN B 465 15.57 27.49 -1.67
N VAL B 466 14.76 27.29 -0.63
CA VAL B 466 13.54 28.09 -0.44
C VAL B 466 13.78 29.11 0.67
N ASP B 467 12.92 30.11 0.74
CA ASP B 467 13.09 31.16 1.72
C ASP B 467 12.73 30.68 3.13
N ILE B 468 11.67 29.87 3.23
CA ILE B 468 11.14 29.36 4.50
C ILE B 468 10.86 27.86 4.40
N ALA B 469 11.44 27.06 5.30
CA ALA B 469 11.30 25.61 5.25
C ALA B 469 10.12 25.15 6.08
N GLY B 470 9.32 24.26 5.51
CA GLY B 470 8.23 23.60 6.23
C GLY B 470 8.58 22.18 6.61
N MET B 471 8.28 21.79 7.86
CA MET B 471 8.46 20.42 8.32
C MET B 471 7.12 19.73 8.44
N ASN B 472 7.00 18.55 7.84
CA ASN B 472 5.81 17.72 7.94
C ASN B 472 6.03 16.63 8.95
N TYR B 473 5.36 16.77 10.11
CA TYR B 473 5.29 15.74 11.15
C TYR B 473 6.64 15.49 11.83
N LYS B 474 7.29 16.54 12.30
CA LYS B 474 8.61 16.44 12.92
C LYS B 474 8.77 17.27 14.18
N PRO B 475 7.71 17.35 15.02
CA PRO B 475 7.85 18.23 16.20
C PRO B 475 8.95 17.78 17.17
N GLY B 476 9.21 16.47 17.22
CA GLY B 476 10.34 15.91 17.95
C GLY B 476 11.72 16.37 17.50
N LYS B 477 11.84 16.81 16.24
CA LYS B 477 13.09 17.27 15.67
C LYS B 477 13.24 18.80 15.58
N TYR B 478 12.24 19.57 16.00
CA TYR B 478 12.30 21.04 15.92
C TYR B 478 13.48 21.63 16.63
N ALA B 479 13.73 21.14 17.84
CA ALA B 479 14.87 21.60 18.64
C ALA B 479 16.17 21.31 17.88
N GLU B 480 16.32 20.08 17.39
CA GLU B 480 17.56 19.63 16.77
C GLU B 480 17.86 20.36 15.46
N VAL B 481 16.87 20.46 14.58
CA VAL B 481 17.09 21.10 13.29
C VAL B 481 17.54 22.59 13.45
N GLN B 482 17.02 23.27 14.47
CA GLN B 482 17.49 24.62 14.84
C GLN B 482 18.97 24.73 15.31
N ARG B 483 19.49 23.74 16.02
N ARG B 483 19.46 23.72 16.03
CA ARG B 483 20.93 23.76 16.35
CA ARG B 483 20.88 23.62 16.38
C ARG B 483 21.79 23.40 15.13
C ARG B 483 21.73 23.43 15.12
N LEU B 484 21.32 22.46 14.29
CA LEU B 484 22.05 22.08 13.07
C LEU B 484 22.02 23.12 11.95
N TYR B 485 20.86 23.76 11.74
CA TYR B 485 20.66 24.73 10.67
C TYR B 485 20.01 26.00 11.25
N PRO B 486 20.77 26.73 12.09
CA PRO B 486 20.22 27.84 12.87
C PRO B 486 19.71 29.04 12.08
N ASP B 487 20.05 29.13 10.80
CA ASP B 487 19.70 30.27 9.95
C ASP B 487 18.44 30.06 9.11
N LEU B 488 17.86 28.85 9.13
CA LEU B 488 16.63 28.59 8.40
C LEU B 488 15.42 29.08 9.18
N PRO B 489 14.54 29.88 8.52
CA PRO B 489 13.18 30.07 9.04
C PRO B 489 12.35 28.80 8.84
N LEU B 490 11.46 28.51 9.80
CA LEU B 490 10.81 27.21 9.91
C LEU B 490 9.37 27.31 10.40
N TYR B 491 8.58 26.33 10.01
CA TYR B 491 7.22 26.16 10.54
C TYR B 491 6.80 24.75 10.28
N GLY B 492 5.70 24.35 10.89
CA GLY B 492 5.15 23.01 10.69
C GLY B 492 4.16 23.11 9.56
N SER B 493 4.59 22.70 8.37
CA SER B 493 3.74 22.77 7.16
C SER B 493 2.63 21.72 7.14
N GLU B 494 2.82 20.64 7.88
CA GLU B 494 1.78 19.62 7.96
C GLU B 494 1.88 18.88 9.29
N THR B 495 0.84 19.00 10.12
CA THR B 495 0.92 18.53 11.51
C THR B 495 -0.20 17.59 11.94
N SER B 496 0.07 16.88 13.03
CA SER B 496 -0.84 15.94 13.69
C SER B 496 -1.13 14.66 12.87
N SER B 497 -1.99 14.77 11.85
CA SER B 497 -2.54 13.62 11.11
C SER B 497 -3.35 12.67 12.02
N CYS B 498 -3.88 13.21 13.11
CA CYS B 498 -4.68 12.45 14.07
C CYS B 498 -5.98 12.07 13.36
N THR B 499 -6.46 10.86 13.59
CA THR B 499 -7.72 10.40 13.01
C THR B 499 -8.83 10.23 14.06
N SER B 500 -10.07 10.49 13.64
CA SER B 500 -11.27 10.21 14.43
C SER B 500 -12.53 10.22 13.56
N SER B 501 -13.59 9.59 14.09
CA SER B 501 -14.92 9.67 13.50
C SER B 501 -15.82 10.47 14.43
N ARG B 502 -16.65 11.34 13.85
CA ARG B 502 -17.57 12.15 14.64
C ARG B 502 -18.42 11.28 15.54
N GLY B 503 -18.38 11.58 16.84
CA GLY B 503 -19.29 11.00 17.81
C GLY B 503 -19.08 9.55 18.23
N VAL B 504 -18.00 8.92 17.74
CA VAL B 504 -17.76 7.50 17.94
C VAL B 504 -16.69 7.29 19.02
N TYR B 505 -17.00 6.52 20.05
CA TYR B 505 -16.05 6.24 21.16
C TYR B 505 -16.00 4.74 21.46
N HIS B 506 -14.82 4.15 21.29
CA HIS B 506 -14.61 2.72 21.49
C HIS B 506 -13.95 2.47 22.84
N LEU B 507 -14.72 1.93 23.79
CA LEU B 507 -14.28 1.73 25.20
C LEU B 507 -14.00 0.25 25.57
N PRO B 508 -12.74 -0.16 25.80
CA PRO B 508 -11.50 0.59 25.49
C PRO B 508 -10.54 -0.23 24.64
N ASN B 518 -13.28 -0.27 11.58
CA ASN B 518 -14.17 0.42 10.65
C ASN B 518 -14.28 1.93 10.89
N GLN B 519 -14.33 2.34 12.16
CA GLN B 519 -14.35 3.75 12.57
C GLN B 519 -13.17 4.01 13.52
N VAL B 520 -12.98 5.27 13.92
CA VAL B 520 -11.86 5.63 14.81
C VAL B 520 -12.33 6.51 15.98
N THR B 521 -11.75 6.27 17.14
CA THR B 521 -12.18 6.92 18.39
C THR B 521 -12.02 8.45 18.37
N SER B 522 -13.08 9.15 18.78
CA SER B 522 -13.09 10.62 18.92
C SER B 522 -12.49 11.10 20.26
N TYR B 523 -11.93 10.16 21.02
CA TYR B 523 -10.93 10.49 22.05
C TYR B 523 -9.63 11.12 21.49
N ASP B 524 -9.38 10.96 20.17
CA ASP B 524 -8.30 11.62 19.43
C ASP B 524 -6.94 11.16 19.93
N LEU B 525 -6.72 9.85 19.76
CA LEU B 525 -5.57 9.14 20.31
C LEU B 525 -4.73 8.34 19.30
N ILE B 526 -5.23 8.12 18.07
CA ILE B 526 -4.52 7.29 17.10
C ILE B 526 -4.48 7.86 15.68
N GLY B 527 -3.55 7.35 14.89
CA GLY B 527 -3.44 7.62 13.46
C GLY B 527 -2.35 6.74 12.85
N PRO B 528 -1.93 7.03 11.60
CA PRO B 528 -0.82 6.27 10.99
C PRO B 528 0.53 6.47 11.67
N LYS B 529 1.54 5.71 11.25
CA LYS B 529 2.89 5.68 11.89
C LYS B 529 3.48 7.05 12.29
N TRP B 530 3.31 8.04 11.41
CA TRP B 530 3.88 9.39 11.57
C TRP B 530 2.98 10.34 12.38
N ALA B 531 1.75 9.92 12.65
CA ALA B 531 0.73 10.79 13.24
C ALA B 531 0.92 10.96 14.74
N TYR B 532 0.32 12.02 15.26
CA TYR B 532 0.36 12.28 16.69
C TYR B 532 -0.82 13.19 17.09
N PRO B 533 -1.22 13.15 18.37
CA PRO B 533 -2.35 14.01 18.76
C PRO B 533 -1.98 15.51 18.69
N PRO B 534 -2.97 16.40 18.54
CA PRO B 534 -2.74 17.84 18.56
C PRO B 534 -1.91 18.37 19.74
N ASP B 535 -2.06 17.74 20.91
CA ASP B 535 -1.33 18.11 22.14
C ASP B 535 0.20 18.14 21.93
N ILE B 536 0.70 17.19 21.14
CA ILE B 536 2.15 17.04 20.89
C ILE B 536 2.68 18.19 20.03
N GLU B 537 1.92 18.63 19.03
CA GLU B 537 2.28 19.82 18.28
C GLU B 537 2.24 21.07 19.17
N PHE B 538 1.17 21.21 19.95
CA PHE B 538 1.02 22.34 20.87
C PHE B 538 2.23 22.39 21.78
N HIS B 539 2.60 21.23 22.32
CA HIS B 539 3.76 21.09 23.18
C HIS B 539 4.99 21.67 22.50
N PHE B 540 5.35 21.11 21.36
CA PHE B 540 6.63 21.45 20.71
C PHE B 540 6.64 22.86 20.10
N GLN B 541 5.49 23.34 19.62
CA GLN B 541 5.35 24.75 19.21
C GLN B 541 5.67 25.71 20.37
N GLU B 542 5.15 25.45 21.56
CA GLU B 542 5.45 26.28 22.73
C GLU B 542 6.94 26.20 23.12
N MET B 543 7.54 25.02 22.98
CA MET B 543 8.98 24.85 23.28
C MET B 543 9.88 25.46 22.22
N ASN B 544 9.33 25.76 21.04
CA ASN B 544 10.09 26.28 19.92
C ASN B 544 9.48 27.56 19.33
N PRO B 545 9.57 28.68 20.07
CA PRO B 545 8.90 29.92 19.65
C PRO B 545 9.30 30.46 18.26
N ARG B 546 10.52 30.13 17.82
CA ARG B 546 11.00 30.47 16.46
C ARG B 546 10.19 29.84 15.33
N PHE B 547 9.59 28.67 15.56
CA PHE B 547 8.68 28.09 14.55
C PHE B 547 7.48 29.03 14.38
N MET B 548 7.16 29.39 13.14
CA MET B 548 6.08 30.35 12.87
C MET B 548 4.67 29.83 13.22
N GLY B 549 4.51 28.51 13.25
CA GLY B 549 3.23 27.90 13.56
C GLY B 549 3.07 26.54 12.91
N GLU B 550 1.82 26.13 12.74
CA GLU B 550 1.49 24.82 12.21
C GLU B 550 0.34 24.88 11.21
N PHE B 551 0.24 23.84 10.39
CA PHE B 551 -0.86 23.67 9.45
C PHE B 551 -1.35 22.24 9.52
N ILE B 552 -2.52 22.02 10.13
CA ILE B 552 -2.94 20.65 10.48
C ILE B 552 -3.47 19.87 9.29
N TRP B 553 -3.22 18.56 9.36
CA TRP B 553 -3.80 17.60 8.44
C TRP B 553 -4.98 16.91 9.15
N THR B 554 -6.24 17.28 8.90
CA THR B 554 -6.71 18.42 8.09
C THR B 554 -7.77 19.18 8.87
N GLY B 555 -8.16 20.34 8.36
CA GLY B 555 -9.21 21.14 8.98
C GLY B 555 -10.58 20.50 8.77
N PHE B 556 -10.87 20.19 7.51
CA PHE B 556 -12.10 19.49 7.13
C PHE B 556 -11.65 18.13 6.62
N ASP B 557 -12.52 17.13 6.80
CA ASP B 557 -12.35 15.89 6.06
C ASP B 557 -12.51 16.17 4.55
N TYR B 558 -12.05 15.22 3.74
CA TYR B 558 -12.04 15.33 2.29
C TYR B 558 -12.23 13.94 1.67
N LEU B 559 -12.49 13.88 0.37
CA LEU B 559 -12.66 12.62 -0.35
C LEU B 559 -11.32 12.11 -0.85
N GLY B 560 -11.15 10.79 -0.86
CA GLY B 560 -9.87 10.13 -1.17
C GLY B 560 -9.85 9.45 -2.53
N GLU B 561 -8.71 8.78 -2.81
CA GLU B 561 -8.44 8.00 -4.03
C GLU B 561 -9.63 7.73 -4.98
N SER B 582 -12.56 2.88 3.18
CA SER B 582 -13.24 4.18 3.18
C SER B 582 -12.98 4.99 1.91
N ARG B 583 -13.96 5.82 1.56
CA ARG B 583 -13.85 6.77 0.44
C ARG B 583 -13.51 8.20 0.89
N SER B 584 -13.75 8.50 2.16
CA SER B 584 -13.51 9.83 2.73
C SER B 584 -12.44 9.67 3.83
N SER B 585 -11.89 10.80 4.27
CA SER B 585 -10.85 10.80 5.29
C SER B 585 -11.43 10.79 6.70
N TYR B 586 -10.53 10.58 7.66
CA TYR B 586 -10.80 10.73 9.10
C TYR B 586 -9.95 11.85 9.78
N PHE B 587 -9.09 12.52 9.00
CA PHE B 587 -8.09 13.45 9.56
C PHE B 587 -8.67 14.79 10.01
N GLY B 588 -9.82 15.15 9.49
CA GLY B 588 -10.38 16.47 9.70
C GLY B 588 -10.85 16.71 11.13
N ALA B 589 -10.58 17.90 11.67
CA ALA B 589 -11.23 18.38 12.89
C ALA B 589 -12.75 18.51 12.72
N VAL B 590 -13.15 18.82 11.50
CA VAL B 590 -14.54 18.92 11.08
C VAL B 590 -14.75 17.82 10.07
N ASP B 591 -15.93 17.20 10.09
CA ASP B 591 -16.22 16.09 9.19
C ASP B 591 -16.55 16.54 7.78
N LEU B 592 -16.84 15.58 6.91
CA LEU B 592 -17.05 15.84 5.49
C LEU B 592 -18.26 16.74 5.17
N CYS B 593 -19.26 16.78 6.05
CA CYS B 593 -20.44 17.63 5.84
C CYS B 593 -20.47 18.86 6.76
N GLY B 594 -19.33 19.19 7.39
CA GLY B 594 -19.21 20.41 8.16
C GLY B 594 -19.72 20.33 9.58
N LEU B 595 -19.80 19.12 10.15
CA LEU B 595 -20.12 18.98 11.57
C LEU B 595 -18.82 18.79 12.36
N PRO B 596 -18.59 19.63 13.39
CA PRO B 596 -17.33 19.51 14.13
C PRO B 596 -17.22 18.18 14.89
N LYS B 597 -16.03 17.60 14.94
CA LYS B 597 -15.74 16.49 15.85
C LYS B 597 -15.25 17.09 17.17
N ASP B 598 -14.98 16.24 18.15
CA ASP B 598 -14.45 16.74 19.42
C ASP B 598 -13.14 17.48 19.19
N ARG B 599 -12.31 16.93 18.28
CA ARG B 599 -11.08 17.58 17.82
C ARG B 599 -11.24 19.09 17.61
N PHE B 600 -12.26 19.48 16.86
CA PHE B 600 -12.56 20.89 16.62
C PHE B 600 -12.45 21.72 17.90
N TYR B 601 -13.05 21.22 18.98
CA TYR B 601 -13.08 21.96 20.26
C TYR B 601 -11.72 22.01 20.96
N LEU B 602 -10.95 20.94 20.85
CA LEU B 602 -9.59 20.93 21.37
C LEU B 602 -8.80 22.08 20.73
N TYR B 603 -8.83 22.15 19.40
CA TYR B 603 -8.21 23.28 18.68
C TYR B 603 -8.77 24.65 19.08
N GLN B 604 -10.09 24.74 19.25
CA GLN B 604 -10.75 25.99 19.66
C GLN B 604 -10.27 26.47 21.03
N SER B 605 -10.07 25.53 21.96
CA SER B 605 -9.57 25.81 23.30
C SER B 605 -8.11 26.32 23.36
N GLN B 606 -7.33 25.98 22.33
CA GLN B 606 -5.96 26.49 22.16
C GLN B 606 -5.88 27.82 21.42
N TRP B 607 -6.77 28.00 20.44
CA TRP B 607 -6.65 29.05 19.45
C TRP B 607 -7.62 30.22 19.55
N THR B 608 -8.54 30.20 20.53
CA THR B 608 -9.49 31.29 20.74
C THR B 608 -9.50 31.75 22.19
N ASP B 609 -10.03 32.96 22.38
CA ASP B 609 -10.13 33.62 23.68
C ASP B 609 -11.54 33.67 24.25
N LYS B 610 -12.56 33.65 23.39
CA LYS B 610 -13.93 33.72 23.90
C LYS B 610 -14.19 32.43 24.72
N PRO B 611 -14.50 32.56 26.03
CA PRO B 611 -14.64 31.40 26.89
C PRO B 611 -15.58 30.36 26.32
N MET B 612 -15.09 29.12 26.31
CA MET B 612 -15.86 27.98 25.87
C MET B 612 -15.49 26.80 26.76
N VAL B 613 -16.33 25.80 26.73
CA VAL B 613 -16.02 24.56 27.40
C VAL B 613 -16.74 23.49 26.63
N HIS B 614 -16.06 22.37 26.44
CA HIS B 614 -16.60 21.27 25.68
C HIS B 614 -16.33 19.97 26.44
N ILE B 615 -17.30 19.04 26.36
CA ILE B 615 -17.29 17.78 27.09
C ILE B 615 -17.53 16.60 26.14
N LEU B 616 -16.77 15.52 26.35
CA LEU B 616 -16.96 14.25 25.67
C LEU B 616 -16.71 13.08 26.66
N PRO B 617 -17.19 11.86 26.40
CA PRO B 617 -17.98 11.47 25.21
C PRO B 617 -19.45 11.84 25.39
N HIS B 618 -20.34 11.17 24.67
CA HIS B 618 -21.77 11.16 25.02
C HIS B 618 -22.02 10.42 26.35
N TRP B 619 -23.28 10.28 26.76
CA TRP B 619 -23.61 9.71 28.08
C TRP B 619 -24.68 8.63 27.96
N ASN B 620 -24.37 7.63 27.14
CA ASN B 620 -25.27 6.51 26.79
C ASN B 620 -24.41 5.24 26.85
N TRP B 621 -24.11 4.86 28.08
CA TRP B 621 -23.30 3.68 28.41
C TRP B 621 -24.12 2.73 29.31
N LYS B 622 -23.50 1.63 29.75
CA LYS B 622 -24.15 0.64 30.62
C LYS B 622 -23.61 0.78 32.07
N LYS B 623 -24.43 0.41 33.06
CA LYS B 623 -24.03 0.49 34.49
C LYS B 623 -22.86 -0.45 34.78
N GLY B 624 -21.93 -0.01 35.61
CA GLY B 624 -20.70 -0.77 35.88
C GLY B 624 -19.45 -0.32 35.13
N MET B 625 -19.64 0.41 34.03
CA MET B 625 -18.52 0.97 33.25
C MET B 625 -17.94 2.22 33.92
N ASN B 626 -16.62 2.37 33.82
CA ASN B 626 -15.94 3.62 34.16
C ASN B 626 -15.69 4.36 32.85
N ILE B 627 -16.21 5.57 32.75
CA ILE B 627 -16.19 6.37 31.53
C ILE B 627 -15.11 7.45 31.65
N PRO B 628 -14.09 7.42 30.76
CA PRO B 628 -13.17 8.56 30.68
C PRO B 628 -13.88 9.78 30.10
N VAL B 629 -13.87 10.88 30.85
CA VAL B 629 -14.57 12.09 30.45
C VAL B 629 -13.52 13.13 30.23
N TYR B 630 -13.49 13.73 29.04
CA TYR B 630 -12.56 14.78 28.73
C TYR B 630 -13.31 16.10 28.60
N VAL B 631 -12.69 17.16 29.12
CA VAL B 631 -13.15 18.51 28.93
C VAL B 631 -12.03 19.31 28.28
N TYR B 632 -12.38 20.02 27.22
CA TYR B 632 -11.51 21.00 26.56
C TYR B 632 -12.09 22.37 26.84
N THR B 633 -11.24 23.26 27.32
CA THR B 633 -11.65 24.59 27.68
C THR B 633 -10.44 25.50 27.63
N ASN B 634 -10.70 26.79 27.45
CA ASN B 634 -9.66 27.83 27.54
C ASN B 634 -9.73 28.59 28.86
N CYS B 635 -10.58 28.15 29.80
CA CYS B 635 -10.65 28.78 31.13
C CYS B 635 -9.58 28.18 32.06
N TYR B 636 -9.41 28.80 33.22
CA TYR B 636 -8.44 28.36 34.23
C TYR B 636 -8.70 26.91 34.69
N GLU B 637 -9.96 26.64 35.08
CA GLU B 637 -10.37 25.34 35.64
C GLU B 637 -11.80 24.95 35.23
N ALA B 638 -12.13 23.69 35.41
CA ALA B 638 -13.49 23.21 35.21
C ALA B 638 -13.89 22.20 36.29
N GLU B 639 -15.19 22.12 36.57
CA GLU B 639 -15.74 21.20 37.56
C GLU B 639 -16.82 20.38 36.90
N LEU B 640 -16.74 19.06 37.04
CA LEU B 640 -17.71 18.13 36.48
C LEU B 640 -18.74 17.72 37.55
N PHE B 641 -20.02 17.71 37.18
CA PHE B 641 -21.11 17.28 38.07
C PHE B 641 -21.94 16.18 37.42
N LEU B 642 -22.04 15.03 38.08
CA LEU B 642 -23.00 13.98 37.70
C LEU B 642 -24.22 14.09 38.61
N ASN B 643 -25.39 14.27 38.01
CA ASN B 643 -26.68 14.41 38.72
C ASN B 643 -26.58 15.26 39.98
N GLY B 644 -25.93 16.42 39.86
CA GLY B 644 -25.79 17.37 40.95
C GLY B 644 -24.55 17.23 41.82
N LYS B 645 -24.00 16.02 41.92
CA LYS B 645 -22.83 15.73 42.75
C LYS B 645 -21.50 16.01 42.03
N SER B 646 -20.71 16.92 42.58
CA SER B 646 -19.38 17.25 42.11
C SER B 646 -18.46 16.02 42.05
N LEU B 647 -17.69 15.93 40.97
CA LEU B 647 -16.65 14.91 40.84
C LEU B 647 -15.25 15.54 40.92
N GLY B 648 -15.16 16.75 41.50
CA GLY B 648 -13.92 17.46 41.69
C GLY B 648 -13.62 18.50 40.62
N LYS B 649 -12.83 19.51 40.99
CA LYS B 649 -12.31 20.51 40.07
C LYS B 649 -11.05 19.97 39.40
N ARG B 650 -10.78 20.41 38.17
CA ARG B 650 -9.56 20.08 37.42
C ARG B 650 -8.98 21.36 36.83
N VAL B 651 -7.78 21.72 37.25
CA VAL B 651 -7.12 22.97 36.87
C VAL B 651 -6.25 22.72 35.63
N LYS B 652 -6.42 23.56 34.60
CA LYS B 652 -5.68 23.40 33.36
C LYS B 652 -4.21 23.76 33.59
N GLY B 653 -3.33 22.81 33.30
CA GLY B 653 -1.89 22.98 33.53
C GLY B 653 -1.39 22.34 34.81
N ARG B 654 -2.22 22.29 35.86
CA ARG B 654 -1.88 21.57 37.10
C ARG B 654 -2.26 20.09 36.93
N ASP B 655 -3.53 19.84 36.62
CA ASP B 655 -4.05 18.50 36.44
C ASP B 655 -3.93 18.10 34.98
N LEU B 656 -3.05 17.14 34.72
CA LEU B 656 -2.72 16.72 33.36
C LEU B 656 -3.44 15.43 33.02
N THR B 657 -3.50 15.11 31.74
CA THR B 657 -4.22 13.94 31.22
C THR B 657 -3.23 13.17 30.34
N GLU B 658 -3.05 11.88 30.64
CA GLU B 658 -2.09 11.07 29.89
C GLU B 658 -2.71 10.58 28.59
N ILE B 659 -1.92 10.58 27.51
CA ILE B 659 -2.38 10.13 26.18
C ILE B 659 -1.28 9.38 25.40
N MET B 660 -1.67 8.70 24.31
CA MET B 660 -0.77 7.90 23.47
C MET B 660 0.56 8.57 23.11
N ASN B 669 6.36 6.62 24.88
CA ASN B 669 5.08 5.96 24.57
C ASN B 669 3.85 6.69 25.09
N THR B 670 4.01 7.51 26.14
CA THR B 670 2.91 8.32 26.68
C THR B 670 3.35 9.75 27.09
N PHE B 671 2.40 10.68 27.02
CA PHE B 671 2.63 12.09 27.27
C PHE B 671 1.60 12.63 28.26
N GLN B 672 2.06 13.40 29.23
CA GLN B 672 1.19 14.03 30.22
C GLN B 672 0.79 15.40 29.66
N SER B 673 -0.45 15.51 29.19
CA SER B 673 -0.93 16.69 28.46
C SER B 673 -1.67 17.70 29.33
N LYS B 674 -1.25 18.96 29.26
CA LYS B 674 -1.94 20.03 29.94
C LYS B 674 -3.15 20.56 29.17
N TYR B 675 -3.31 20.12 27.93
CA TYR B 675 -4.34 20.68 27.05
C TYR B 675 -5.70 19.99 27.20
N ARG B 676 -5.81 19.02 28.12
CA ARG B 676 -7.04 18.27 28.35
C ARG B 676 -7.28 18.05 29.84
N LEU B 677 -8.50 18.33 30.30
CA LEU B 677 -8.92 17.98 31.65
C LEU B 677 -9.65 16.66 31.60
N SER B 678 -9.42 15.79 32.59
CA SER B 678 -9.98 14.44 32.57
C SER B 678 -10.46 13.94 33.94
N TRP B 679 -11.49 13.09 33.90
CA TRP B 679 -12.04 12.38 35.04
C TRP B 679 -12.37 10.97 34.59
N ASP B 680 -12.30 10.00 35.50
CA ASP B 680 -12.95 8.71 35.30
C ASP B 680 -14.22 8.70 36.13
N VAL B 681 -15.37 8.49 35.48
CA VAL B 681 -16.67 8.59 36.13
C VAL B 681 -17.41 7.24 36.02
N PRO B 682 -17.71 6.58 37.17
CA PRO B 682 -18.53 5.36 37.08
C PRO B 682 -19.95 5.70 36.58
N PHE B 683 -20.36 5.06 35.48
CA PHE B 683 -21.59 5.46 34.79
C PHE B 683 -22.85 5.24 35.61
N GLU B 684 -23.59 6.33 35.83
CA GLU B 684 -24.99 6.29 36.23
C GLU B 684 -25.74 7.10 35.18
N PRO B 685 -26.88 6.58 34.68
CA PRO B 685 -27.61 7.35 33.68
C PRO B 685 -28.13 8.64 34.28
N GLY B 686 -28.17 9.70 33.47
CA GLY B 686 -28.72 10.97 33.90
C GLY B 686 -28.10 12.16 33.18
N GLU B 687 -27.55 13.08 33.95
CA GLU B 687 -27.20 14.41 33.49
C GLU B 687 -25.77 14.75 33.91
N LEU B 688 -24.88 14.85 32.92
CA LEU B 688 -23.47 15.19 33.17
C LEU B 688 -23.16 16.62 32.73
N THR B 689 -22.88 17.48 33.71
CA THR B 689 -22.71 18.90 33.50
C THR B 689 -21.29 19.35 33.87
N VAL B 690 -20.69 20.20 33.04
CA VAL B 690 -19.38 20.79 33.33
C VAL B 690 -19.50 22.32 33.45
N LYS B 691 -18.80 22.90 34.41
CA LYS B 691 -18.78 24.34 34.63
C LYS B 691 -17.33 24.80 34.57
N ALA B 692 -17.02 25.66 33.60
CA ALA B 692 -15.70 26.25 33.50
C ALA B 692 -15.66 27.58 34.25
N TYR B 693 -14.60 27.78 35.06
CA TYR B 693 -14.41 29.02 35.84
C TYR B 693 -13.05 29.65 35.50
N ASN B 694 -12.98 30.98 35.68
CA ASN B 694 -11.71 31.71 35.63
C ASN B 694 -10.96 31.59 36.97
N ASN B 695 -9.82 32.27 37.11
CA ASN B 695 -9.01 32.16 38.34
C ASN B 695 -9.62 32.80 39.61
N LEU B 696 -10.68 33.60 39.45
CA LEU B 696 -11.46 34.14 40.59
C LEU B 696 -12.70 33.30 40.92
N GLY B 697 -12.78 32.07 40.43
CA GLY B 697 -13.95 31.22 40.67
C GLY B 697 -15.28 31.70 40.10
N GLU B 698 -15.24 32.61 39.12
CA GLU B 698 -16.46 33.16 38.49
C GLU B 698 -16.82 32.29 37.29
N LEU B 699 -18.08 31.88 37.18
CA LEU B 699 -18.54 31.02 36.08
C LEU B 699 -18.42 31.73 34.72
N LYS B 700 -17.81 31.07 33.74
CA LYS B 700 -17.59 31.63 32.39
C LYS B 700 -18.24 30.85 31.25
N ALA B 701 -18.39 29.54 31.42
CA ALA B 701 -18.98 28.71 30.40
C ALA B 701 -19.47 27.46 31.06
N GLU B 702 -20.44 26.82 30.43
CA GLU B 702 -21.20 25.75 31.05
C GLU B 702 -21.79 24.86 29.96
N LYS B 703 -21.69 23.54 30.14
CA LYS B 703 -22.32 22.58 29.23
C LYS B 703 -22.91 21.40 29.99
N THR B 704 -23.92 20.78 29.39
CA THR B 704 -24.61 19.65 29.98
C THR B 704 -24.97 18.66 28.89
N ILE B 705 -24.61 17.40 29.08
CA ILE B 705 -25.16 16.32 28.23
C ILE B 705 -26.04 15.44 29.10
N ARG B 706 -26.92 14.69 28.44
CA ARG B 706 -27.87 13.84 29.10
C ARG B 706 -27.90 12.48 28.47
N THR B 707 -28.31 11.48 29.25
CA THR B 707 -28.63 10.18 28.71
C THR B 707 -29.90 10.34 27.85
N ALA B 708 -29.85 9.81 26.64
CA ALA B 708 -30.93 9.93 25.67
C ALA B 708 -31.82 8.70 25.66
N GLY B 709 -33.12 8.91 25.48
CA GLY B 709 -34.07 7.84 25.20
C GLY B 709 -33.98 7.32 23.77
N LYS B 710 -34.88 6.39 23.45
CA LYS B 710 -34.99 5.84 22.09
C LYS B 710 -35.35 6.98 21.11
N PRO B 711 -34.91 6.87 19.83
CA PRO B 711 -35.26 7.85 18.80
C PRO B 711 -36.75 8.18 18.71
N ALA B 712 -37.06 9.46 18.52
CA ALA B 712 -38.44 9.99 18.66
C ALA B 712 -38.85 11.06 17.64
N GLN B 713 -37.98 12.06 17.46
CA GLN B 713 -38.28 13.21 16.61
C GLN B 713 -37.06 13.64 15.78
N ILE B 714 -37.35 14.26 14.63
CA ILE B 714 -36.32 14.88 13.79
C ILE B 714 -36.38 16.38 14.05
N LYS B 715 -35.22 17.01 14.16
CA LYS B 715 -35.14 18.46 14.22
C LYS B 715 -34.25 18.96 13.08
N LEU B 716 -34.63 20.10 12.54
CA LEU B 716 -33.96 20.69 11.40
C LEU B 716 -33.47 22.07 11.82
N ILE B 717 -32.16 22.29 11.69
CA ILE B 717 -31.57 23.60 11.98
C ILE B 717 -30.80 24.09 10.75
N PRO B 718 -31.42 24.98 9.96
CA PRO B 718 -30.70 25.65 8.87
C PRO B 718 -29.69 26.63 9.43
N ASP B 719 -28.57 26.78 8.72
CA ASP B 719 -27.51 27.68 9.12
C ASP B 719 -27.84 29.11 8.72
N ARG B 720 -28.43 29.28 7.53
CA ARG B 720 -28.98 30.56 7.07
C ARG B 720 -30.45 30.34 6.69
N LYS B 721 -31.33 31.11 7.34
CA LYS B 721 -32.77 31.04 7.07
C LYS B 721 -33.13 31.79 5.78
N VAL B 722 -32.38 32.84 5.41
CA VAL B 722 -32.54 33.50 4.12
C VAL B 722 -31.29 33.31 3.24
N ILE B 723 -31.52 33.00 1.95
CA ILE B 723 -30.45 32.85 0.95
C ILE B 723 -30.75 33.68 -0.31
N THR B 724 -29.86 33.65 -1.30
CA THR B 724 -29.98 34.42 -2.54
C THR B 724 -30.48 33.57 -3.72
N ALA B 725 -31.26 34.19 -4.61
CA ALA B 725 -31.88 33.50 -5.77
C ALA B 725 -31.03 33.60 -7.04
N ASP B 726 -29.81 33.06 -6.96
CA ASP B 726 -28.90 33.05 -8.11
C ASP B 726 -28.72 31.64 -8.71
N GLY B 727 -29.44 30.65 -8.18
CA GLY B 727 -29.27 29.25 -8.60
C GLY B 727 -28.03 28.53 -8.06
N LYS B 728 -27.28 29.20 -7.20
CA LYS B 728 -26.00 28.69 -6.66
C LYS B 728 -26.02 28.62 -5.10
N ASP B 729 -26.59 29.63 -4.44
CA ASP B 729 -26.48 29.81 -3.00
C ASP B 729 -27.20 28.68 -2.27
N LEU B 730 -26.67 28.34 -1.09
CA LEU B 730 -27.10 27.16 -0.33
C LEU B 730 -27.53 27.47 1.10
N SER B 731 -28.45 26.66 1.61
CA SER B 731 -28.66 26.55 3.05
C SER B 731 -28.27 25.12 3.44
N TYR B 732 -27.46 25.01 4.49
CA TYR B 732 -27.04 23.74 5.05
C TYR B 732 -27.89 23.49 6.28
N ILE B 733 -28.71 22.45 6.21
CA ILE B 733 -29.67 22.15 7.27
C ILE B 733 -29.22 20.93 8.05
N THR B 734 -28.80 21.16 9.30
CA THR B 734 -28.41 20.05 10.19
C THR B 734 -29.66 19.24 10.57
N VAL B 735 -29.55 17.91 10.46
CA VAL B 735 -30.61 16.99 10.82
C VAL B 735 -30.22 16.26 12.11
N ARG B 736 -30.93 16.55 13.20
CA ARG B 736 -30.72 15.87 14.47
C ARG B 736 -31.75 14.75 14.63
N ILE B 737 -31.31 13.57 15.07
CA ILE B 737 -32.19 12.56 15.64
C ILE B 737 -32.22 12.76 17.16
N GLU B 738 -33.30 13.37 17.66
CA GLU B 738 -33.46 13.61 19.09
C GLU B 738 -34.38 12.57 19.71
N ASP B 739 -34.51 12.62 21.03
CA ASP B 739 -35.49 11.80 21.77
C ASP B 739 -36.70 12.65 22.17
N ARG B 740 -37.62 12.04 22.91
CA ARG B 740 -38.76 12.71 23.54
C ARG B 740 -38.42 14.10 24.11
N ASP B 741 -37.30 14.23 24.82
CA ASP B 741 -36.91 15.48 25.49
C ASP B 741 -35.97 16.39 24.69
N GLY B 742 -35.76 16.06 23.41
CA GLY B 742 -34.88 16.87 22.56
C GLY B 742 -33.38 16.67 22.69
N ASN B 743 -32.92 15.70 23.49
CA ASN B 743 -31.48 15.39 23.60
C ASN B 743 -31.08 14.58 22.39
N LEU B 744 -29.84 14.74 21.95
CA LEU B 744 -29.34 14.04 20.76
C LEU B 744 -29.17 12.56 21.04
N CYS B 745 -29.72 11.72 20.17
CA CYS B 745 -29.51 10.27 20.28
C CYS B 745 -28.09 9.96 19.78
N PRO B 746 -27.13 9.79 20.71
CA PRO B 746 -25.71 9.87 20.33
C PRO B 746 -25.24 8.89 19.25
N GLU B 747 -25.80 7.68 19.22
CA GLU B 747 -25.40 6.66 18.26
C GLU B 747 -26.44 6.39 17.17
N ALA B 748 -27.47 7.25 17.07
CA ALA B 748 -28.60 7.00 16.16
C ALA B 748 -28.16 7.01 14.69
N ASP B 749 -28.79 6.15 13.90
CA ASP B 749 -28.44 5.95 12.48
C ASP B 749 -29.69 5.89 11.58
N ASN B 750 -30.76 6.53 12.02
CA ASN B 750 -32.09 6.35 11.42
C ASN B 750 -32.15 6.93 10.01
N LEU B 751 -32.66 6.13 9.07
CA LEU B 751 -32.85 6.59 7.67
C LEU B 751 -33.87 7.74 7.61
N VAL B 752 -33.40 8.92 7.17
CA VAL B 752 -34.23 10.12 7.06
C VAL B 752 -34.46 10.43 5.57
N GLU B 753 -35.69 10.81 5.24
CA GLU B 753 -36.12 11.08 3.88
C GLU B 753 -36.54 12.56 3.74
N PHE B 754 -36.15 13.17 2.62
CA PHE B 754 -36.32 14.60 2.40
C PHE B 754 -37.15 14.88 1.16
N SER B 755 -38.02 15.88 1.27
CA SER B 755 -38.70 16.44 0.11
C SER B 755 -38.58 17.96 0.19
N VAL B 756 -38.45 18.58 -0.97
CA VAL B 756 -38.18 20.00 -1.08
C VAL B 756 -39.06 20.57 -2.19
N GLU B 757 -39.83 21.58 -1.85
CA GLU B 757 -40.80 22.19 -2.77
C GLU B 757 -40.86 23.70 -2.59
N GLY B 758 -41.52 24.37 -3.54
CA GLY B 758 -41.54 25.83 -3.56
C GLY B 758 -40.31 26.37 -4.29
N ALA B 759 -39.76 27.48 -3.78
CA ALA B 759 -38.66 28.20 -4.46
C ALA B 759 -37.30 27.58 -4.15
N GLY B 760 -36.92 26.55 -4.90
CA GLY B 760 -35.62 25.90 -4.72
C GLY B 760 -35.65 24.41 -4.96
N HIS B 761 -34.56 23.73 -4.66
CA HIS B 761 -34.48 22.29 -4.85
C HIS B 761 -33.57 21.61 -3.86
N PHE B 762 -33.71 20.28 -3.81
CA PHE B 762 -32.76 19.41 -3.18
C PHE B 762 -31.45 19.53 -3.98
N ARG B 763 -30.32 19.57 -3.29
CA ARG B 763 -29.02 19.59 -3.96
C ARG B 763 -28.19 18.40 -3.55
N ALA B 764 -27.98 18.25 -2.25
CA ALA B 764 -27.21 17.14 -1.75
C ALA B 764 -27.45 16.87 -0.28
N VAL B 765 -26.97 15.72 0.14
CA VAL B 765 -27.07 15.30 1.52
C VAL B 765 -25.74 14.64 1.94
N GLY B 766 -25.43 14.68 3.23
CA GLY B 766 -24.20 14.06 3.77
C GLY B 766 -24.33 13.71 5.27
N ASN B 767 -23.37 12.95 5.79
CA ASN B 767 -23.35 12.65 7.24
C ASN B 767 -21.97 12.45 7.90
N GLY B 768 -20.89 12.79 7.18
CA GLY B 768 -19.53 12.64 7.72
C GLY B 768 -19.03 11.22 8.00
N ASN B 769 -19.71 10.21 7.47
CA ASN B 769 -19.28 8.84 7.61
C ASN B 769 -18.38 8.50 6.42
N ALA B 770 -17.11 8.27 6.71
CA ALA B 770 -16.13 7.88 5.71
C ALA B 770 -16.36 6.47 5.12
N ALA B 771 -17.08 5.61 5.86
CA ALA B 771 -17.27 4.19 5.48
C ALA B 771 -18.49 3.86 4.60
N THR B 772 -19.49 4.74 4.56
CA THR B 772 -20.69 4.50 3.75
C THR B 772 -20.43 4.50 2.22
N THR B 773 -21.40 3.95 1.49
CA THR B 773 -21.51 4.13 0.02
C THR B 773 -22.78 4.90 -0.35
N GLU B 774 -23.44 5.52 0.63
CA GLU B 774 -24.62 6.34 0.39
C GLU B 774 -24.34 7.45 -0.62
N SER B 775 -25.32 7.72 -1.48
CA SER B 775 -25.20 8.78 -2.47
C SER B 775 -25.21 10.13 -1.78
N PHE B 776 -24.43 11.04 -2.32
CA PHE B 776 -24.47 12.42 -1.90
C PHE B 776 -25.67 13.15 -2.51
N ILE B 777 -26.27 12.61 -3.57
CA ILE B 777 -27.26 13.34 -4.37
C ILE B 777 -28.63 12.65 -4.51
N GLU B 778 -28.99 11.78 -3.57
CA GLU B 778 -30.33 11.20 -3.50
C GLU B 778 -31.03 11.85 -2.32
N PRO B 779 -32.35 12.11 -2.41
CA PRO B 779 -33.06 12.86 -1.37
C PRO B 779 -33.40 12.02 -0.13
N LYS B 780 -32.35 11.48 0.48
CA LYS B 780 -32.46 10.58 1.65
C LYS B 780 -31.07 10.36 2.24
N ARG B 781 -30.98 10.19 3.55
CA ARG B 781 -29.70 9.88 4.20
C ARG B 781 -29.84 9.32 5.61
N LYS B 782 -29.13 8.21 5.82
CA LYS B 782 -28.92 7.58 7.12
C LYS B 782 -28.18 8.56 8.04
N ALA B 783 -28.69 8.78 9.24
CA ALA B 783 -27.98 9.57 10.24
C ALA B 783 -26.69 8.87 10.68
N PHE B 784 -25.76 9.65 11.21
CA PHE B 784 -24.51 9.11 11.73
C PHE B 784 -24.19 9.82 13.04
N SER B 785 -24.02 9.03 14.10
CA SER B 785 -23.84 9.56 15.46
C SER B 785 -24.80 10.74 15.76
N GLY B 786 -26.08 10.53 15.44
CA GLY B 786 -27.15 11.49 15.76
C GLY B 786 -27.55 12.46 14.66
N MET B 787 -26.66 12.70 13.71
CA MET B 787 -26.84 13.78 12.76
C MET B 787 -26.54 13.40 11.32
N CYS B 788 -27.13 14.17 10.42
CA CYS B 788 -26.76 14.20 9.02
C CYS B 788 -27.07 15.62 8.49
N MET B 789 -26.73 15.90 7.24
CA MET B 789 -26.76 17.27 6.73
C MET B 789 -27.53 17.35 5.41
N LEU B 790 -28.57 18.18 5.39
CA LEU B 790 -29.34 18.40 4.16
C LEU B 790 -28.88 19.70 3.55
N ILE B 791 -28.51 19.66 2.27
CA ILE B 791 -28.09 20.85 1.56
C ILE B 791 -29.12 21.15 0.47
N VAL B 792 -29.70 22.36 0.54
CA VAL B 792 -30.68 22.81 -0.44
C VAL B 792 -30.24 24.10 -1.14
N GLN B 793 -30.80 24.33 -2.32
CA GLN B 793 -30.33 25.35 -3.25
C GLN B 793 -31.47 26.12 -3.91
N SER B 794 -31.25 27.42 -4.11
CA SER B 794 -32.22 28.28 -4.76
C SER B 794 -32.28 28.00 -6.26
N ASP B 795 -33.37 28.41 -6.89
CA ASP B 795 -33.48 28.46 -8.36
C ASP B 795 -33.23 29.88 -8.81
N GLU B 796 -32.69 30.04 -10.03
CA GLU B 796 -32.30 31.36 -10.50
C GLU B 796 -33.52 32.27 -10.66
N ASN B 797 -33.47 33.43 -10.00
CA ASN B 797 -34.53 34.47 -10.05
C ASN B 797 -35.91 34.08 -9.47
N LYS B 798 -36.00 32.94 -8.79
CA LYS B 798 -37.25 32.53 -8.14
C LYS B 798 -37.21 32.96 -6.69
N GLN B 799 -37.95 34.02 -6.36
CA GLN B 799 -38.08 34.55 -4.99
C GLN B 799 -39.19 33.83 -4.22
N GLY B 800 -39.08 33.82 -2.89
CA GLY B 800 -40.16 33.33 -1.99
C GLY B 800 -39.81 32.13 -1.12
N LYS B 801 -40.85 31.43 -0.65
CA LYS B 801 -40.71 30.31 0.31
C LYS B 801 -40.19 29.02 -0.32
N MET B 802 -39.37 28.30 0.43
CA MET B 802 -38.81 27.00 0.06
C MET B 802 -39.09 26.04 1.22
N ASN B 803 -39.84 24.97 0.96
CA ASN B 803 -40.43 24.15 2.03
C ASN B 803 -39.82 22.76 2.12
N ILE B 804 -39.10 22.56 3.23
CA ILE B 804 -38.36 21.33 3.48
C ILE B 804 -39.21 20.47 4.39
N THR B 805 -39.26 19.18 4.08
CA THR B 805 -39.96 18.22 4.92
C THR B 805 -39.05 17.01 5.11
N ALA B 806 -38.87 16.59 6.36
CA ALA B 806 -38.04 15.44 6.71
C ALA B 806 -38.85 14.39 7.49
N THR B 807 -38.76 13.13 7.04
CA THR B 807 -39.51 12.02 7.63
C THR B 807 -38.59 10.83 7.89
N SER B 808 -38.94 10.03 8.89
CA SER B 808 -38.20 8.81 9.24
C SER B 808 -39.15 7.78 9.86
N LYS B 809 -38.95 6.49 9.55
CA LYS B 809 -39.85 5.42 10.02
C LYS B 809 -40.00 5.42 11.53
N GLY B 810 -41.19 5.79 12.01
CA GLY B 810 -41.49 5.79 13.44
C GLY B 810 -41.03 7.01 14.24
N LEU B 811 -40.68 8.09 13.55
CA LEU B 811 -40.25 9.33 14.20
C LEU B 811 -41.18 10.47 13.80
N LYS B 812 -41.29 11.49 14.66
CA LYS B 812 -42.02 12.72 14.30
C LYS B 812 -41.41 13.38 13.08
N THR B 813 -42.26 13.96 12.25
CA THR B 813 -41.84 14.63 11.03
C THR B 813 -41.53 16.08 11.35
N ALA B 814 -40.54 16.64 10.66
CA ALA B 814 -40.15 18.04 10.86
C ALA B 814 -40.23 18.83 9.59
N LYS B 815 -40.56 20.11 9.75
CA LYS B 815 -40.65 21.07 8.66
C LYS B 815 -39.84 22.32 8.99
N THR B 816 -39.21 22.88 7.97
CA THR B 816 -38.65 24.22 8.09
C THR B 816 -38.74 24.91 6.74
N THR B 817 -38.77 26.23 6.81
CA THR B 817 -38.92 27.08 5.64
C THR B 817 -37.67 27.94 5.48
N ILE B 818 -37.25 28.11 4.23
CA ILE B 818 -36.12 28.95 3.85
C ILE B 818 -36.63 30.01 2.88
N ASN B 819 -36.21 31.25 3.09
CA ASN B 819 -36.64 32.39 2.28
C ASN B 819 -35.61 32.72 1.23
N VAL B 820 -36.04 32.74 -0.03
CA VAL B 820 -35.16 33.04 -1.15
C VAL B 820 -35.49 34.45 -1.62
N GLU B 821 -34.46 35.29 -1.69
CA GLU B 821 -34.57 36.72 -2.02
C GLU B 821 -33.58 37.10 -3.12
N LEU B 822 -33.73 38.32 -3.63
CA LEU B 822 -32.89 38.83 -4.71
C LEU B 822 -31.73 39.61 -4.12
C1 EDO C . 36.63 -47.66 17.34
O1 EDO C . 36.44 -48.06 15.99
C2 EDO C . 37.62 -48.58 18.04
O2 EDO C . 37.10 -49.92 18.06
C1 EDO D . 35.19 -49.99 21.05
O1 EDO D . 36.58 -50.15 20.71
C2 EDO D . 34.50 -51.33 21.35
O2 EDO D . 33.78 -51.79 20.20
C1 EDO E . 19.38 -35.24 34.49
O1 EDO E . 20.69 -35.82 34.51
C2 EDO E . 18.52 -35.86 35.60
O2 EDO E . 18.87 -37.23 35.77
C1 EDO F . 28.77 -31.82 1.35
O1 EDO F . 28.69 -30.93 2.48
C2 EDO F . 28.37 -33.23 1.75
O2 EDO F . 27.17 -33.64 1.05
C1 EDO G . 33.82 -47.09 -2.07
O1 EDO G . 32.48 -46.65 -1.84
C2 EDO G . 34.49 -47.58 -0.79
O2 EDO G . 35.90 -47.60 -1.02
C1 EDO H . 6.04 -39.84 23.63
O1 EDO H . 4.91 -39.08 24.10
C2 EDO H . 7.11 -38.93 23.02
O2 EDO H . 6.55 -38.10 22.00
C1 EDO I . 11.41 -23.70 0.01
O1 EDO I . 11.26 -22.30 -0.16
C2 EDO I . 10.35 -24.23 0.96
O2 EDO I . 10.57 -23.67 2.25
C1 EDO J . 9.93 -5.91 -6.60
O1 EDO J . 11.34 -5.81 -6.81
C2 EDO J . 9.66 -6.18 -5.12
O2 EDO J . 9.63 -7.59 -4.88
C TRS K . 8.28 -10.82 -2.79
C1 TRS K . 8.17 -9.28 -2.86
C2 TRS K . 9.21 -11.24 -3.93
C3 TRS K . 6.82 -11.32 -2.73
N TRS K . 9.00 -11.44 -1.64
O1 TRS K . 7.74 -8.88 -4.17
O2 TRS K . 10.53 -10.70 -3.69
O3 TRS K . 6.48 -11.83 -1.41
C1 EDO L . -7.88 25.12 -0.27
O1 EDO L . -6.87 24.12 -0.40
C2 EDO L . -9.10 24.71 -1.10
O2 EDO L . -8.75 24.59 -2.49
C1 EDO M . -0.90 43.29 -3.21
O1 EDO M . 0.01 42.30 -3.75
C2 EDO M . -1.87 42.65 -2.22
O2 EDO M . -3.22 43.04 -2.50
C1 EDO N . 10.09 39.18 0.80
O1 EDO N . 9.16 39.26 1.90
C2 EDO N . 10.10 37.77 0.18
O2 EDO N . 11.43 37.30 -0.14
C1 EDO O . -38.37 5.47 27.04
O1 EDO O . -37.73 4.78 25.97
C2 EDO O . -38.50 6.94 26.66
O2 EDO O . -37.22 7.59 26.67
C1 EDO P . -6.39 60.37 -20.10
O1 EDO P . -7.16 61.48 -19.58
C2 EDO P . -5.55 59.73 -19.01
O2 EDO P . -6.34 59.43 -17.86
C1 EDO Q . 0.88 48.98 9.48
O1 EDO Q . -0.15 49.33 10.41
C2 EDO Q . 2.03 49.97 9.64
O2 EDO Q . 2.76 49.66 10.83
C1 EDO R . -22.24 20.66 22.39
O1 EDO R . -22.88 21.67 21.61
C2 EDO R . -20.75 20.73 22.11
O2 EDO R . -20.09 21.70 22.94
C1 EDO S . 2.93 11.04 4.51
O1 EDO S . 1.79 11.78 4.05
C2 EDO S . 3.59 11.80 5.66
O2 EDO S . 5.01 11.72 5.61
C TRS T . -0.85 13.68 2.32
C1 TRS T . -1.48 13.47 3.70
C2 TRS T . 0.21 14.78 2.38
C3 TRS T . -1.84 14.16 1.23
N TRS T . -0.15 12.38 2.04
O1 TRS T . -0.79 12.48 4.46
O2 TRS T . 1.37 14.39 3.13
O3 TRS T . -3.09 13.46 1.11
#